data_6HI5
# 
_entry.id   6HI5 
# 
_audit_conform.dict_name       mmcif_pdbx.dic 
_audit_conform.dict_version    5.383 
_audit_conform.dict_location   http://mmcif.pdb.org/dictionaries/ascii/mmcif_pdbx.dic 
# 
loop_
_database_2.database_id 
_database_2.database_code 
_database_2.pdbx_database_accession 
_database_2.pdbx_DOI 
PDB   6HI5         pdb_00006hi5 10.2210/pdb6hi5/pdb 
WWPDB D_1200011598 ?            ?                   
# 
loop_
_pdbx_audit_revision_history.ordinal 
_pdbx_audit_revision_history.data_content_type 
_pdbx_audit_revision_history.major_revision 
_pdbx_audit_revision_history.minor_revision 
_pdbx_audit_revision_history.revision_date 
1 'Structure model' 1 0 2019-02-20 
2 'Structure model' 1 1 2020-11-04 
3 'Structure model' 1 2 2024-01-17 
# 
_pdbx_audit_revision_details.ordinal             1 
_pdbx_audit_revision_details.revision_ordinal    1 
_pdbx_audit_revision_details.data_content_type   'Structure model' 
_pdbx_audit_revision_details.provider            repository 
_pdbx_audit_revision_details.type                'Initial release' 
_pdbx_audit_revision_details.description         ? 
_pdbx_audit_revision_details.details             ? 
# 
loop_
_pdbx_audit_revision_group.ordinal 
_pdbx_audit_revision_group.revision_ordinal 
_pdbx_audit_revision_group.data_content_type 
_pdbx_audit_revision_group.group 
1 2 'Structure model' 'Database references'    
2 3 'Structure model' 'Data collection'        
3 3 'Structure model' 'Database references'    
4 3 'Structure model' 'Refinement description' 
# 
loop_
_pdbx_audit_revision_category.ordinal 
_pdbx_audit_revision_category.revision_ordinal 
_pdbx_audit_revision_category.data_content_type 
_pdbx_audit_revision_category.category 
1 2 'Structure model' citation                      
2 2 'Structure model' citation_author               
3 3 'Structure model' chem_comp_atom                
4 3 'Structure model' chem_comp_bond                
5 3 'Structure model' database_2                    
6 3 'Structure model' pdbx_initial_refinement_model 
# 
loop_
_pdbx_audit_revision_item.ordinal 
_pdbx_audit_revision_item.revision_ordinal 
_pdbx_audit_revision_item.data_content_type 
_pdbx_audit_revision_item.item 
1  2 'Structure model' '_citation.country'                   
2  2 'Structure model' '_citation.journal_abbrev'            
3  2 'Structure model' '_citation.journal_id_CSD'            
4  2 'Structure model' '_citation.journal_id_ISSN'           
5  2 'Structure model' '_citation.journal_volume'            
6  2 'Structure model' '_citation.page_first'                
7  2 'Structure model' '_citation.page_last'                 
8  2 'Structure model' '_citation.pdbx_database_id_DOI'      
9  2 'Structure model' '_citation.pdbx_database_id_PubMed'   
10 2 'Structure model' '_citation.title'                     
11 2 'Structure model' '_citation.year'                      
12 3 'Structure model' '_database_2.pdbx_DOI'                
13 3 'Structure model' '_database_2.pdbx_database_accession' 
# 
_pdbx_database_status.status_code                     REL 
_pdbx_database_status.status_code_sf                  REL 
_pdbx_database_status.status_code_mr                  ? 
_pdbx_database_status.entry_id                        6HI5 
_pdbx_database_status.recvd_initial_deposition_date   2018-08-29 
_pdbx_database_status.SG_entry                        N 
_pdbx_database_status.deposit_site                    PDBE 
_pdbx_database_status.process_site                    PDBE 
_pdbx_database_status.status_code_cs                  ? 
_pdbx_database_status.methods_development_category    ? 
_pdbx_database_status.pdb_format_compatible           Y 
_pdbx_database_status.status_code_nmr_data            ? 
# 
loop_
_pdbx_database_related.db_name 
_pdbx_database_related.details 
_pdbx_database_related.db_id 
_pdbx_database_related.content_type 
PDB . 6EPU unspecified 
PDB . 6EPX unspecified 
PDB . 6EPV unspecified 
PDB . 6EPJ unspecified 
PDB . 6EPT unspecified 
PDB . 5F36 unspecified 
# 
loop_
_audit_author.name 
_audit_author.pdbx_ordinal 
_audit_author.identifier_ORCID 
'Sledz, P.'    1 ? 
'Caflisch, A.' 2 ? 
# 
_citation.abstract                  ? 
_citation.abstract_id_CAS           ? 
_citation.book_id_ISBN              ? 
_citation.book_publisher            ? 
_citation.book_publisher_city       ? 
_citation.book_title                ? 
_citation.coordinate_linkage        ? 
_citation.country                   US 
_citation.database_id_Medline       ? 
_citation.details                   ? 
_citation.id                        primary 
_citation.journal_abbrev            'Acs Med.Chem.Lett.' 
_citation.journal_id_ASTM           ? 
_citation.journal_id_CSD            ? 
_citation.journal_id_ISSN           1948-5875 
_citation.journal_full              ? 
_citation.journal_issue             ? 
_citation.journal_volume            11 
_citation.language                  ? 
_citation.page_first                1573 
_citation.page_last                 1580 
_citation.title                     'Hitting a Moving Target: Simulation and Crystallography Study of ATAD2 Bromodomain Blockers.' 
_citation.year                      2020 
_citation.database_id_CSD           ? 
_citation.pdbx_database_id_DOI      10.1021/acsmedchemlett.0c00080 
_citation.pdbx_database_id_PubMed   32832026 
_citation.unpublished_flag          ? 
# 
loop_
_citation_author.citation_id 
_citation_author.name 
_citation_author.ordinal 
_citation_author.identifier_ORCID 
primary 'Dolbois, A.'        1  ? 
primary 'Batiste, L.'        2  ? 
primary 'Wiedmer, L.'        3  ? 
primary 'Dong, J.'           4  ? 
primary 'Brutsch, M.'        5  ? 
primary 'Huang, D.'          6  ? 
primary 'Deerain, N.M.'      7  ? 
primary 'Spiliotopoulos, D.' 8  ? 
primary 'Cheng-Sanchez, I.'  9  ? 
primary 'Laul, E.'           10 ? 
primary 'Nevado, C.'         11 ? 
primary 'Sledz, P.'          12 ? 
primary 'Caflisch, A.'       13 ? 
# 
loop_
_entity.id 
_entity.type 
_entity.src_method 
_entity.pdbx_description 
_entity.formula_weight 
_entity.pdbx_number_of_molecules 
_entity.pdbx_ec 
_entity.pdbx_mutation 
_entity.pdbx_fragment 
_entity.details 
1 polymer     man 'ATPase family AAA domain-containing protein 2'                                           15453.514 1   ? ? ? ? 
2 non-polymer syn 'SULFATE ION'                                                                             96.063    2   ? ? ? ? 
3 non-polymer syn '(2~{R})-2-azanyl-~{N}-[5-(5-azanylpyridin-3-yl)-4-ethanoyl-1,3-thiazol-2-yl]propanamide' 305.356   3   ? ? ? ? 
4 water       nat water                                                                                     18.015    149 ? ? ? ? 
# 
_entity_name_com.entity_id   1 
_entity_name_com.name        'ATAD2 bromodomain' 
# 
_entity_poly.entity_id                      1 
_entity_poly.type                           'polypeptide(L)' 
_entity_poly.nstd_linkage                   no 
_entity_poly.nstd_monomer                   no 
_entity_poly.pdbx_seq_one_letter_code       
;SMQEEDTFRELRIFLRNVTHRLAIDKRFRVFTKPVDPDEVPDYVTVIKQPMDLSSVISKIDLHKYLTVKDYLRDIDLICS
NALEYNPDRDPGDRLIRHRACALRDTAYAIIKEELDEDFEQLCEEIQESR
;
_entity_poly.pdbx_seq_one_letter_code_can   
;SMQEEDTFRELRIFLRNVTHRLAIDKRFRVFTKPVDPDEVPDYVTVIKQPMDLSSVISKIDLHKYLTVKDYLRDIDLICS
NALEYNPDRDPGDRLIRHRACALRDTAYAIIKEELDEDFEQLCEEIQESR
;
_entity_poly.pdbx_strand_id                 A 
_entity_poly.pdbx_target_identifier         ? 
# 
loop_
_pdbx_entity_nonpoly.entity_id 
_pdbx_entity_nonpoly.name 
_pdbx_entity_nonpoly.comp_id 
2 'SULFATE ION'                                                                             SO4 
3 '(2~{R})-2-azanyl-~{N}-[5-(5-azanylpyridin-3-yl)-4-ethanoyl-1,3-thiazol-2-yl]propanamide' G6E 
4 water                                                                                     HOH 
# 
loop_
_entity_poly_seq.entity_id 
_entity_poly_seq.num 
_entity_poly_seq.mon_id 
_entity_poly_seq.hetero 
1 1   SER n 
1 2   MET n 
1 3   GLN n 
1 4   GLU n 
1 5   GLU n 
1 6   ASP n 
1 7   THR n 
1 8   PHE n 
1 9   ARG n 
1 10  GLU n 
1 11  LEU n 
1 12  ARG n 
1 13  ILE n 
1 14  PHE n 
1 15  LEU n 
1 16  ARG n 
1 17  ASN n 
1 18  VAL n 
1 19  THR n 
1 20  HIS n 
1 21  ARG n 
1 22  LEU n 
1 23  ALA n 
1 24  ILE n 
1 25  ASP n 
1 26  LYS n 
1 27  ARG n 
1 28  PHE n 
1 29  ARG n 
1 30  VAL n 
1 31  PHE n 
1 32  THR n 
1 33  LYS n 
1 34  PRO n 
1 35  VAL n 
1 36  ASP n 
1 37  PRO n 
1 38  ASP n 
1 39  GLU n 
1 40  VAL n 
1 41  PRO n 
1 42  ASP n 
1 43  TYR n 
1 44  VAL n 
1 45  THR n 
1 46  VAL n 
1 47  ILE n 
1 48  LYS n 
1 49  GLN n 
1 50  PRO n 
1 51  MET n 
1 52  ASP n 
1 53  LEU n 
1 54  SER n 
1 55  SER n 
1 56  VAL n 
1 57  ILE n 
1 58  SER n 
1 59  LYS n 
1 60  ILE n 
1 61  ASP n 
1 62  LEU n 
1 63  HIS n 
1 64  LYS n 
1 65  TYR n 
1 66  LEU n 
1 67  THR n 
1 68  VAL n 
1 69  LYS n 
1 70  ASP n 
1 71  TYR n 
1 72  LEU n 
1 73  ARG n 
1 74  ASP n 
1 75  ILE n 
1 76  ASP n 
1 77  LEU n 
1 78  ILE n 
1 79  CYS n 
1 80  SER n 
1 81  ASN n 
1 82  ALA n 
1 83  LEU n 
1 84  GLU n 
1 85  TYR n 
1 86  ASN n 
1 87  PRO n 
1 88  ASP n 
1 89  ARG n 
1 90  ASP n 
1 91  PRO n 
1 92  GLY n 
1 93  ASP n 
1 94  ARG n 
1 95  LEU n 
1 96  ILE n 
1 97  ARG n 
1 98  HIS n 
1 99  ARG n 
1 100 ALA n 
1 101 CYS n 
1 102 ALA n 
1 103 LEU n 
1 104 ARG n 
1 105 ASP n 
1 106 THR n 
1 107 ALA n 
1 108 TYR n 
1 109 ALA n 
1 110 ILE n 
1 111 ILE n 
1 112 LYS n 
1 113 GLU n 
1 114 GLU n 
1 115 LEU n 
1 116 ASP n 
1 117 GLU n 
1 118 ASP n 
1 119 PHE n 
1 120 GLU n 
1 121 GLN n 
1 122 LEU n 
1 123 CYS n 
1 124 GLU n 
1 125 GLU n 
1 126 ILE n 
1 127 GLN n 
1 128 GLU n 
1 129 SER n 
1 130 ARG n 
# 
_entity_src_gen.entity_id                          1 
_entity_src_gen.pdbx_src_id                        1 
_entity_src_gen.pdbx_alt_source_flag               sample 
_entity_src_gen.pdbx_seq_type                      ? 
_entity_src_gen.pdbx_beg_seq_num                   ? 
_entity_src_gen.pdbx_end_seq_num                   ? 
_entity_src_gen.gene_src_common_name               Human 
_entity_src_gen.gene_src_genus                     ? 
_entity_src_gen.pdbx_gene_src_gene                 ? 
_entity_src_gen.gene_src_species                   ? 
_entity_src_gen.gene_src_strain                    ? 
_entity_src_gen.gene_src_tissue                    ? 
_entity_src_gen.gene_src_tissue_fraction           ? 
_entity_src_gen.gene_src_details                   ? 
_entity_src_gen.pdbx_gene_src_fragment             ? 
_entity_src_gen.pdbx_gene_src_scientific_name      'Homo sapiens' 
_entity_src_gen.pdbx_gene_src_ncbi_taxonomy_id     9606 
_entity_src_gen.pdbx_gene_src_variant              ? 
_entity_src_gen.pdbx_gene_src_cell_line            ? 
_entity_src_gen.pdbx_gene_src_atcc                 ? 
_entity_src_gen.pdbx_gene_src_organ                ? 
_entity_src_gen.pdbx_gene_src_organelle            ? 
_entity_src_gen.pdbx_gene_src_cell                 ? 
_entity_src_gen.pdbx_gene_src_cellular_location    ? 
_entity_src_gen.host_org_common_name               ? 
_entity_src_gen.pdbx_host_org_scientific_name      'Escherichia coli' 
_entity_src_gen.pdbx_host_org_ncbi_taxonomy_id     562 
_entity_src_gen.host_org_genus                     ? 
_entity_src_gen.pdbx_host_org_gene                 ? 
_entity_src_gen.pdbx_host_org_organ                ? 
_entity_src_gen.host_org_species                   ? 
_entity_src_gen.pdbx_host_org_tissue               ? 
_entity_src_gen.pdbx_host_org_tissue_fraction      ? 
_entity_src_gen.pdbx_host_org_strain               ? 
_entity_src_gen.pdbx_host_org_variant              ? 
_entity_src_gen.pdbx_host_org_cell_line            ? 
_entity_src_gen.pdbx_host_org_atcc                 ? 
_entity_src_gen.pdbx_host_org_culture_collection   ? 
_entity_src_gen.pdbx_host_org_cell                 ? 
_entity_src_gen.pdbx_host_org_organelle            ? 
_entity_src_gen.pdbx_host_org_cellular_location    ? 
_entity_src_gen.pdbx_host_org_vector_type          ? 
_entity_src_gen.pdbx_host_org_vector               ? 
_entity_src_gen.host_org_details                   ? 
_entity_src_gen.expression_system_id               ? 
_entity_src_gen.plasmid_name                       ? 
_entity_src_gen.plasmid_details                    ? 
_entity_src_gen.pdbx_description                   ? 
# 
loop_
_chem_comp.id 
_chem_comp.type 
_chem_comp.mon_nstd_flag 
_chem_comp.name 
_chem_comp.pdbx_synonyms 
_chem_comp.formula 
_chem_comp.formula_weight 
ALA 'L-peptide linking' y ALANINE                                                                                   ? 'C3 H7 N O2' 
89.093  
ARG 'L-peptide linking' y ARGININE                                                                                  ? 
'C6 H15 N4 O2 1'  175.209 
ASN 'L-peptide linking' y ASPARAGINE                                                                                ? 
'C4 H8 N2 O3'     132.118 
ASP 'L-peptide linking' y 'ASPARTIC ACID'                                                                           ? 'C4 H7 N O4' 
133.103 
CYS 'L-peptide linking' y CYSTEINE                                                                                  ? 
'C3 H7 N O2 S'    121.158 
G6E non-polymer         . '(2~{R})-2-azanyl-~{N}-[5-(5-azanylpyridin-3-yl)-4-ethanoyl-1,3-thiazol-2-yl]propanamide' ? 
'C13 H15 N5 O2 S' 305.356 
GLN 'L-peptide linking' y GLUTAMINE                                                                                 ? 
'C5 H10 N2 O3'    146.144 
GLU 'L-peptide linking' y 'GLUTAMIC ACID'                                                                           ? 'C5 H9 N O4' 
147.129 
GLY 'peptide linking'   y GLYCINE                                                                                   ? 'C2 H5 N O2' 
75.067  
HIS 'L-peptide linking' y HISTIDINE                                                                                 ? 
'C6 H10 N3 O2 1'  156.162 
HOH non-polymer         . WATER                                                                                     ? 'H2 O' 
18.015  
ILE 'L-peptide linking' y ISOLEUCINE                                                                                ? 
'C6 H13 N O2'     131.173 
LEU 'L-peptide linking' y LEUCINE                                                                                   ? 
'C6 H13 N O2'     131.173 
LYS 'L-peptide linking' y LYSINE                                                                                    ? 
'C6 H15 N2 O2 1'  147.195 
MET 'L-peptide linking' y METHIONINE                                                                                ? 
'C5 H11 N O2 S'   149.211 
PHE 'L-peptide linking' y PHENYLALANINE                                                                             ? 
'C9 H11 N O2'     165.189 
PRO 'L-peptide linking' y PROLINE                                                                                   ? 'C5 H9 N O2' 
115.130 
SER 'L-peptide linking' y SERINE                                                                                    ? 'C3 H7 N O3' 
105.093 
SO4 non-polymer         . 'SULFATE ION'                                                                             ? 'O4 S -2' 
96.063  
THR 'L-peptide linking' y THREONINE                                                                                 ? 'C4 H9 N O3' 
119.119 
TYR 'L-peptide linking' y TYROSINE                                                                                  ? 
'C9 H11 N O3'     181.189 
VAL 'L-peptide linking' y VALINE                                                                                    ? 
'C5 H11 N O2'     117.146 
# 
loop_
_pdbx_poly_seq_scheme.asym_id 
_pdbx_poly_seq_scheme.entity_id 
_pdbx_poly_seq_scheme.seq_id 
_pdbx_poly_seq_scheme.mon_id 
_pdbx_poly_seq_scheme.ndb_seq_num 
_pdbx_poly_seq_scheme.pdb_seq_num 
_pdbx_poly_seq_scheme.auth_seq_num 
_pdbx_poly_seq_scheme.pdb_mon_id 
_pdbx_poly_seq_scheme.auth_mon_id 
_pdbx_poly_seq_scheme.pdb_strand_id 
_pdbx_poly_seq_scheme.pdb_ins_code 
_pdbx_poly_seq_scheme.hetero 
A 1 1   SER 1   979  979  SER SER A . n 
A 1 2   MET 2   980  980  MET MET A . n 
A 1 3   GLN 3   981  981  GLN GLN A . n 
A 1 4   GLU 4   982  982  GLU GLU A . n 
A 1 5   GLU 5   983  983  GLU GLU A . n 
A 1 6   ASP 6   984  984  ASP ASP A . n 
A 1 7   THR 7   985  985  THR THR A . n 
A 1 8   PHE 8   986  986  PHE PHE A . n 
A 1 9   ARG 9   987  987  ARG ARG A . n 
A 1 10  GLU 10  988  988  GLU GLU A . n 
A 1 11  LEU 11  989  989  LEU LEU A . n 
A 1 12  ARG 12  990  990  ARG ARG A . n 
A 1 13  ILE 13  991  991  ILE ILE A . n 
A 1 14  PHE 14  992  992  PHE PHE A . n 
A 1 15  LEU 15  993  993  LEU LEU A . n 
A 1 16  ARG 16  994  994  ARG ARG A . n 
A 1 17  ASN 17  995  995  ASN ASN A . n 
A 1 18  VAL 18  996  996  VAL VAL A . n 
A 1 19  THR 19  997  997  THR THR A . n 
A 1 20  HIS 20  998  998  HIS HIS A . n 
A 1 21  ARG 21  999  999  ARG ARG A . n 
A 1 22  LEU 22  1000 1000 LEU LEU A . n 
A 1 23  ALA 23  1001 1001 ALA ALA A . n 
A 1 24  ILE 24  1002 1002 ILE ILE A . n 
A 1 25  ASP 25  1003 1003 ASP ASP A . n 
A 1 26  LYS 26  1004 1004 LYS LYS A . n 
A 1 27  ARG 27  1005 1005 ARG ARG A . n 
A 1 28  PHE 28  1006 1006 PHE PHE A . n 
A 1 29  ARG 29  1007 1007 ARG ARG A . n 
A 1 30  VAL 30  1008 1008 VAL VAL A . n 
A 1 31  PHE 31  1009 1009 PHE PHE A . n 
A 1 32  THR 32  1010 1010 THR THR A . n 
A 1 33  LYS 33  1011 1011 LYS LYS A . n 
A 1 34  PRO 34  1012 1012 PRO PRO A . n 
A 1 35  VAL 35  1013 1013 VAL VAL A . n 
A 1 36  ASP 36  1014 ?    ?   ?   A . n 
A 1 37  PRO 37  1015 ?    ?   ?   A . n 
A 1 38  ASP 38  1016 ?    ?   ?   A . n 
A 1 39  GLU 39  1017 1017 GLU GLU A . n 
A 1 40  VAL 40  1018 1018 VAL VAL A . n 
A 1 41  PRO 41  1019 1019 PRO PRO A . n 
A 1 42  ASP 42  1020 1020 ASP ASP A . n 
A 1 43  TYR 43  1021 1021 TYR TYR A . n 
A 1 44  VAL 44  1022 1022 VAL VAL A . n 
A 1 45  THR 45  1023 1023 THR THR A . n 
A 1 46  VAL 46  1024 1024 VAL VAL A . n 
A 1 47  ILE 47  1025 1025 ILE ILE A . n 
A 1 48  LYS 48  1026 1026 LYS LYS A . n 
A 1 49  GLN 49  1027 1027 GLN GLN A . n 
A 1 50  PRO 50  1028 1028 PRO PRO A . n 
A 1 51  MET 51  1029 1029 MET MET A . n 
A 1 52  ASP 52  1030 1030 ASP ASP A . n 
A 1 53  LEU 53  1031 1031 LEU LEU A . n 
A 1 54  SER 54  1032 1032 SER SER A . n 
A 1 55  SER 55  1033 1033 SER SER A . n 
A 1 56  VAL 56  1034 1034 VAL VAL A . n 
A 1 57  ILE 57  1035 1035 ILE ILE A . n 
A 1 58  SER 58  1036 1036 SER SER A . n 
A 1 59  LYS 59  1037 1037 LYS LYS A . n 
A 1 60  ILE 60  1038 1038 ILE ILE A . n 
A 1 61  ASP 61  1039 1039 ASP ASP A . n 
A 1 62  LEU 62  1040 1040 LEU LEU A . n 
A 1 63  HIS 63  1041 1041 HIS HIS A . n 
A 1 64  LYS 64  1042 1042 LYS LYS A . n 
A 1 65  TYR 65  1043 1043 TYR TYR A . n 
A 1 66  LEU 66  1044 1044 LEU LEU A . n 
A 1 67  THR 67  1045 1045 THR THR A . n 
A 1 68  VAL 68  1046 1046 VAL VAL A . n 
A 1 69  LYS 69  1047 1047 LYS LYS A . n 
A 1 70  ASP 70  1048 1048 ASP ASP A . n 
A 1 71  TYR 71  1049 1049 TYR TYR A . n 
A 1 72  LEU 72  1050 1050 LEU LEU A . n 
A 1 73  ARG 73  1051 1051 ARG ARG A . n 
A 1 74  ASP 74  1052 1052 ASP ASP A . n 
A 1 75  ILE 75  1053 1053 ILE ILE A . n 
A 1 76  ASP 76  1054 1054 ASP ASP A . n 
A 1 77  LEU 77  1055 1055 LEU LEU A . n 
A 1 78  ILE 78  1056 1056 ILE ILE A . n 
A 1 79  CYS 79  1057 1057 CYS CYS A . n 
A 1 80  SER 80  1058 1058 SER SER A . n 
A 1 81  ASN 81  1059 1059 ASN ASN A . n 
A 1 82  ALA 82  1060 1060 ALA ALA A . n 
A 1 83  LEU 83  1061 1061 LEU LEU A . n 
A 1 84  GLU 84  1062 1062 GLU GLU A . n 
A 1 85  TYR 85  1063 1063 TYR TYR A . n 
A 1 86  ASN 86  1064 1064 ASN ASN A . n 
A 1 87  PRO 87  1065 1065 PRO PRO A . n 
A 1 88  ASP 88  1066 1066 ASP ASP A . n 
A 1 89  ARG 89  1067 1067 ARG ARG A . n 
A 1 90  ASP 90  1068 1068 ASP ASP A . n 
A 1 91  PRO 91  1069 1069 PRO PRO A . n 
A 1 92  GLY 92  1070 1070 GLY GLY A . n 
A 1 93  ASP 93  1071 1071 ASP ASP A . n 
A 1 94  ARG 94  1072 1072 ARG ARG A . n 
A 1 95  LEU 95  1073 1073 LEU LEU A . n 
A 1 96  ILE 96  1074 1074 ILE ILE A . n 
A 1 97  ARG 97  1075 1075 ARG ARG A . n 
A 1 98  HIS 98  1076 1076 HIS HIS A . n 
A 1 99  ARG 99  1077 1077 ARG ARG A . n 
A 1 100 ALA 100 1078 1078 ALA ALA A . n 
A 1 101 CYS 101 1079 1079 CYS CYS A . n 
A 1 102 ALA 102 1080 1080 ALA ALA A . n 
A 1 103 LEU 103 1081 1081 LEU LEU A . n 
A 1 104 ARG 104 1082 1082 ARG ARG A . n 
A 1 105 ASP 105 1083 1083 ASP ASP A . n 
A 1 106 THR 106 1084 1084 THR THR A . n 
A 1 107 ALA 107 1085 1085 ALA ALA A . n 
A 1 108 TYR 108 1086 1086 TYR TYR A . n 
A 1 109 ALA 109 1087 1087 ALA ALA A . n 
A 1 110 ILE 110 1088 1088 ILE ILE A . n 
A 1 111 ILE 111 1089 1089 ILE ILE A . n 
A 1 112 LYS 112 1090 1090 LYS LYS A . n 
A 1 113 GLU 113 1091 1091 GLU GLU A . n 
A 1 114 GLU 114 1092 1092 GLU GLU A . n 
A 1 115 LEU 115 1093 1093 LEU LEU A . n 
A 1 116 ASP 116 1094 1094 ASP ASP A . n 
A 1 117 GLU 117 1095 1095 GLU GLU A . n 
A 1 118 ASP 118 1096 1096 ASP ASP A . n 
A 1 119 PHE 119 1097 1097 PHE PHE A . n 
A 1 120 GLU 120 1098 1098 GLU GLU A . n 
A 1 121 GLN 121 1099 1099 GLN GLN A . n 
A 1 122 LEU 122 1100 1100 LEU LEU A . n 
A 1 123 CYS 123 1101 1101 CYS CYS A . n 
A 1 124 GLU 124 1102 1102 GLU GLU A . n 
A 1 125 GLU 125 1103 1103 GLU GLU A . n 
A 1 126 ILE 126 1104 1104 ILE ILE A . n 
A 1 127 GLN 127 1105 1105 GLN GLN A . n 
A 1 128 GLU 128 1106 1106 GLU GLU A . n 
A 1 129 SER 129 1107 1107 SER SER A . n 
A 1 130 ARG 130 1108 1108 ARG ARG A . n 
# 
loop_
_pdbx_nonpoly_scheme.asym_id 
_pdbx_nonpoly_scheme.entity_id 
_pdbx_nonpoly_scheme.mon_id 
_pdbx_nonpoly_scheme.ndb_seq_num 
_pdbx_nonpoly_scheme.pdb_seq_num 
_pdbx_nonpoly_scheme.auth_seq_num 
_pdbx_nonpoly_scheme.pdb_mon_id 
_pdbx_nonpoly_scheme.auth_mon_id 
_pdbx_nonpoly_scheme.pdb_strand_id 
_pdbx_nonpoly_scheme.pdb_ins_code 
B 2 SO4 1   1201 1   SO4 SO4 A . 
C 2 SO4 1   1202 2   SO4 SO4 A . 
D 3 G6E 1   1203 1   G6E DRG A . 
E 3 G6E 1   1204 2   G6E DRG A . 
F 3 G6E 1   1205 3   G6E DRG A . 
G 4 HOH 1   1301 136 HOH HOH A . 
G 4 HOH 2   1302 131 HOH HOH A . 
G 4 HOH 3   1303 7   HOH HOH A . 
G 4 HOH 4   1304 89  HOH HOH A . 
G 4 HOH 5   1305 109 HOH HOH A . 
G 4 HOH 6   1306 41  HOH HOH A . 
G 4 HOH 7   1307 128 HOH HOH A . 
G 4 HOH 8   1308 60  HOH HOH A . 
G 4 HOH 9   1309 105 HOH HOH A . 
G 4 HOH 10  1310 67  HOH HOH A . 
G 4 HOH 11  1311 84  HOH HOH A . 
G 4 HOH 12  1312 21  HOH HOH A . 
G 4 HOH 13  1313 104 HOH HOH A . 
G 4 HOH 14  1314 56  HOH HOH A . 
G 4 HOH 15  1315 62  HOH HOH A . 
G 4 HOH 16  1316 86  HOH HOH A . 
G 4 HOH 17  1317 119 HOH HOH A . 
G 4 HOH 18  1318 14  HOH HOH A . 
G 4 HOH 19  1319 140 HOH HOH A . 
G 4 HOH 20  1320 123 HOH HOH A . 
G 4 HOH 21  1321 116 HOH HOH A . 
G 4 HOH 22  1322 55  HOH HOH A . 
G 4 HOH 23  1323 49  HOH HOH A . 
G 4 HOH 24  1324 114 HOH HOH A . 
G 4 HOH 25  1325 115 HOH HOH A . 
G 4 HOH 26  1326 129 HOH HOH A . 
G 4 HOH 27  1327 80  HOH HOH A . 
G 4 HOH 28  1328 85  HOH HOH A . 
G 4 HOH 29  1329 121 HOH HOH A . 
G 4 HOH 30  1330 38  HOH HOH A . 
G 4 HOH 31  1331 57  HOH HOH A . 
G 4 HOH 32  1332 102 HOH HOH A . 
G 4 HOH 33  1333 37  HOH HOH A . 
G 4 HOH 34  1334 10  HOH HOH A . 
G 4 HOH 35  1335 5   HOH HOH A . 
G 4 HOH 36  1336 81  HOH HOH A . 
G 4 HOH 37  1337 120 HOH HOH A . 
G 4 HOH 38  1338 53  HOH HOH A . 
G 4 HOH 39  1339 46  HOH HOH A . 
G 4 HOH 40  1340 34  HOH HOH A . 
G 4 HOH 41  1341 64  HOH HOH A . 
G 4 HOH 42  1342 112 HOH HOH A . 
G 4 HOH 43  1343 17  HOH HOH A . 
G 4 HOH 44  1344 45  HOH HOH A . 
G 4 HOH 45  1345 61  HOH HOH A . 
G 4 HOH 46  1346 29  HOH HOH A . 
G 4 HOH 47  1347 31  HOH HOH A . 
G 4 HOH 48  1348 147 HOH HOH A . 
G 4 HOH 49  1349 107 HOH HOH A . 
G 4 HOH 50  1350 12  HOH HOH A . 
G 4 HOH 51  1351 50  HOH HOH A . 
G 4 HOH 52  1352 65  HOH HOH A . 
G 4 HOH 53  1353 52  HOH HOH A . 
G 4 HOH 54  1354 43  HOH HOH A . 
G 4 HOH 55  1355 23  HOH HOH A . 
G 4 HOH 56  1356 88  HOH HOH A . 
G 4 HOH 57  1357 124 HOH HOH A . 
G 4 HOH 58  1358 4   HOH HOH A . 
G 4 HOH 59  1359 16  HOH HOH A . 
G 4 HOH 60  1360 2   HOH HOH A . 
G 4 HOH 61  1361 75  HOH HOH A . 
G 4 HOH 62  1362 25  HOH HOH A . 
G 4 HOH 63  1363 6   HOH HOH A . 
G 4 HOH 64  1364 47  HOH HOH A . 
G 4 HOH 65  1365 33  HOH HOH A . 
G 4 HOH 66  1366 24  HOH HOH A . 
G 4 HOH 67  1367 127 HOH HOH A . 
G 4 HOH 68  1368 118 HOH HOH A . 
G 4 HOH 69  1369 54  HOH HOH A . 
G 4 HOH 70  1370 30  HOH HOH A . 
G 4 HOH 71  1371 40  HOH HOH A . 
G 4 HOH 72  1372 35  HOH HOH A . 
G 4 HOH 73  1373 106 HOH HOH A . 
G 4 HOH 74  1374 42  HOH HOH A . 
G 4 HOH 75  1375 8   HOH HOH A . 
G 4 HOH 76  1376 19  HOH HOH A . 
G 4 HOH 77  1377 77  HOH HOH A . 
G 4 HOH 78  1378 44  HOH HOH A . 
G 4 HOH 79  1379 76  HOH HOH A . 
G 4 HOH 80  1380 125 HOH HOH A . 
G 4 HOH 81  1381 20  HOH HOH A . 
G 4 HOH 82  1382 82  HOH HOH A . 
G 4 HOH 83  1383 96  HOH HOH A . 
G 4 HOH 84  1384 66  HOH HOH A . 
G 4 HOH 85  1385 3   HOH HOH A . 
G 4 HOH 86  1386 113 HOH HOH A . 
G 4 HOH 87  1387 63  HOH HOH A . 
G 4 HOH 88  1388 9   HOH HOH A . 
G 4 HOH 89  1389 32  HOH HOH A . 
G 4 HOH 90  1390 11  HOH HOH A . 
G 4 HOH 91  1391 111 HOH HOH A . 
G 4 HOH 92  1392 103 HOH HOH A . 
G 4 HOH 93  1393 15  HOH HOH A . 
G 4 HOH 94  1394 130 HOH HOH A . 
G 4 HOH 95  1395 73  HOH HOH A . 
G 4 HOH 96  1396 36  HOH HOH A . 
G 4 HOH 97  1397 27  HOH HOH A . 
G 4 HOH 98  1398 1   HOH HOH A . 
G 4 HOH 99  1399 51  HOH HOH A . 
G 4 HOH 100 1400 110 HOH HOH A . 
G 4 HOH 101 1401 108 HOH HOH A . 
G 4 HOH 102 1402 13  HOH HOH A . 
G 4 HOH 103 1403 117 HOH HOH A . 
G 4 HOH 104 1404 122 HOH HOH A . 
G 4 HOH 105 1405 138 HOH HOH A . 
G 4 HOH 106 1406 143 HOH HOH A . 
G 4 HOH 107 1407 87  HOH HOH A . 
G 4 HOH 108 1408 141 HOH HOH A . 
G 4 HOH 109 1409 48  HOH HOH A . 
G 4 HOH 110 1410 18  HOH HOH A . 
G 4 HOH 111 1411 26  HOH HOH A . 
G 4 HOH 112 1412 137 HOH HOH A . 
G 4 HOH 113 1413 139 HOH HOH A . 
G 4 HOH 114 1414 133 HOH HOH A . 
G 4 HOH 115 1415 72  HOH HOH A . 
G 4 HOH 116 1416 142 HOH HOH A . 
G 4 HOH 117 1417 69  HOH HOH A . 
G 4 HOH 118 1418 39  HOH HOH A . 
G 4 HOH 119 1419 92  HOH HOH A . 
G 4 HOH 120 1420 134 HOH HOH A . 
G 4 HOH 121 1421 98  HOH HOH A . 
G 4 HOH 122 1422 78  HOH HOH A . 
G 4 HOH 123 1423 97  HOH HOH A . 
G 4 HOH 124 1424 71  HOH HOH A . 
G 4 HOH 125 1425 68  HOH HOH A . 
G 4 HOH 126 1426 70  HOH HOH A . 
G 4 HOH 127 1427 79  HOH HOH A . 
G 4 HOH 128 1428 94  HOH HOH A . 
G 4 HOH 129 1429 28  HOH HOH A . 
G 4 HOH 130 1430 126 HOH HOH A . 
G 4 HOH 131 1431 93  HOH HOH A . 
G 4 HOH 132 1432 149 HOH HOH A . 
G 4 HOH 133 1433 144 HOH HOH A . 
G 4 HOH 134 1434 145 HOH HOH A . 
G 4 HOH 135 1435 59  HOH HOH A . 
G 4 HOH 136 1436 132 HOH HOH A . 
G 4 HOH 137 1437 135 HOH HOH A . 
G 4 HOH 138 1438 95  HOH HOH A . 
G 4 HOH 139 1439 146 HOH HOH A . 
G 4 HOH 140 1440 101 HOH HOH A . 
G 4 HOH 141 1441 22  HOH HOH A . 
G 4 HOH 142 1442 74  HOH HOH A . 
G 4 HOH 143 1443 91  HOH HOH A . 
G 4 HOH 144 1444 90  HOH HOH A . 
G 4 HOH 145 1445 148 HOH HOH A . 
G 4 HOH 146 1446 58  HOH HOH A . 
G 4 HOH 147 1447 83  HOH HOH A . 
G 4 HOH 148 1448 99  HOH HOH A . 
G 4 HOH 149 1449 100 HOH HOH A . 
# 
loop_
_pdbx_unobs_or_zero_occ_atoms.id 
_pdbx_unobs_or_zero_occ_atoms.PDB_model_num 
_pdbx_unobs_or_zero_occ_atoms.polymer_flag 
_pdbx_unobs_or_zero_occ_atoms.occupancy_flag 
_pdbx_unobs_or_zero_occ_atoms.auth_asym_id 
_pdbx_unobs_or_zero_occ_atoms.auth_comp_id 
_pdbx_unobs_or_zero_occ_atoms.auth_seq_id 
_pdbx_unobs_or_zero_occ_atoms.PDB_ins_code 
_pdbx_unobs_or_zero_occ_atoms.auth_atom_id 
_pdbx_unobs_or_zero_occ_atoms.label_alt_id 
_pdbx_unobs_or_zero_occ_atoms.label_asym_id 
_pdbx_unobs_or_zero_occ_atoms.label_comp_id 
_pdbx_unobs_or_zero_occ_atoms.label_seq_id 
_pdbx_unobs_or_zero_occ_atoms.label_atom_id 
1  1 Y 1 A MET 980  ? CG  ? A MET 2   CG  
2  1 Y 1 A MET 980  ? SD  ? A MET 2   SD  
3  1 Y 1 A MET 980  ? CE  ? A MET 2   CE  
4  1 Y 1 A GLU 983  ? CD  ? A GLU 5   CD  
5  1 Y 1 A GLU 983  ? OE1 ? A GLU 5   OE1 
6  1 Y 1 A GLU 983  ? OE2 ? A GLU 5   OE2 
7  1 Y 1 A LYS 1004 ? CD  ? A LYS 26  CD  
8  1 Y 1 A LYS 1004 ? CE  ? A LYS 26  CE  
9  1 Y 1 A LYS 1004 ? NZ  ? A LYS 26  NZ  
10 1 Y 1 A LYS 1011 ? CE  ? A LYS 33  CE  
11 1 Y 1 A LYS 1011 ? NZ  ? A LYS 33  NZ  
12 1 Y 1 A GLU 1017 ? CG  ? A GLU 39  CG  
13 1 Y 1 A GLU 1017 ? CD  ? A GLU 39  CD  
14 1 Y 1 A GLU 1017 ? OE1 ? A GLU 39  OE1 
15 1 Y 1 A GLU 1017 ? OE2 ? A GLU 39  OE2 
16 1 Y 1 A VAL 1022 ? CG1 ? A VAL 44  CG1 
17 1 Y 1 A VAL 1022 ? CG2 ? A VAL 44  CG2 
18 1 Y 1 A LYS 1047 ? CE  ? A LYS 69  CE  
19 1 Y 1 A LYS 1047 ? NZ  ? A LYS 69  NZ  
20 1 Y 1 A GLU 1091 ? CG  ? A GLU 113 CG  
21 1 Y 1 A GLU 1091 ? CD  ? A GLU 113 CD  
22 1 Y 1 A GLU 1091 ? OE1 ? A GLU 113 OE1 
23 1 Y 1 A GLU 1091 ? OE2 ? A GLU 113 OE2 
24 1 Y 1 A GLU 1095 ? CG  ? A GLU 117 CG  
25 1 Y 1 A GLU 1095 ? CD  ? A GLU 117 CD  
26 1 Y 1 A GLU 1095 ? OE1 ? A GLU 117 OE1 
27 1 Y 1 A GLU 1095 ? OE2 ? A GLU 117 OE2 
28 1 N 1 A G6E 1204 ? CAG ? E G6E 1   CAG 
29 1 N 1 A G6E 1204 ? CAH ? E G6E 1   CAH 
30 1 N 1 A G6E 1204 ? CAI ? E G6E 1   CAI 
31 1 N 1 A G6E 1204 ? CAP ? E G6E 1   CAP 
32 1 N 1 A G6E 1204 ? NAC ? E G6E 1   NAC 
33 1 N 1 A G6E 1204 ? NAJ ? E G6E 1   NAJ 
# 
loop_
_software.citation_id 
_software.classification 
_software.compiler_name 
_software.compiler_version 
_software.contact_author 
_software.contact_author_email 
_software.date 
_software.description 
_software.dependencies 
_software.hardware 
_software.language 
_software.location 
_software.mods 
_software.name 
_software.os 
_software.os_version 
_software.type 
_software.version 
_software.pdbx_ordinal 
? refinement       ? ? ? ? ? ? ? ? ? ? ? PHENIX ? ? ? '(1.14_3211: ???)' 1 
? 'data reduction' ? ? ? ? ? ? ? ? ? ? ? XDS    ? ? ? .                  2 
? 'data scaling'   ? ? ? ? ? ? ? ? ? ? ? XDS    ? ? ? .                  3 
? phasing          ? ? ? ? ? ? ? ? ? ? ? PHASER ? ? ? .                  4 
# 
_cell.angle_alpha                  90.00 
_cell.angle_alpha_esd              ? 
_cell.angle_beta                   90.00 
_cell.angle_beta_esd               ? 
_cell.angle_gamma                  120.00 
_cell.angle_gamma_esd              ? 
_cell.entry_id                     6HI5 
_cell.details                      ? 
_cell.formula_units_Z              ? 
_cell.length_a                     79.322 
_cell.length_a_esd                 ? 
_cell.length_b                     79.322 
_cell.length_b_esd                 ? 
_cell.length_c                     136.484 
_cell.length_c_esd                 ? 
_cell.volume                       ? 
_cell.volume_esd                   ? 
_cell.Z_PDB                        12 
_cell.reciprocal_angle_alpha       ? 
_cell.reciprocal_angle_beta        ? 
_cell.reciprocal_angle_gamma       ? 
_cell.reciprocal_angle_alpha_esd   ? 
_cell.reciprocal_angle_beta_esd    ? 
_cell.reciprocal_angle_gamma_esd   ? 
_cell.reciprocal_length_a          ? 
_cell.reciprocal_length_b          ? 
_cell.reciprocal_length_c          ? 
_cell.reciprocal_length_a_esd      ? 
_cell.reciprocal_length_b_esd      ? 
_cell.reciprocal_length_c_esd      ? 
_cell.pdbx_unique_axis             ? 
# 
_symmetry.entry_id                         6HI5 
_symmetry.cell_setting                     ? 
_symmetry.Int_Tables_number                179 
_symmetry.space_group_name_Hall            ? 
_symmetry.space_group_name_H-M             'P 65 2 2' 
_symmetry.pdbx_full_space_group_name_H-M   ? 
# 
_exptl.absorpt_coefficient_mu     ? 
_exptl.absorpt_correction_T_max   ? 
_exptl.absorpt_correction_T_min   ? 
_exptl.absorpt_correction_type    ? 
_exptl.absorpt_process_details    ? 
_exptl.entry_id                   6HI5 
_exptl.crystals_number            1 
_exptl.details                    ? 
_exptl.method                     'X-RAY DIFFRACTION' 
_exptl.method_details             ? 
# 
_exptl_crystal.colour                      ? 
_exptl_crystal.density_diffrn              ? 
_exptl_crystal.density_Matthews            4.01 
_exptl_crystal.density_method              ? 
_exptl_crystal.density_percent_sol         69.33 
_exptl_crystal.description                 ? 
_exptl_crystal.F_000                       ? 
_exptl_crystal.id                          1 
_exptl_crystal.preparation                 ? 
_exptl_crystal.size_max                    ? 
_exptl_crystal.size_mid                    ? 
_exptl_crystal.size_min                    ? 
_exptl_crystal.size_rad                    ? 
_exptl_crystal.colour_lustre               ? 
_exptl_crystal.colour_modifier             ? 
_exptl_crystal.colour_primary              ? 
_exptl_crystal.density_meas                ? 
_exptl_crystal.density_meas_esd            ? 
_exptl_crystal.density_meas_gt             ? 
_exptl_crystal.density_meas_lt             ? 
_exptl_crystal.density_meas_temp           ? 
_exptl_crystal.density_meas_temp_esd       ? 
_exptl_crystal.density_meas_temp_gt        ? 
_exptl_crystal.density_meas_temp_lt        ? 
_exptl_crystal.pdbx_crystal_image_url      ? 
_exptl_crystal.pdbx_crystal_image_format   ? 
_exptl_crystal.pdbx_mosaicity              ? 
_exptl_crystal.pdbx_mosaicity_esd          ? 
# 
_exptl_crystal_grow.apparatus       ? 
_exptl_crystal_grow.atmosphere      ? 
_exptl_crystal_grow.crystal_id      1 
_exptl_crystal_grow.details         ? 
_exptl_crystal_grow.method          'VAPOR DIFFUSION, HANGING DROP' 
_exptl_crystal_grow.method_ref      ? 
_exptl_crystal_grow.pH              5.5 
_exptl_crystal_grow.pressure        ? 
_exptl_crystal_grow.pressure_esd    ? 
_exptl_crystal_grow.seeding         ? 
_exptl_crystal_grow.seeding_ref     ? 
_exptl_crystal_grow.temp            277 
_exptl_crystal_grow.temp_details    ? 
_exptl_crystal_grow.temp_esd        ? 
_exptl_crystal_grow.time            ? 
_exptl_crystal_grow.pdbx_details    '2M (NH4)2SO4, 0.1M Bis-Tris pH 5.5' 
_exptl_crystal_grow.pdbx_pH_range   ? 
# 
_diffrn.ambient_environment              ? 
_diffrn.ambient_temp                     100 
_diffrn.ambient_temp_details             ? 
_diffrn.ambient_temp_esd                 ? 
_diffrn.crystal_id                       1 
_diffrn.crystal_support                  ? 
_diffrn.crystal_treatment                ? 
_diffrn.details                          ? 
_diffrn.id                               1 
_diffrn.ambient_pressure                 ? 
_diffrn.ambient_pressure_esd             ? 
_diffrn.ambient_pressure_gt              ? 
_diffrn.ambient_pressure_lt              ? 
_diffrn.ambient_temp_gt                  ? 
_diffrn.ambient_temp_lt                  ? 
_diffrn.pdbx_serial_crystal_experiment   ? 
# 
_diffrn_detector.details                      ? 
_diffrn_detector.detector                     PIXEL 
_diffrn_detector.diffrn_id                    1 
_diffrn_detector.type                         'DECTRIS EIGER X 16M' 
_diffrn_detector.area_resol_mean              ? 
_diffrn_detector.dtime                        ? 
_diffrn_detector.pdbx_frames_total            ? 
_diffrn_detector.pdbx_collection_time_total   ? 
_diffrn_detector.pdbx_collection_date         2016-11-14 
_diffrn_detector.pdbx_frequency               ? 
# 
_diffrn_radiation.collimation                      ? 
_diffrn_radiation.diffrn_id                        1 
_diffrn_radiation.filter_edge                      ? 
_diffrn_radiation.inhomogeneity                    ? 
_diffrn_radiation.monochromator                    ? 
_diffrn_radiation.polarisn_norm                    ? 
_diffrn_radiation.polarisn_ratio                   ? 
_diffrn_radiation.probe                            ? 
_diffrn_radiation.type                             ? 
_diffrn_radiation.xray_symbol                      ? 
_diffrn_radiation.wavelength_id                    1 
_diffrn_radiation.pdbx_monochromatic_or_laue_m_l   M 
_diffrn_radiation.pdbx_wavelength_list             ? 
_diffrn_radiation.pdbx_wavelength                  ? 
_diffrn_radiation.pdbx_diffrn_protocol             'SINGLE WAVELENGTH' 
_diffrn_radiation.pdbx_analyzer                    ? 
_diffrn_radiation.pdbx_scattering_type             x-ray 
# 
_diffrn_radiation_wavelength.id           1 
_diffrn_radiation_wavelength.wavelength   0.999870 
_diffrn_radiation_wavelength.wt           1.0 
# 
_diffrn_source.current                     ? 
_diffrn_source.details                     ? 
_diffrn_source.diffrn_id                   1 
_diffrn_source.power                       ? 
_diffrn_source.size                        ? 
_diffrn_source.source                      SYNCHROTRON 
_diffrn_source.target                      ? 
_diffrn_source.type                        'SLS BEAMLINE X06SA' 
_diffrn_source.voltage                     ? 
_diffrn_source.take-off_angle              ? 
_diffrn_source.pdbx_wavelength_list        0.999870 
_diffrn_source.pdbx_wavelength             ? 
_diffrn_source.pdbx_synchrotron_beamline   X06SA 
_diffrn_source.pdbx_synchrotron_site       SLS 
# 
_reflns.B_iso_Wilson_estimate            ? 
_reflns.entry_id                         6HI5 
_reflns.data_reduction_details           ? 
_reflns.data_reduction_method            ? 
_reflns.d_resolution_high                1.59 
_reflns.d_resolution_low                 39.661 
_reflns.details                          ? 
_reflns.limit_h_max                      ? 
_reflns.limit_h_min                      ? 
_reflns.limit_k_max                      ? 
_reflns.limit_k_min                      ? 
_reflns.limit_l_max                      ? 
_reflns.limit_l_min                      ? 
_reflns.number_all                       ? 
_reflns.number_obs                       64390 
_reflns.observed_criterion               ? 
_reflns.observed_criterion_F_max         ? 
_reflns.observed_criterion_F_min         ? 
_reflns.observed_criterion_I_max         ? 
_reflns.observed_criterion_I_min         ? 
_reflns.observed_criterion_sigma_F       ? 
_reflns.observed_criterion_sigma_I       ? 
_reflns.percent_possible_obs             99.6 
_reflns.R_free_details                   ? 
_reflns.Rmerge_F_all                     ? 
_reflns.Rmerge_F_obs                     ? 
_reflns.Friedel_coverage                 ? 
_reflns.number_gt                        ? 
_reflns.threshold_expression             ? 
_reflns.pdbx_redundancy                  10.22 
_reflns.pdbx_Rmerge_I_obs                ? 
_reflns.pdbx_Rmerge_I_all                ? 
_reflns.pdbx_Rsym_value                  ? 
_reflns.pdbx_netI_over_av_sigmaI         ? 
_reflns.pdbx_netI_over_sigmaI            17.06 
_reflns.pdbx_res_netI_over_av_sigmaI_2   ? 
_reflns.pdbx_res_netI_over_sigmaI_2      ? 
_reflns.pdbx_chi_squared                 ? 
_reflns.pdbx_scaling_rejects             ? 
_reflns.pdbx_d_res_high_opt              ? 
_reflns.pdbx_d_res_low_opt               ? 
_reflns.pdbx_d_res_opt_method            ? 
_reflns.phase_calculation_details        ? 
_reflns.pdbx_Rrim_I_all                  0.081 
_reflns.pdbx_Rpim_I_all                  ? 
_reflns.pdbx_d_opt                       ? 
_reflns.pdbx_number_measured_all         ? 
_reflns.pdbx_diffrn_id                   1 
_reflns.pdbx_ordinal                     1 
_reflns.pdbx_CC_half                     ? 
_reflns.pdbx_R_split                     ? 
# 
_reflns_shell.d_res_high                  1.59 
_reflns_shell.d_res_low                   1.69 
_reflns_shell.meanI_over_sigI_all         ? 
_reflns_shell.meanI_over_sigI_obs         ? 
_reflns_shell.number_measured_all         ? 
_reflns_shell.number_measured_obs         ? 
_reflns_shell.number_possible             ? 
_reflns_shell.number_unique_all           ? 
_reflns_shell.number_unique_obs           10212 
_reflns_shell.percent_possible_all        97.5 
_reflns_shell.percent_possible_obs        ? 
_reflns_shell.Rmerge_F_all                ? 
_reflns_shell.Rmerge_F_obs                ? 
_reflns_shell.Rmerge_I_all                ? 
_reflns_shell.Rmerge_I_obs                ? 
_reflns_shell.meanI_over_sigI_gt          ? 
_reflns_shell.meanI_over_uI_all           ? 
_reflns_shell.meanI_over_uI_gt            ? 
_reflns_shell.number_measured_gt          ? 
_reflns_shell.number_unique_gt            ? 
_reflns_shell.percent_possible_gt         ? 
_reflns_shell.Rmerge_F_gt                 ? 
_reflns_shell.Rmerge_I_gt                 ? 
_reflns_shell.pdbx_redundancy             9.30 
_reflns_shell.pdbx_Rsym_value             ? 
_reflns_shell.pdbx_chi_squared            ? 
_reflns_shell.pdbx_netI_over_sigmaI_all   ? 
_reflns_shell.pdbx_netI_over_sigmaI_obs   ? 
_reflns_shell.pdbx_Rrim_I_all             1.735 
_reflns_shell.pdbx_Rpim_I_all             ? 
_reflns_shell.pdbx_rejects                ? 
_reflns_shell.pdbx_ordinal                1 
_reflns_shell.pdbx_diffrn_id              1 
_reflns_shell.pdbx_CC_half                ? 
_reflns_shell.pdbx_R_split                ? 
# 
_refine.aniso_B[1][1]                            ? 
_refine.aniso_B[1][2]                            ? 
_refine.aniso_B[1][3]                            ? 
_refine.aniso_B[2][2]                            ? 
_refine.aniso_B[2][3]                            ? 
_refine.aniso_B[3][3]                            ? 
_refine.B_iso_max                                ? 
_refine.B_iso_mean                               ? 
_refine.B_iso_min                                ? 
_refine.correlation_coeff_Fo_to_Fc               ? 
_refine.correlation_coeff_Fo_to_Fc_free          ? 
_refine.details                                  ? 
_refine.diff_density_max                         ? 
_refine.diff_density_max_esd                     ? 
_refine.diff_density_min                         ? 
_refine.diff_density_min_esd                     ? 
_refine.diff_density_rms                         ? 
_refine.diff_density_rms_esd                     ? 
_refine.entry_id                                 6HI5 
_refine.pdbx_refine_id                           'X-RAY DIFFRACTION' 
_refine.ls_abs_structure_details                 ? 
_refine.ls_abs_structure_Flack                   ? 
_refine.ls_abs_structure_Flack_esd               ? 
_refine.ls_abs_structure_Rogers                  ? 
_refine.ls_abs_structure_Rogers_esd              ? 
_refine.ls_d_res_high                            1.590 
_refine.ls_d_res_low                             39.661 
_refine.ls_extinction_coef                       ? 
_refine.ls_extinction_coef_esd                   ? 
_refine.ls_extinction_expression                 ? 
_refine.ls_extinction_method                     ? 
_refine.ls_goodness_of_fit_all                   ? 
_refine.ls_goodness_of_fit_all_esd               ? 
_refine.ls_goodness_of_fit_obs                   ? 
_refine.ls_goodness_of_fit_obs_esd               ? 
_refine.ls_hydrogen_treatment                    ? 
_refine.ls_matrix_type                           ? 
_refine.ls_number_constraints                    ? 
_refine.ls_number_parameters                     ? 
_refine.ls_number_reflns_all                     ? 
_refine.ls_number_reflns_obs                     64321 
_refine.ls_number_reflns_R_free                  3250 
_refine.ls_number_reflns_R_work                  ? 
_refine.ls_number_restraints                     ? 
_refine.ls_percent_reflns_obs                    99.59 
_refine.ls_percent_reflns_R_free                 5.05 
_refine.ls_R_factor_all                          ? 
_refine.ls_R_factor_obs                          0.2019 
_refine.ls_R_factor_R_free                       0.2176 
_refine.ls_R_factor_R_free_error                 ? 
_refine.ls_R_factor_R_free_error_details         ? 
_refine.ls_R_factor_R_work                       0.2010 
_refine.ls_R_Fsqd_factor_obs                     ? 
_refine.ls_R_I_factor_obs                        ? 
_refine.ls_redundancy_reflns_all                 ? 
_refine.ls_redundancy_reflns_obs                 ? 
_refine.ls_restrained_S_all                      ? 
_refine.ls_restrained_S_obs                      ? 
_refine.ls_shift_over_esd_max                    ? 
_refine.ls_shift_over_esd_mean                   ? 
_refine.ls_structure_factor_coef                 ? 
_refine.ls_weighting_details                     ? 
_refine.ls_weighting_scheme                      ? 
_refine.ls_wR_factor_all                         ? 
_refine.ls_wR_factor_obs                         ? 
_refine.ls_wR_factor_R_free                      ? 
_refine.ls_wR_factor_R_work                      ? 
_refine.occupancy_max                            ? 
_refine.occupancy_min                            ? 
_refine.solvent_model_details                    ? 
_refine.solvent_model_param_bsol                 ? 
_refine.solvent_model_param_ksol                 ? 
_refine.ls_R_factor_gt                           ? 
_refine.ls_goodness_of_fit_gt                    ? 
_refine.ls_goodness_of_fit_ref                   ? 
_refine.ls_shift_over_su_max                     ? 
_refine.ls_shift_over_su_max_lt                  ? 
_refine.ls_shift_over_su_mean                    ? 
_refine.ls_shift_over_su_mean_lt                 ? 
_refine.pdbx_ls_sigma_I                          ? 
_refine.pdbx_ls_sigma_F                          1.33 
_refine.pdbx_ls_sigma_Fsqd                       ? 
_refine.pdbx_data_cutoff_high_absF               ? 
_refine.pdbx_data_cutoff_high_rms_absF           ? 
_refine.pdbx_data_cutoff_low_absF                ? 
_refine.pdbx_isotropic_thermal_model             ? 
_refine.pdbx_ls_cross_valid_method               'FREE R-VALUE' 
_refine.pdbx_method_to_determine_struct          'MOLECULAR REPLACEMENT' 
_refine.pdbx_starting_model                      5F36 
_refine.pdbx_stereochemistry_target_values       ? 
_refine.pdbx_R_Free_selection_details            ? 
_refine.pdbx_stereochem_target_val_spec_case     ? 
_refine.pdbx_overall_ESU_R                       ? 
_refine.pdbx_overall_ESU_R_Free                  ? 
_refine.pdbx_solvent_vdw_probe_radii             1.11 
_refine.pdbx_solvent_ion_probe_radii             ? 
_refine.pdbx_solvent_shrinkage_radii             0.90 
_refine.pdbx_real_space_R                        ? 
_refine.pdbx_density_correlation                 ? 
_refine.pdbx_pd_number_of_powder_patterns        ? 
_refine.pdbx_pd_number_of_points                 ? 
_refine.pdbx_pd_meas_number_of_points            ? 
_refine.pdbx_pd_proc_ls_prof_R_factor            ? 
_refine.pdbx_pd_proc_ls_prof_wR_factor           ? 
_refine.pdbx_pd_Marquardt_correlation_coeff      ? 
_refine.pdbx_pd_Fsqrd_R_factor                   ? 
_refine.pdbx_pd_ls_matrix_band_width             ? 
_refine.pdbx_overall_phase_error                 22.13 
_refine.pdbx_overall_SU_R_free_Cruickshank_DPI   ? 
_refine.pdbx_overall_SU_R_free_Blow_DPI          ? 
_refine.pdbx_overall_SU_R_Blow_DPI               ? 
_refine.pdbx_TLS_residual_ADP_flag               ? 
_refine.pdbx_diffrn_id                           1 
_refine.overall_SU_B                             ? 
_refine.overall_SU_ML                            0.21 
_refine.overall_SU_R_Cruickshank_DPI             ? 
_refine.overall_SU_R_free                        ? 
_refine.overall_FOM_free_R_set                   ? 
_refine.overall_FOM_work_R_set                   ? 
_refine.pdbx_average_fsc_overall                 ? 
_refine.pdbx_average_fsc_work                    ? 
_refine.pdbx_average_fsc_free                    ? 
# 
_refine_hist.pdbx_refine_id                   'X-RAY DIFFRACTION' 
_refine_hist.cycle_id                         LAST 
_refine_hist.pdbx_number_atoms_protein        1034 
_refine_hist.pdbx_number_atoms_nucleic_acid   0 
_refine_hist.pdbx_number_atoms_ligand         67 
_refine_hist.number_atoms_solvent             149 
_refine_hist.number_atoms_total               1250 
_refine_hist.d_res_high                       1.590 
_refine_hist.d_res_low                        39.661 
# 
loop_
_refine_ls_restr.pdbx_refine_id 
_refine_ls_restr.criterion 
_refine_ls_restr.dev_ideal 
_refine_ls_restr.dev_ideal_target 
_refine_ls_restr.number 
_refine_ls_restr.rejects 
_refine_ls_restr.type 
_refine_ls_restr.weight 
_refine_ls_restr.pdbx_restraint_function 
'X-RAY DIFFRACTION' ? 0.009 ? 1142 ? f_bond_d           ? ? 
'X-RAY DIFFRACTION' ? 1.372 ? 1557 ? f_angle_d          ? ? 
'X-RAY DIFFRACTION' ? 9.705 ? 974  ? f_dihedral_angle_d ? ? 
'X-RAY DIFFRACTION' ? 0.045 ? 174  ? f_chiral_restr     ? ? 
'X-RAY DIFFRACTION' ? 0.005 ? 202  ? f_plane_restr      ? ? 
# 
loop_
_refine_ls_shell.pdbx_refine_id 
_refine_ls_shell.d_res_high 
_refine_ls_shell.d_res_low 
_refine_ls_shell.number_reflns_all 
_refine_ls_shell.number_reflns_obs 
_refine_ls_shell.number_reflns_R_free 
_refine_ls_shell.number_reflns_R_work 
_refine_ls_shell.percent_reflns_obs 
_refine_ls_shell.percent_reflns_R_free 
_refine_ls_shell.R_factor_all 
_refine_ls_shell.R_factor_obs 
_refine_ls_shell.R_factor_R_free 
_refine_ls_shell.R_factor_R_free_error 
_refine_ls_shell.R_factor_R_work 
_refine_ls_shell.redundancy_reflns_all 
_refine_ls_shell.redundancy_reflns_obs 
_refine_ls_shell.wR_factor_all 
_refine_ls_shell.wR_factor_obs 
_refine_ls_shell.wR_factor_R_free 
_refine_ls_shell.wR_factor_R_work 
_refine_ls_shell.pdbx_total_number_of_bins_used 
_refine_ls_shell.pdbx_phase_error 
_refine_ls_shell.pdbx_fsc_work 
_refine_ls_shell.pdbx_fsc_free 
'X-RAY DIFFRACTION' 1.5902 1.6140  . . 130 2444 91.00  . . . 0.3849 . 0.3286 . . . . . . . . . . 
'X-RAY DIFFRACTION' 1.6140 1.6392  . . 143 2643 100.00 . . . 0.2506 . 0.2923 . . . . . . . . . . 
'X-RAY DIFFRACTION' 1.6392 1.6661  . . 139 2653 100.00 . . . 0.2989 . 0.2735 . . . . . . . . . . 
'X-RAY DIFFRACTION' 1.6661 1.6948  . . 141 2680 100.00 . . . 0.2634 . 0.2701 . . . . . . . . . . 
'X-RAY DIFFRACTION' 1.6948 1.7256  . . 139 2671 100.00 . . . 0.2938 . 0.2658 . . . . . . . . . . 
'X-RAY DIFFRACTION' 1.7256 1.7588  . . 140 2662 100.00 . . . 0.3251 . 0.2681 . . . . . . . . . . 
'X-RAY DIFFRACTION' 1.7588 1.7947  . . 146 2665 100.00 . . . 0.2579 . 0.2543 . . . . . . . . . . 
'X-RAY DIFFRACTION' 1.7947 1.8337  . . 137 2658 100.00 . . . 0.2663 . 0.2652 . . . . . . . . . . 
'X-RAY DIFFRACTION' 1.8337 1.8764  . . 137 2664 100.00 . . . 0.2972 . 0.2591 . . . . . . . . . . 
'X-RAY DIFFRACTION' 1.8764 1.9233  . . 139 2686 100.00 . . . 0.2546 . 0.2333 . . . . . . . . . . 
'X-RAY DIFFRACTION' 1.9233 1.9753  . . 145 2674 100.00 . . . 0.2600 . 0.2264 . . . . . . . . . . 
'X-RAY DIFFRACTION' 1.9753 2.0334  . . 143 2668 100.00 . . . 0.2416 . 0.2120 . . . . . . . . . . 
'X-RAY DIFFRACTION' 2.0334 2.0991  . . 140 2652 100.00 . . . 0.2461 . 0.2023 . . . . . . . . . . 
'X-RAY DIFFRACTION' 2.0991 2.1741  . . 142 2652 100.00 . . . 0.2235 . 0.1907 . . . . . . . . . . 
'X-RAY DIFFRACTION' 2.1741 2.2611  . . 141 2681 100.00 . . . 0.1960 . 0.1898 . . . . . . . . . . 
'X-RAY DIFFRACTION' 2.2611 2.3640  . . 143 2654 100.00 . . . 0.2130 . 0.1905 . . . . . . . . . . 
'X-RAY DIFFRACTION' 2.3640 2.4886  . . 148 2664 100.00 . . . 0.1814 . 0.1929 . . . . . . . . . . 
'X-RAY DIFFRACTION' 2.4886 2.6445  . . 141 2681 100.00 . . . 0.1957 . 0.1904 . . . . . . . . . . 
'X-RAY DIFFRACTION' 2.6445 2.8487  . . 145 2644 100.00 . . . 0.2055 . 0.1968 . . . . . . . . . . 
'X-RAY DIFFRACTION' 2.8487 3.1352  . . 143 2673 100.00 . . . 0.1837 . 0.1993 . . . . . . . . . . 
'X-RAY DIFFRACTION' 3.1352 3.5887  . . 141 2674 100.00 . . . 0.1851 . 0.1803 . . . . . . . . . . 
'X-RAY DIFFRACTION' 3.5887 4.5203  . . 140 2658 100.00 . . . 0.1797 . 0.1685 . . . . . . . . . . 
'X-RAY DIFFRACTION' 4.5203 39.6733 . . 147 2670 100.00 . . . 0.2611 . 0.2085 . . . . . . . . . . 
# 
_struct.entry_id                     6HI5 
_struct.title                        'The ATAD2 bromodomain in complex with compound 8' 
_struct.pdbx_model_details           ? 
_struct.pdbx_formula_weight          ? 
_struct.pdbx_formula_weight_method   ? 
_struct.pdbx_model_type_details      ? 
_struct.pdbx_CASP_flag               N 
# 
_struct_keywords.entry_id        6HI5 
_struct_keywords.text            'Bromodomain, ATAD2, inhibitor, complex, CYTOSOLIC PROTEIN' 
_struct_keywords.pdbx_keywords   'CYTOSOLIC PROTEIN' 
# 
loop_
_struct_asym.id 
_struct_asym.pdbx_blank_PDB_chainid_flag 
_struct_asym.pdbx_modified 
_struct_asym.entity_id 
_struct_asym.details 
A N N 1 ? 
B N N 2 ? 
C N N 2 ? 
D N N 3 ? 
E N N 3 ? 
F N N 3 ? 
G N N 4 ? 
# 
_struct_ref.entity_id                  1 
_struct_ref.pdbx_db_accession          Q6PL18 
_struct_ref.pdbx_db_isoform            ? 
_struct_ref.pdbx_seq_one_letter_code   
;QEEDTFRELRIFLRNVTHRLAIDKRFRVFTKPVDPDEVPDYVTVIKQPMDLSSVISKIDLHKYLTVKDYLRDIDLICSNA
LEYNPDRDPGDRLIRHRACALRDTAYAIIKEELDEDFEQLCEEIQESR
;
_struct_ref.id                         1 
_struct_ref.pdbx_align_begin           981 
_struct_ref.db_name                    UNP 
_struct_ref.db_code                    ATAD2_HUMAN 
# 
_struct_ref_seq.align_id                      1 
_struct_ref_seq.ref_id                        1 
_struct_ref_seq.pdbx_PDB_id_code              6HI5 
_struct_ref_seq.pdbx_strand_id                A 
_struct_ref_seq.seq_align_beg                 3 
_struct_ref_seq.pdbx_seq_align_beg_ins_code   ? 
_struct_ref_seq.seq_align_end                 130 
_struct_ref_seq.pdbx_seq_align_end_ins_code   ? 
_struct_ref_seq.pdbx_db_accession             Q6PL18 
_struct_ref_seq.db_align_beg                  981 
_struct_ref_seq.pdbx_db_align_beg_ins_code    ? 
_struct_ref_seq.db_align_end                  1108 
_struct_ref_seq.pdbx_db_align_end_ins_code    ? 
_struct_ref_seq.pdbx_auth_seq_align_beg       981 
_struct_ref_seq.pdbx_auth_seq_align_end       1108 
# 
loop_
_struct_ref_seq_dif.align_id 
_struct_ref_seq_dif.pdbx_pdb_id_code 
_struct_ref_seq_dif.mon_id 
_struct_ref_seq_dif.pdbx_pdb_strand_id 
_struct_ref_seq_dif.seq_num 
_struct_ref_seq_dif.pdbx_pdb_ins_code 
_struct_ref_seq_dif.pdbx_seq_db_name 
_struct_ref_seq_dif.pdbx_seq_db_accession_code 
_struct_ref_seq_dif.db_mon_id 
_struct_ref_seq_dif.pdbx_seq_db_seq_num 
_struct_ref_seq_dif.details 
_struct_ref_seq_dif.pdbx_auth_seq_num 
_struct_ref_seq_dif.pdbx_ordinal 
1 6HDN SER A 1 ? UNP Q6PL18 ? ? 'expression tag' 979 1 
1 6HDN MET A 2 ? UNP Q6PL18 ? ? 'expression tag' 980 2 
# 
_pdbx_struct_assembly.id                   1 
_pdbx_struct_assembly.details              author_and_software_defined_assembly 
_pdbx_struct_assembly.method_details       PISA 
_pdbx_struct_assembly.oligomeric_details   monomeric 
_pdbx_struct_assembly.oligomeric_count     1 
# 
loop_
_pdbx_struct_assembly_prop.biol_id 
_pdbx_struct_assembly_prop.type 
_pdbx_struct_assembly_prop.value 
_pdbx_struct_assembly_prop.details 
1 'ABSA (A^2)' 210  ? 
1 MORE         -11  ? 
1 'SSA (A^2)'  8090 ? 
# 
_pdbx_struct_assembly_gen.assembly_id       1 
_pdbx_struct_assembly_gen.oper_expression   1 
_pdbx_struct_assembly_gen.asym_id_list      A,B,C,D,E,F,G 
# 
_pdbx_struct_assembly_auth_evidence.id                     1 
_pdbx_struct_assembly_auth_evidence.assembly_id            1 
_pdbx_struct_assembly_auth_evidence.experimental_support   'gel filtration' 
_pdbx_struct_assembly_auth_evidence.details                ? 
# 
_pdbx_struct_oper_list.id                   1 
_pdbx_struct_oper_list.type                 'identity operation' 
_pdbx_struct_oper_list.name                 1_555 
_pdbx_struct_oper_list.symmetry_operation   x,y,z 
_pdbx_struct_oper_list.matrix[1][1]         1.0000000000 
_pdbx_struct_oper_list.matrix[1][2]         0.0000000000 
_pdbx_struct_oper_list.matrix[1][3]         0.0000000000 
_pdbx_struct_oper_list.vector[1]            0.0000000000 
_pdbx_struct_oper_list.matrix[2][1]         0.0000000000 
_pdbx_struct_oper_list.matrix[2][2]         1.0000000000 
_pdbx_struct_oper_list.matrix[2][3]         0.0000000000 
_pdbx_struct_oper_list.vector[2]            0.0000000000 
_pdbx_struct_oper_list.matrix[3][1]         0.0000000000 
_pdbx_struct_oper_list.matrix[3][2]         0.0000000000 
_pdbx_struct_oper_list.matrix[3][3]         1.0000000000 
_pdbx_struct_oper_list.vector[3]            0.0000000000 
# 
loop_
_struct_conf.conf_type_id 
_struct_conf.id 
_struct_conf.pdbx_PDB_helix_id 
_struct_conf.beg_label_comp_id 
_struct_conf.beg_label_asym_id 
_struct_conf.beg_label_seq_id 
_struct_conf.pdbx_beg_PDB_ins_code 
_struct_conf.end_label_comp_id 
_struct_conf.end_label_asym_id 
_struct_conf.end_label_seq_id 
_struct_conf.pdbx_end_PDB_ins_code 
_struct_conf.beg_auth_comp_id 
_struct_conf.beg_auth_asym_id 
_struct_conf.beg_auth_seq_id 
_struct_conf.end_auth_comp_id 
_struct_conf.end_auth_asym_id 
_struct_conf.end_auth_seq_id 
_struct_conf.pdbx_PDB_helix_class 
_struct_conf.details 
_struct_conf.pdbx_PDB_helix_length 
HELX_P HELX_P1 AA1 SER A 1   ? ILE A 24  ? SER A 979  ILE A 1002 1 ? 24 
HELX_P HELX_P2 AA2 ASP A 25  ? THR A 32  ? ASP A 1003 THR A 1010 5 ? 8  
HELX_P HELX_P3 AA3 ASP A 42  ? ILE A 47  ? ASP A 1020 ILE A 1025 1 ? 6  
HELX_P HELX_P4 AA4 ASP A 52  ? LEU A 62  ? ASP A 1030 LEU A 1040 1 ? 11 
HELX_P HELX_P5 AA5 THR A 67  ? ASN A 86  ? THR A 1045 ASN A 1064 1 ? 20 
HELX_P HELX_P6 AA6 ASP A 90  ? LEU A 115 ? ASP A 1068 LEU A 1093 1 ? 26 
HELX_P HELX_P7 AA7 ASP A 116 ? ARG A 130 ? ASP A 1094 ARG A 1108 1 ? 15 
# 
_struct_conf_type.id          HELX_P 
_struct_conf_type.criteria    ? 
_struct_conf_type.reference   ? 
# 
loop_
_struct_site.id 
_struct_site.pdbx_evidence_code 
_struct_site.pdbx_auth_asym_id 
_struct_site.pdbx_auth_comp_id 
_struct_site.pdbx_auth_seq_id 
_struct_site.pdbx_auth_ins_code 
_struct_site.pdbx_num_residues 
_struct_site.details 
AC1 Software A SO4 1201 ? 5 'binding site for residue SO4 A 1201' 
AC2 Software A SO4 1202 ? 3 'binding site for residue SO4 A 1202' 
AC3 Software A G6E 1203 ? 8 'binding site for residue G6E A 1203' 
AC4 Software A G6E 1204 ? 6 'binding site for residue G6E A 1204' 
AC5 Software A G6E 1205 ? 8 'binding site for residue G6E A 1205' 
# 
loop_
_struct_site_gen.id 
_struct_site_gen.site_id 
_struct_site_gen.pdbx_num_res 
_struct_site_gen.label_comp_id 
_struct_site_gen.label_asym_id 
_struct_site_gen.label_seq_id 
_struct_site_gen.pdbx_auth_ins_code 
_struct_site_gen.auth_comp_id 
_struct_site_gen.auth_asym_id 
_struct_site_gen.auth_seq_id 
_struct_site_gen.label_atom_id 
_struct_site_gen.label_alt_id 
_struct_site_gen.symmetry 
_struct_site_gen.details 
1  AC1 5 ARG A 9   ? ARG A 987  . ? 5_455 ? 
2  AC1 5 ARG A 12  ? ARG A 990  . ? 5_455 ? 
3  AC1 5 ARG A 16  ? ARG A 994  . ? 5_455 ? 
4  AC1 5 ARG A 89  ? ARG A 1067 . ? 1_555 ? 
5  AC1 5 HOH G .   ? HOH A 1361 . ? 5_455 ? 
6  AC2 3 ARG A 99  ? ARG A 1077 . ? 1_555 ? 
7  AC2 3 HOH G .   ? HOH A 1326 . ? 1_555 ? 
8  AC2 3 HOH G .   ? HOH A 1341 . ? 8_565 ? 
9  AC3 8 HIS A 20  ? HIS A 998  . ? 1_555 ? 
10 AC3 8 ALA A 23  ? ALA A 1001 . ? 1_555 ? 
11 AC3 8 ILE A 24  ? ILE A 1002 . ? 1_555 ? 
12 AC3 8 ARG A 29  ? ARG A 1007 . ? 1_555 ? 
13 AC3 8 SER A 54  ? SER A 1032 . ? 1_555 ? 
14 AC3 8 ILE A 57  ? ILE A 1035 . ? 1_555 ? 
15 AC3 8 HOH G .   ? HOH A 1315 . ? 1_555 ? 
16 AC3 8 HOH G .   ? HOH A 1332 . ? 1_555 ? 
17 AC4 6 VAL A 30  ? VAL A 1008 . ? 1_555 ? 
18 AC4 6 VAL A 35  ? VAL A 1013 . ? 1_555 ? 
19 AC4 6 ASN A 86  ? ASN A 1064 . ? 1_555 ? 
20 AC4 6 GLY A 92  ? GLY A 1070 . ? 1_555 ? 
21 AC4 6 ASP A 93  ? ASP A 1071 . ? 1_555 ? 
22 AC4 6 HOH G .   ? HOH A 1313 . ? 1_555 ? 
23 AC5 8 SER A 1   ? SER A 979  . ? 1_555 ? 
24 AC5 8 GLN A 3   ? GLN A 981  . ? 1_555 ? 
25 AC5 8 ARG A 94  ? ARG A 1072 . ? 8_665 ? 
26 AC5 8 ARG A 97  ? ARG A 1075 . ? 8_665 ? 
27 AC5 8 HIS A 98  ? HIS A 1076 . ? 8_665 ? 
28 AC5 8 CYS A 101 ? CYS A 1079 . ? 8_665 ? 
29 AC5 8 ALA A 102 ? ALA A 1080 . ? 8_665 ? 
30 AC5 8 HOH G .   ? HOH A 1320 . ? 1_555 ? 
# 
loop_
_pdbx_validate_close_contact.id 
_pdbx_validate_close_contact.PDB_model_num 
_pdbx_validate_close_contact.auth_atom_id_1 
_pdbx_validate_close_contact.auth_asym_id_1 
_pdbx_validate_close_contact.auth_comp_id_1 
_pdbx_validate_close_contact.auth_seq_id_1 
_pdbx_validate_close_contact.PDB_ins_code_1 
_pdbx_validate_close_contact.label_alt_id_1 
_pdbx_validate_close_contact.auth_atom_id_2 
_pdbx_validate_close_contact.auth_asym_id_2 
_pdbx_validate_close_contact.auth_comp_id_2 
_pdbx_validate_close_contact.auth_seq_id_2 
_pdbx_validate_close_contact.PDB_ins_code_2 
_pdbx_validate_close_contact.label_alt_id_2 
_pdbx_validate_close_contact.dist 
1 1 O   A HOH 1420 ? ? O  A HOH 1440 ? ? 1.92 
2 1 O   A HOH 1359 ? ? O  A HOH 1403 ? ? 1.97 
3 1 O   A HOH 1430 ? ? O  A HOH 1444 ? ? 2.07 
4 1 O   A HOH 1329 ? ? O  A HOH 1437 ? ? 2.11 
5 1 O   A HOH 1398 ? ? O  A HOH 1436 ? ? 2.15 
6 1 NE2 A GLN 1105 ? ? O  A HOH 1301 ? ? 2.15 
7 1 O   A HOH 1368 ? ? O  A HOH 1374 ? ? 2.16 
8 1 OD2 A ASP 1030 ? ? OG A SER 1032 ? A 2.16 
# 
loop_
_pdbx_struct_special_symmetry.id 
_pdbx_struct_special_symmetry.PDB_model_num 
_pdbx_struct_special_symmetry.auth_asym_id 
_pdbx_struct_special_symmetry.auth_comp_id 
_pdbx_struct_special_symmetry.auth_seq_id 
_pdbx_struct_special_symmetry.PDB_ins_code 
_pdbx_struct_special_symmetry.label_asym_id 
_pdbx_struct_special_symmetry.label_comp_id 
_pdbx_struct_special_symmetry.label_seq_id 
1 1 A HOH 1339 ? G HOH . 
2 1 A HOH 1433 ? G HOH . 
# 
_pdbx_distant_solvent_atoms.id                                1 
_pdbx_distant_solvent_atoms.PDB_model_num                     1 
_pdbx_distant_solvent_atoms.auth_atom_id                      O 
_pdbx_distant_solvent_atoms.label_alt_id                      ? 
_pdbx_distant_solvent_atoms.auth_asym_id                      A 
_pdbx_distant_solvent_atoms.auth_comp_id                      HOH 
_pdbx_distant_solvent_atoms.auth_seq_id                       1449 
_pdbx_distant_solvent_atoms.PDB_ins_code                      ? 
_pdbx_distant_solvent_atoms.neighbor_macromolecule_distance   6.10 
_pdbx_distant_solvent_atoms.neighbor_ligand_distance          . 
# 
loop_
_pdbx_unobs_or_zero_occ_residues.id 
_pdbx_unobs_or_zero_occ_residues.PDB_model_num 
_pdbx_unobs_or_zero_occ_residues.polymer_flag 
_pdbx_unobs_or_zero_occ_residues.occupancy_flag 
_pdbx_unobs_or_zero_occ_residues.auth_asym_id 
_pdbx_unobs_or_zero_occ_residues.auth_comp_id 
_pdbx_unobs_or_zero_occ_residues.auth_seq_id 
_pdbx_unobs_or_zero_occ_residues.PDB_ins_code 
_pdbx_unobs_or_zero_occ_residues.label_asym_id 
_pdbx_unobs_or_zero_occ_residues.label_comp_id 
_pdbx_unobs_or_zero_occ_residues.label_seq_id 
1 1 Y 1 A ASP 1014 ? A ASP 36 
2 1 Y 1 A PRO 1015 ? A PRO 37 
3 1 Y 1 A ASP 1016 ? A ASP 38 
# 
loop_
_chem_comp_atom.comp_id 
_chem_comp_atom.atom_id 
_chem_comp_atom.type_symbol 
_chem_comp_atom.pdbx_aromatic_flag 
_chem_comp_atom.pdbx_stereo_config 
_chem_comp_atom.pdbx_ordinal 
ALA N    N N N 1   
ALA CA   C N S 2   
ALA C    C N N 3   
ALA O    O N N 4   
ALA CB   C N N 5   
ALA OXT  O N N 6   
ALA H    H N N 7   
ALA H2   H N N 8   
ALA HA   H N N 9   
ALA HB1  H N N 10  
ALA HB2  H N N 11  
ALA HB3  H N N 12  
ALA HXT  H N N 13  
ARG N    N N N 14  
ARG CA   C N S 15  
ARG C    C N N 16  
ARG O    O N N 17  
ARG CB   C N N 18  
ARG CG   C N N 19  
ARG CD   C N N 20  
ARG NE   N N N 21  
ARG CZ   C N N 22  
ARG NH1  N N N 23  
ARG NH2  N N N 24  
ARG OXT  O N N 25  
ARG H    H N N 26  
ARG H2   H N N 27  
ARG HA   H N N 28  
ARG HB2  H N N 29  
ARG HB3  H N N 30  
ARG HG2  H N N 31  
ARG HG3  H N N 32  
ARG HD2  H N N 33  
ARG HD3  H N N 34  
ARG HE   H N N 35  
ARG HH11 H N N 36  
ARG HH12 H N N 37  
ARG HH21 H N N 38  
ARG HH22 H N N 39  
ARG HXT  H N N 40  
ASN N    N N N 41  
ASN CA   C N S 42  
ASN C    C N N 43  
ASN O    O N N 44  
ASN CB   C N N 45  
ASN CG   C N N 46  
ASN OD1  O N N 47  
ASN ND2  N N N 48  
ASN OXT  O N N 49  
ASN H    H N N 50  
ASN H2   H N N 51  
ASN HA   H N N 52  
ASN HB2  H N N 53  
ASN HB3  H N N 54  
ASN HD21 H N N 55  
ASN HD22 H N N 56  
ASN HXT  H N N 57  
ASP N    N N N 58  
ASP CA   C N S 59  
ASP C    C N N 60  
ASP O    O N N 61  
ASP CB   C N N 62  
ASP CG   C N N 63  
ASP OD1  O N N 64  
ASP OD2  O N N 65  
ASP OXT  O N N 66  
ASP H    H N N 67  
ASP H2   H N N 68  
ASP HA   H N N 69  
ASP HB2  H N N 70  
ASP HB3  H N N 71  
ASP HD2  H N N 72  
ASP HXT  H N N 73  
CYS N    N N N 74  
CYS CA   C N R 75  
CYS C    C N N 76  
CYS O    O N N 77  
CYS CB   C N N 78  
CYS SG   S N N 79  
CYS OXT  O N N 80  
CYS H    H N N 81  
CYS H2   H N N 82  
CYS HA   H N N 83  
CYS HB2  H N N 84  
CYS HB3  H N N 85  
CYS HG   H N N 86  
CYS HXT  H N N 87  
G6E N    N N N 88  
G6E CA   C N R 89  
G6E C    C N N 90  
G6E O    O N N 91  
G6E CB   C N N 92  
G6E CAA  C N N 93  
G6E CAG  C Y N 94  
G6E CAH  C Y N 95  
G6E CAI  C Y N 96  
G6E CAN  C N N 97  
G6E CAP  C Y N 98  
G6E CAQ  C Y N 99  
G6E CAR  C Y N 100 
G6E CAS  C Y N 101 
G6E CAT  C Y N 102 
G6E NAC  N N N 103 
G6E NAJ  N Y N 104 
G6E NAK  N Y N 105 
G6E NAL  N N N 106 
G6E OAE  O N N 107 
G6E SAM  S Y N 108 
G6E H1   H N N 109 
G6E H2   H N N 110 
G6E H4   H N N 111 
G6E H5   H N N 112 
G6E H6   H N N 113 
G6E H7   H N N 114 
G6E H8   H N N 115 
G6E H9   H N N 116 
G6E H10  H N N 117 
G6E H11  H N N 118 
G6E H12  H N N 119 
G6E H13  H N N 120 
G6E H14  H N N 121 
G6E H15  H N N 122 
G6E H16  H N N 123 
GLN N    N N N 124 
GLN CA   C N S 125 
GLN C    C N N 126 
GLN O    O N N 127 
GLN CB   C N N 128 
GLN CG   C N N 129 
GLN CD   C N N 130 
GLN OE1  O N N 131 
GLN NE2  N N N 132 
GLN OXT  O N N 133 
GLN H    H N N 134 
GLN H2   H N N 135 
GLN HA   H N N 136 
GLN HB2  H N N 137 
GLN HB3  H N N 138 
GLN HG2  H N N 139 
GLN HG3  H N N 140 
GLN HE21 H N N 141 
GLN HE22 H N N 142 
GLN HXT  H N N 143 
GLU N    N N N 144 
GLU CA   C N S 145 
GLU C    C N N 146 
GLU O    O N N 147 
GLU CB   C N N 148 
GLU CG   C N N 149 
GLU CD   C N N 150 
GLU OE1  O N N 151 
GLU OE2  O N N 152 
GLU OXT  O N N 153 
GLU H    H N N 154 
GLU H2   H N N 155 
GLU HA   H N N 156 
GLU HB2  H N N 157 
GLU HB3  H N N 158 
GLU HG2  H N N 159 
GLU HG3  H N N 160 
GLU HE2  H N N 161 
GLU HXT  H N N 162 
GLY N    N N N 163 
GLY CA   C N N 164 
GLY C    C N N 165 
GLY O    O N N 166 
GLY OXT  O N N 167 
GLY H    H N N 168 
GLY H2   H N N 169 
GLY HA2  H N N 170 
GLY HA3  H N N 171 
GLY HXT  H N N 172 
HIS N    N N N 173 
HIS CA   C N S 174 
HIS C    C N N 175 
HIS O    O N N 176 
HIS CB   C N N 177 
HIS CG   C Y N 178 
HIS ND1  N Y N 179 
HIS CD2  C Y N 180 
HIS CE1  C Y N 181 
HIS NE2  N Y N 182 
HIS OXT  O N N 183 
HIS H    H N N 184 
HIS H2   H N N 185 
HIS HA   H N N 186 
HIS HB2  H N N 187 
HIS HB3  H N N 188 
HIS HD1  H N N 189 
HIS HD2  H N N 190 
HIS HE1  H N N 191 
HIS HE2  H N N 192 
HIS HXT  H N N 193 
HOH O    O N N 194 
HOH H1   H N N 195 
HOH H2   H N N 196 
ILE N    N N N 197 
ILE CA   C N S 198 
ILE C    C N N 199 
ILE O    O N N 200 
ILE CB   C N S 201 
ILE CG1  C N N 202 
ILE CG2  C N N 203 
ILE CD1  C N N 204 
ILE OXT  O N N 205 
ILE H    H N N 206 
ILE H2   H N N 207 
ILE HA   H N N 208 
ILE HB   H N N 209 
ILE HG12 H N N 210 
ILE HG13 H N N 211 
ILE HG21 H N N 212 
ILE HG22 H N N 213 
ILE HG23 H N N 214 
ILE HD11 H N N 215 
ILE HD12 H N N 216 
ILE HD13 H N N 217 
ILE HXT  H N N 218 
LEU N    N N N 219 
LEU CA   C N S 220 
LEU C    C N N 221 
LEU O    O N N 222 
LEU CB   C N N 223 
LEU CG   C N N 224 
LEU CD1  C N N 225 
LEU CD2  C N N 226 
LEU OXT  O N N 227 
LEU H    H N N 228 
LEU H2   H N N 229 
LEU HA   H N N 230 
LEU HB2  H N N 231 
LEU HB3  H N N 232 
LEU HG   H N N 233 
LEU HD11 H N N 234 
LEU HD12 H N N 235 
LEU HD13 H N N 236 
LEU HD21 H N N 237 
LEU HD22 H N N 238 
LEU HD23 H N N 239 
LEU HXT  H N N 240 
LYS N    N N N 241 
LYS CA   C N S 242 
LYS C    C N N 243 
LYS O    O N N 244 
LYS CB   C N N 245 
LYS CG   C N N 246 
LYS CD   C N N 247 
LYS CE   C N N 248 
LYS NZ   N N N 249 
LYS OXT  O N N 250 
LYS H    H N N 251 
LYS H2   H N N 252 
LYS HA   H N N 253 
LYS HB2  H N N 254 
LYS HB3  H N N 255 
LYS HG2  H N N 256 
LYS HG3  H N N 257 
LYS HD2  H N N 258 
LYS HD3  H N N 259 
LYS HE2  H N N 260 
LYS HE3  H N N 261 
LYS HZ1  H N N 262 
LYS HZ2  H N N 263 
LYS HZ3  H N N 264 
LYS HXT  H N N 265 
MET N    N N N 266 
MET CA   C N S 267 
MET C    C N N 268 
MET O    O N N 269 
MET CB   C N N 270 
MET CG   C N N 271 
MET SD   S N N 272 
MET CE   C N N 273 
MET OXT  O N N 274 
MET H    H N N 275 
MET H2   H N N 276 
MET HA   H N N 277 
MET HB2  H N N 278 
MET HB3  H N N 279 
MET HG2  H N N 280 
MET HG3  H N N 281 
MET HE1  H N N 282 
MET HE2  H N N 283 
MET HE3  H N N 284 
MET HXT  H N N 285 
PHE N    N N N 286 
PHE CA   C N S 287 
PHE C    C N N 288 
PHE O    O N N 289 
PHE CB   C N N 290 
PHE CG   C Y N 291 
PHE CD1  C Y N 292 
PHE CD2  C Y N 293 
PHE CE1  C Y N 294 
PHE CE2  C Y N 295 
PHE CZ   C Y N 296 
PHE OXT  O N N 297 
PHE H    H N N 298 
PHE H2   H N N 299 
PHE HA   H N N 300 
PHE HB2  H N N 301 
PHE HB3  H N N 302 
PHE HD1  H N N 303 
PHE HD2  H N N 304 
PHE HE1  H N N 305 
PHE HE2  H N N 306 
PHE HZ   H N N 307 
PHE HXT  H N N 308 
PRO N    N N N 309 
PRO CA   C N S 310 
PRO C    C N N 311 
PRO O    O N N 312 
PRO CB   C N N 313 
PRO CG   C N N 314 
PRO CD   C N N 315 
PRO OXT  O N N 316 
PRO H    H N N 317 
PRO HA   H N N 318 
PRO HB2  H N N 319 
PRO HB3  H N N 320 
PRO HG2  H N N 321 
PRO HG3  H N N 322 
PRO HD2  H N N 323 
PRO HD3  H N N 324 
PRO HXT  H N N 325 
SER N    N N N 326 
SER CA   C N S 327 
SER C    C N N 328 
SER O    O N N 329 
SER CB   C N N 330 
SER OG   O N N 331 
SER OXT  O N N 332 
SER H    H N N 333 
SER H2   H N N 334 
SER HA   H N N 335 
SER HB2  H N N 336 
SER HB3  H N N 337 
SER HG   H N N 338 
SER HXT  H N N 339 
SO4 S    S N N 340 
SO4 O1   O N N 341 
SO4 O2   O N N 342 
SO4 O3   O N N 343 
SO4 O4   O N N 344 
THR N    N N N 345 
THR CA   C N S 346 
THR C    C N N 347 
THR O    O N N 348 
THR CB   C N R 349 
THR OG1  O N N 350 
THR CG2  C N N 351 
THR OXT  O N N 352 
THR H    H N N 353 
THR H2   H N N 354 
THR HA   H N N 355 
THR HB   H N N 356 
THR HG1  H N N 357 
THR HG21 H N N 358 
THR HG22 H N N 359 
THR HG23 H N N 360 
THR HXT  H N N 361 
TYR N    N N N 362 
TYR CA   C N S 363 
TYR C    C N N 364 
TYR O    O N N 365 
TYR CB   C N N 366 
TYR CG   C Y N 367 
TYR CD1  C Y N 368 
TYR CD2  C Y N 369 
TYR CE1  C Y N 370 
TYR CE2  C Y N 371 
TYR CZ   C Y N 372 
TYR OH   O N N 373 
TYR OXT  O N N 374 
TYR H    H N N 375 
TYR H2   H N N 376 
TYR HA   H N N 377 
TYR HB2  H N N 378 
TYR HB3  H N N 379 
TYR HD1  H N N 380 
TYR HD2  H N N 381 
TYR HE1  H N N 382 
TYR HE2  H N N 383 
TYR HH   H N N 384 
TYR HXT  H N N 385 
VAL N    N N N 386 
VAL CA   C N S 387 
VAL C    C N N 388 
VAL O    O N N 389 
VAL CB   C N N 390 
VAL CG1  C N N 391 
VAL CG2  C N N 392 
VAL OXT  O N N 393 
VAL H    H N N 394 
VAL H2   H N N 395 
VAL HA   H N N 396 
VAL HB   H N N 397 
VAL HG11 H N N 398 
VAL HG12 H N N 399 
VAL HG13 H N N 400 
VAL HG21 H N N 401 
VAL HG22 H N N 402 
VAL HG23 H N N 403 
VAL HXT  H N N 404 
# 
loop_
_chem_comp_bond.comp_id 
_chem_comp_bond.atom_id_1 
_chem_comp_bond.atom_id_2 
_chem_comp_bond.value_order 
_chem_comp_bond.pdbx_aromatic_flag 
_chem_comp_bond.pdbx_stereo_config 
_chem_comp_bond.pdbx_ordinal 
ALA N   CA   sing N N 1   
ALA N   H    sing N N 2   
ALA N   H2   sing N N 3   
ALA CA  C    sing N N 4   
ALA CA  CB   sing N N 5   
ALA CA  HA   sing N N 6   
ALA C   O    doub N N 7   
ALA C   OXT  sing N N 8   
ALA CB  HB1  sing N N 9   
ALA CB  HB2  sing N N 10  
ALA CB  HB3  sing N N 11  
ALA OXT HXT  sing N N 12  
ARG N   CA   sing N N 13  
ARG N   H    sing N N 14  
ARG N   H2   sing N N 15  
ARG CA  C    sing N N 16  
ARG CA  CB   sing N N 17  
ARG CA  HA   sing N N 18  
ARG C   O    doub N N 19  
ARG C   OXT  sing N N 20  
ARG CB  CG   sing N N 21  
ARG CB  HB2  sing N N 22  
ARG CB  HB3  sing N N 23  
ARG CG  CD   sing N N 24  
ARG CG  HG2  sing N N 25  
ARG CG  HG3  sing N N 26  
ARG CD  NE   sing N N 27  
ARG CD  HD2  sing N N 28  
ARG CD  HD3  sing N N 29  
ARG NE  CZ   sing N N 30  
ARG NE  HE   sing N N 31  
ARG CZ  NH1  sing N N 32  
ARG CZ  NH2  doub N N 33  
ARG NH1 HH11 sing N N 34  
ARG NH1 HH12 sing N N 35  
ARG NH2 HH21 sing N N 36  
ARG NH2 HH22 sing N N 37  
ARG OXT HXT  sing N N 38  
ASN N   CA   sing N N 39  
ASN N   H    sing N N 40  
ASN N   H2   sing N N 41  
ASN CA  C    sing N N 42  
ASN CA  CB   sing N N 43  
ASN CA  HA   sing N N 44  
ASN C   O    doub N N 45  
ASN C   OXT  sing N N 46  
ASN CB  CG   sing N N 47  
ASN CB  HB2  sing N N 48  
ASN CB  HB3  sing N N 49  
ASN CG  OD1  doub N N 50  
ASN CG  ND2  sing N N 51  
ASN ND2 HD21 sing N N 52  
ASN ND2 HD22 sing N N 53  
ASN OXT HXT  sing N N 54  
ASP N   CA   sing N N 55  
ASP N   H    sing N N 56  
ASP N   H2   sing N N 57  
ASP CA  C    sing N N 58  
ASP CA  CB   sing N N 59  
ASP CA  HA   sing N N 60  
ASP C   O    doub N N 61  
ASP C   OXT  sing N N 62  
ASP CB  CG   sing N N 63  
ASP CB  HB2  sing N N 64  
ASP CB  HB3  sing N N 65  
ASP CG  OD1  doub N N 66  
ASP CG  OD2  sing N N 67  
ASP OD2 HD2  sing N N 68  
ASP OXT HXT  sing N N 69  
CYS N   CA   sing N N 70  
CYS N   H    sing N N 71  
CYS N   H2   sing N N 72  
CYS CA  C    sing N N 73  
CYS CA  CB   sing N N 74  
CYS CA  HA   sing N N 75  
CYS C   O    doub N N 76  
CYS C   OXT  sing N N 77  
CYS CB  SG   sing N N 78  
CYS CB  HB2  sing N N 79  
CYS CB  HB3  sing N N 80  
CYS SG  HG   sing N N 81  
CYS OXT HXT  sing N N 82  
G6E NAC CAP  sing N N 83  
G6E CAP CAG  doub Y N 84  
G6E CAP CAI  sing Y N 85  
G6E CAG NAJ  sing Y N 86  
G6E CAI CAQ  doub Y N 87  
G6E O   C    doub N N 88  
G6E NAJ CAH  doub Y N 89  
G6E SAM CAT  sing Y N 90  
G6E SAM CAR  sing Y N 91  
G6E CAQ CAH  sing Y N 92  
G6E CAQ CAT  sing N N 93  
G6E CB  CA   sing N N 94  
G6E C   CA   sing N N 95  
G6E C   NAL  sing N N 96  
G6E CAT CAS  doub Y N 97  
G6E CA  N    sing N N 98  
G6E CAR NAL  sing N N 99  
G6E CAR NAK  doub Y N 100 
G6E CAS NAK  sing Y N 101 
G6E CAS CAN  sing N N 102 
G6E CAA CAN  sing N N 103 
G6E CAN OAE  doub N N 104 
G6E N   H1   sing N N 105 
G6E N   H2   sing N N 106 
G6E CA  H4   sing N N 107 
G6E CB  H5   sing N N 108 
G6E CB  H6   sing N N 109 
G6E CB  H7   sing N N 110 
G6E CAA H8   sing N N 111 
G6E CAA H9   sing N N 112 
G6E CAA H10  sing N N 113 
G6E CAG H11  sing N N 114 
G6E CAH H12  sing N N 115 
G6E CAI H13  sing N N 116 
G6E NAC H14  sing N N 117 
G6E NAC H15  sing N N 118 
G6E NAL H16  sing N N 119 
GLN N   CA   sing N N 120 
GLN N   H    sing N N 121 
GLN N   H2   sing N N 122 
GLN CA  C    sing N N 123 
GLN CA  CB   sing N N 124 
GLN CA  HA   sing N N 125 
GLN C   O    doub N N 126 
GLN C   OXT  sing N N 127 
GLN CB  CG   sing N N 128 
GLN CB  HB2  sing N N 129 
GLN CB  HB3  sing N N 130 
GLN CG  CD   sing N N 131 
GLN CG  HG2  sing N N 132 
GLN CG  HG3  sing N N 133 
GLN CD  OE1  doub N N 134 
GLN CD  NE2  sing N N 135 
GLN NE2 HE21 sing N N 136 
GLN NE2 HE22 sing N N 137 
GLN OXT HXT  sing N N 138 
GLU N   CA   sing N N 139 
GLU N   H    sing N N 140 
GLU N   H2   sing N N 141 
GLU CA  C    sing N N 142 
GLU CA  CB   sing N N 143 
GLU CA  HA   sing N N 144 
GLU C   O    doub N N 145 
GLU C   OXT  sing N N 146 
GLU CB  CG   sing N N 147 
GLU CB  HB2  sing N N 148 
GLU CB  HB3  sing N N 149 
GLU CG  CD   sing N N 150 
GLU CG  HG2  sing N N 151 
GLU CG  HG3  sing N N 152 
GLU CD  OE1  doub N N 153 
GLU CD  OE2  sing N N 154 
GLU OE2 HE2  sing N N 155 
GLU OXT HXT  sing N N 156 
GLY N   CA   sing N N 157 
GLY N   H    sing N N 158 
GLY N   H2   sing N N 159 
GLY CA  C    sing N N 160 
GLY CA  HA2  sing N N 161 
GLY CA  HA3  sing N N 162 
GLY C   O    doub N N 163 
GLY C   OXT  sing N N 164 
GLY OXT HXT  sing N N 165 
HIS N   CA   sing N N 166 
HIS N   H    sing N N 167 
HIS N   H2   sing N N 168 
HIS CA  C    sing N N 169 
HIS CA  CB   sing N N 170 
HIS CA  HA   sing N N 171 
HIS C   O    doub N N 172 
HIS C   OXT  sing N N 173 
HIS CB  CG   sing N N 174 
HIS CB  HB2  sing N N 175 
HIS CB  HB3  sing N N 176 
HIS CG  ND1  sing Y N 177 
HIS CG  CD2  doub Y N 178 
HIS ND1 CE1  doub Y N 179 
HIS ND1 HD1  sing N N 180 
HIS CD2 NE2  sing Y N 181 
HIS CD2 HD2  sing N N 182 
HIS CE1 NE2  sing Y N 183 
HIS CE1 HE1  sing N N 184 
HIS NE2 HE2  sing N N 185 
HIS OXT HXT  sing N N 186 
HOH O   H1   sing N N 187 
HOH O   H2   sing N N 188 
ILE N   CA   sing N N 189 
ILE N   H    sing N N 190 
ILE N   H2   sing N N 191 
ILE CA  C    sing N N 192 
ILE CA  CB   sing N N 193 
ILE CA  HA   sing N N 194 
ILE C   O    doub N N 195 
ILE C   OXT  sing N N 196 
ILE CB  CG1  sing N N 197 
ILE CB  CG2  sing N N 198 
ILE CB  HB   sing N N 199 
ILE CG1 CD1  sing N N 200 
ILE CG1 HG12 sing N N 201 
ILE CG1 HG13 sing N N 202 
ILE CG2 HG21 sing N N 203 
ILE CG2 HG22 sing N N 204 
ILE CG2 HG23 sing N N 205 
ILE CD1 HD11 sing N N 206 
ILE CD1 HD12 sing N N 207 
ILE CD1 HD13 sing N N 208 
ILE OXT HXT  sing N N 209 
LEU N   CA   sing N N 210 
LEU N   H    sing N N 211 
LEU N   H2   sing N N 212 
LEU CA  C    sing N N 213 
LEU CA  CB   sing N N 214 
LEU CA  HA   sing N N 215 
LEU C   O    doub N N 216 
LEU C   OXT  sing N N 217 
LEU CB  CG   sing N N 218 
LEU CB  HB2  sing N N 219 
LEU CB  HB3  sing N N 220 
LEU CG  CD1  sing N N 221 
LEU CG  CD2  sing N N 222 
LEU CG  HG   sing N N 223 
LEU CD1 HD11 sing N N 224 
LEU CD1 HD12 sing N N 225 
LEU CD1 HD13 sing N N 226 
LEU CD2 HD21 sing N N 227 
LEU CD2 HD22 sing N N 228 
LEU CD2 HD23 sing N N 229 
LEU OXT HXT  sing N N 230 
LYS N   CA   sing N N 231 
LYS N   H    sing N N 232 
LYS N   H2   sing N N 233 
LYS CA  C    sing N N 234 
LYS CA  CB   sing N N 235 
LYS CA  HA   sing N N 236 
LYS C   O    doub N N 237 
LYS C   OXT  sing N N 238 
LYS CB  CG   sing N N 239 
LYS CB  HB2  sing N N 240 
LYS CB  HB3  sing N N 241 
LYS CG  CD   sing N N 242 
LYS CG  HG2  sing N N 243 
LYS CG  HG3  sing N N 244 
LYS CD  CE   sing N N 245 
LYS CD  HD2  sing N N 246 
LYS CD  HD3  sing N N 247 
LYS CE  NZ   sing N N 248 
LYS CE  HE2  sing N N 249 
LYS CE  HE3  sing N N 250 
LYS NZ  HZ1  sing N N 251 
LYS NZ  HZ2  sing N N 252 
LYS NZ  HZ3  sing N N 253 
LYS OXT HXT  sing N N 254 
MET N   CA   sing N N 255 
MET N   H    sing N N 256 
MET N   H2   sing N N 257 
MET CA  C    sing N N 258 
MET CA  CB   sing N N 259 
MET CA  HA   sing N N 260 
MET C   O    doub N N 261 
MET C   OXT  sing N N 262 
MET CB  CG   sing N N 263 
MET CB  HB2  sing N N 264 
MET CB  HB3  sing N N 265 
MET CG  SD   sing N N 266 
MET CG  HG2  sing N N 267 
MET CG  HG3  sing N N 268 
MET SD  CE   sing N N 269 
MET CE  HE1  sing N N 270 
MET CE  HE2  sing N N 271 
MET CE  HE3  sing N N 272 
MET OXT HXT  sing N N 273 
PHE N   CA   sing N N 274 
PHE N   H    sing N N 275 
PHE N   H2   sing N N 276 
PHE CA  C    sing N N 277 
PHE CA  CB   sing N N 278 
PHE CA  HA   sing N N 279 
PHE C   O    doub N N 280 
PHE C   OXT  sing N N 281 
PHE CB  CG   sing N N 282 
PHE CB  HB2  sing N N 283 
PHE CB  HB3  sing N N 284 
PHE CG  CD1  doub Y N 285 
PHE CG  CD2  sing Y N 286 
PHE CD1 CE1  sing Y N 287 
PHE CD1 HD1  sing N N 288 
PHE CD2 CE2  doub Y N 289 
PHE CD2 HD2  sing N N 290 
PHE CE1 CZ   doub Y N 291 
PHE CE1 HE1  sing N N 292 
PHE CE2 CZ   sing Y N 293 
PHE CE2 HE2  sing N N 294 
PHE CZ  HZ   sing N N 295 
PHE OXT HXT  sing N N 296 
PRO N   CA   sing N N 297 
PRO N   CD   sing N N 298 
PRO N   H    sing N N 299 
PRO CA  C    sing N N 300 
PRO CA  CB   sing N N 301 
PRO CA  HA   sing N N 302 
PRO C   O    doub N N 303 
PRO C   OXT  sing N N 304 
PRO CB  CG   sing N N 305 
PRO CB  HB2  sing N N 306 
PRO CB  HB3  sing N N 307 
PRO CG  CD   sing N N 308 
PRO CG  HG2  sing N N 309 
PRO CG  HG3  sing N N 310 
PRO CD  HD2  sing N N 311 
PRO CD  HD3  sing N N 312 
PRO OXT HXT  sing N N 313 
SER N   CA   sing N N 314 
SER N   H    sing N N 315 
SER N   H2   sing N N 316 
SER CA  C    sing N N 317 
SER CA  CB   sing N N 318 
SER CA  HA   sing N N 319 
SER C   O    doub N N 320 
SER C   OXT  sing N N 321 
SER CB  OG   sing N N 322 
SER CB  HB2  sing N N 323 
SER CB  HB3  sing N N 324 
SER OG  HG   sing N N 325 
SER OXT HXT  sing N N 326 
SO4 S   O1   doub N N 327 
SO4 S   O2   doub N N 328 
SO4 S   O3   sing N N 329 
SO4 S   O4   sing N N 330 
THR N   CA   sing N N 331 
THR N   H    sing N N 332 
THR N   H2   sing N N 333 
THR CA  C    sing N N 334 
THR CA  CB   sing N N 335 
THR CA  HA   sing N N 336 
THR C   O    doub N N 337 
THR C   OXT  sing N N 338 
THR CB  OG1  sing N N 339 
THR CB  CG2  sing N N 340 
THR CB  HB   sing N N 341 
THR OG1 HG1  sing N N 342 
THR CG2 HG21 sing N N 343 
THR CG2 HG22 sing N N 344 
THR CG2 HG23 sing N N 345 
THR OXT HXT  sing N N 346 
TYR N   CA   sing N N 347 
TYR N   H    sing N N 348 
TYR N   H2   sing N N 349 
TYR CA  C    sing N N 350 
TYR CA  CB   sing N N 351 
TYR CA  HA   sing N N 352 
TYR C   O    doub N N 353 
TYR C   OXT  sing N N 354 
TYR CB  CG   sing N N 355 
TYR CB  HB2  sing N N 356 
TYR CB  HB3  sing N N 357 
TYR CG  CD1  doub Y N 358 
TYR CG  CD2  sing Y N 359 
TYR CD1 CE1  sing Y N 360 
TYR CD1 HD1  sing N N 361 
TYR CD2 CE2  doub Y N 362 
TYR CD2 HD2  sing N N 363 
TYR CE1 CZ   doub Y N 364 
TYR CE1 HE1  sing N N 365 
TYR CE2 CZ   sing Y N 366 
TYR CE2 HE2  sing N N 367 
TYR CZ  OH   sing N N 368 
TYR OH  HH   sing N N 369 
TYR OXT HXT  sing N N 370 
VAL N   CA   sing N N 371 
VAL N   H    sing N N 372 
VAL N   H2   sing N N 373 
VAL CA  C    sing N N 374 
VAL CA  CB   sing N N 375 
VAL CA  HA   sing N N 376 
VAL C   O    doub N N 377 
VAL C   OXT  sing N N 378 
VAL CB  CG1  sing N N 379 
VAL CB  CG2  sing N N 380 
VAL CB  HB   sing N N 381 
VAL CG1 HG11 sing N N 382 
VAL CG1 HG12 sing N N 383 
VAL CG1 HG13 sing N N 384 
VAL CG2 HG21 sing N N 385 
VAL CG2 HG22 sing N N 386 
VAL CG2 HG23 sing N N 387 
VAL OXT HXT  sing N N 388 
# 
_pdbx_initial_refinement_model.id               1 
_pdbx_initial_refinement_model.entity_id_list   ? 
_pdbx_initial_refinement_model.type             'experimental model' 
_pdbx_initial_refinement_model.source_name      PDB 
_pdbx_initial_refinement_model.accession_code   5F36 
_pdbx_initial_refinement_model.details          ? 
# 
_atom_sites.entry_id                    6HI5 
_atom_sites.fract_transf_matrix[1][1]   0.00827596 
_atom_sites.fract_transf_matrix[1][2]   -0.01196404 
_atom_sites.fract_transf_matrix[1][3]   -0.00053901 
_atom_sites.fract_transf_matrix[2][1]   0.01356692 
_atom_sites.fract_transf_matrix[2][2]   0.00076339 
_atom_sites.fract_transf_matrix[2][3]   -0.00522132 
_atom_sites.fract_transf_matrix[3][1]   0.00251045 
_atom_sites.fract_transf_matrix[3][2]   0.00143325 
_atom_sites.fract_transf_matrix[3][3]   0.00673263 
_atom_sites.fract_transf_vector[1]      0.139471 
_atom_sites.fract_transf_vector[2]      0.593458 
_atom_sites.fract_transf_vector[3]      0.025101 
# 
loop_
_atom_type.symbol 
C 
N 
O 
S 
# 
loop_
_atom_site.group_PDB 
_atom_site.id 
_atom_site.type_symbol 
_atom_site.label_atom_id 
_atom_site.label_alt_id 
_atom_site.label_comp_id 
_atom_site.label_asym_id 
_atom_site.label_entity_id 
_atom_site.label_seq_id 
_atom_site.pdbx_PDB_ins_code 
_atom_site.Cartn_x 
_atom_site.Cartn_y 
_atom_site.Cartn_z 
_atom_site.occupancy 
_atom_site.B_iso_or_equiv 
_atom_site.pdbx_formal_charge 
_atom_site.auth_seq_id 
_atom_site.auth_comp_id 
_atom_site.auth_asym_id 
_atom_site.auth_atom_id 
_atom_site.pdbx_PDB_model_num 
ATOM   1    N N   . SER A 1 1   ? 5.570   -25.823 -3.849  1.00 37.47 ? 979  SER A N   1 
ATOM   2    C CA  . SER A 1 1   ? 5.232   -26.415 -5.148  1.00 38.86 ? 979  SER A CA  1 
ATOM   3    C C   . SER A 1 1   ? 5.068   -25.361 -6.234  1.00 38.34 ? 979  SER A C   1 
ATOM   4    O O   . SER A 1 1   ? 4.996   -24.167 -5.955  1.00 37.27 ? 979  SER A O   1 
ATOM   5    C CB  . SER A 1 1   ? 3.949   -27.233 -5.040  1.00 42.74 ? 979  SER A CB  1 
ATOM   6    O OG  . SER A 1 1   ? 2.831   -26.378 -4.826  1.00 40.36 ? 979  SER A OG  1 
ATOM   7    N N   . MET A 1 2   ? 4.986   -25.834 -7.476  1.00 34.21 ? 980  MET A N   1 
ATOM   8    C CA  . MET A 1 2   ? 4.791   -24.940 -8.610  1.00 46.12 ? 980  MET A CA  1 
ATOM   9    C C   . MET A 1 2   ? 3.431   -24.257 -8.544  1.00 38.00 ? 980  MET A C   1 
ATOM   10   O O   . MET A 1 2   ? 3.306   -23.078 -8.892  1.00 37.34 ? 980  MET A O   1 
ATOM   11   C CB  . MET A 1 2   ? 4.925   -25.720 -9.919  1.00 45.09 ? 980  MET A CB  1 
ATOM   12   N N   . GLN A 1 3   ? 2.399   -24.981 -8.100  1.00 32.09 ? 981  GLN A N   1 
ATOM   13   C CA  . GLN A 1 3   ? 1.079   -24.375 -7.968  1.00 37.12 ? 981  GLN A CA  1 
ATOM   14   C C   . GLN A 1 3   ? 1.094   -23.238 -6.950  1.00 32.90 ? 981  GLN A C   1 
ATOM   15   O O   . GLN A 1 3   ? 0.421   -22.219 -7.141  1.00 30.35 ? 981  GLN A O   1 
ATOM   16   C CB  . GLN A 1 3   ? 0.058   -25.440 -7.573  1.00 36.38 ? 981  GLN A CB  1 
ATOM   17   C CG  . GLN A 1 3   ? -0.248  -26.440 -8.689  1.00 43.04 ? 981  GLN A CG  1 
ATOM   18   C CD  . GLN A 1 3   ? 0.736   -27.599 -8.721  1.00 46.70 ? 981  GLN A CD  1 
ATOM   19   O OE1 . GLN A 1 3   ? 1.686   -27.642 -7.941  1.00 42.66 ? 981  GLN A OE1 1 
ATOM   20   N NE2 . GLN A 1 3   ? 0.505   -28.550 -9.620  1.00 52.41 ? 981  GLN A NE2 1 
ATOM   21   N N   . GLU A 1 4   ? 1.830   -23.405 -5.849  1.00 30.79 ? 982  GLU A N   1 
ATOM   22   C CA  . GLU A 1 4   ? 1.920   -22.334 -4.858  1.00 27.53 ? 982  GLU A CA  1 
ATOM   23   C C   . GLU A 1 4   ? 2.718   -21.149 -5.388  1.00 29.07 ? 982  GLU A C   1 
ATOM   24   O O   . GLU A 1 4   ? 2.341   -19.988 -5.173  1.00 25.05 ? 982  GLU A O   1 
ATOM   25   C CB  . GLU A 1 4   ? 2.535   -22.881 -3.575  1.00 29.53 ? 982  GLU A CB  1 
ATOM   26   C CG  . GLU A 1 4   ? 1.574   -23.832 -2.875  1.00 33.66 ? 982  GLU A CG  1 
ATOM   27   C CD  . GLU A 1 4   ? 2.180   -24.492 -1.662  1.00 40.64 ? 982  GLU A CD  1 
ATOM   28   O OE1 . GLU A 1 4   ? 3.424   -24.497 -1.553  1.00 41.59 ? 982  GLU A OE1 1 
ATOM   29   O OE2 . GLU A 1 4   ? 1.406   -24.996 -0.823  1.00 34.48 ? 982  GLU A OE2 1 
ATOM   30   N N   . GLU A 1 5   ? 3.828   -21.417 -6.076  1.00 27.03 ? 983  GLU A N   1 
ATOM   31   C CA  . GLU A 1 5   ? 4.597   -20.326 -6.669  1.00 27.80 ? 983  GLU A CA  1 
ATOM   32   C C   . GLU A 1 5   ? 3.770   -19.560 -7.693  1.00 27.12 ? 983  GLU A C   1 
ATOM   33   O O   . GLU A 1 5   ? 3.861   -18.328 -7.768  1.00 25.85 ? 983  GLU A O   1 
ATOM   34   C CB  . GLU A 1 5   ? 5.877   -20.861 -7.311  1.00 33.04 ? 983  GLU A CB  1 
ATOM   35   C CG  . GLU A 1 5   ? 7.002   -21.117 -6.310  1.00 43.36 ? 983  GLU A CG  1 
ATOM   36   N N   . ASP A 1 6   ? 2.955   -20.272 -8.486  1.00 25.64 ? 984  ASP A N   1 
ATOM   37   C CA  . ASP A 1 6   ? 2.076   -19.600 -9.443  1.00 25.95 ? 984  ASP A CA  1 
ATOM   38   C C   . ASP A 1 6   ? 1.054   -18.718 -8.724  1.00 25.16 ? 984  ASP A C   1 
ATOM   39   O O   . ASP A 1 6   ? 0.661   -17.661 -9.238  1.00 23.81 ? 984  ASP A O   1 
ATOM   40   C CB  . ASP A 1 6   ? 1.355   -20.622 -10.320 1.00 30.00 ? 984  ASP A CB  1 
ATOM   41   C CG  . ASP A 1 6   ? 2.250   -21.215 -11.411 1.00 43.32 ? 984  ASP A CG  1 
ATOM   42   O OD1 . ASP A 1 6   ? 3.417   -20.802 -11.536 1.00 44.43 ? 984  ASP A OD1 1 
ATOM   43   O OD2 . ASP A 1 6   ? 1.775   -22.115 -12.140 1.00 48.31 ? 984  ASP A OD2 1 
ATOM   44   N N   . THR A 1 7   ? 0.572   -19.168 -7.564  1.00 22.91 ? 985  THR A N   1 
ATOM   45   C CA  . THR A 1 7   ? -0.395  -18.379 -6.805  1.00 20.10 ? 985  THR A CA  1 
ATOM   46   C C   . THR A 1 7   ? 0.232   -17.071 -6.347  1.00 22.64 ? 985  THR A C   1 
ATOM   47   O O   . THR A 1 7   ? -0.344  -15.992 -6.536  1.00 21.77 ? 985  THR A O   1 
ATOM   48   C CB  . THR A 1 7   ? -0.906  -19.182 -5.609  1.00 23.68 ? 985  THR A CB  1 
ATOM   49   O OG1 . THR A 1 7   ? -1.502  -20.405 -6.072  1.00 25.90 ? 985  THR A OG1 1 
ATOM   50   C CG2 . THR A 1 7   ? -1.955  -18.372 -4.831  1.00 23.27 ? 985  THR A CG2 1 
ATOM   51   N N   . PHE A 1 8   ? 1.430   -17.145 -5.759  1.00 23.14 ? 986  PHE A N   1 
ATOM   52   C CA  . PHE A 1 8   ? 2.078   -15.921 -5.314  1.00 22.20 ? 986  PHE A CA  1 
ATOM   53   C C   . PHE A 1 8   ? 2.452   -15.023 -6.487  1.00 20.78 ? 986  PHE A C   1 
ATOM   54   O O   . PHE A 1 8   ? 2.414   -13.795 -6.352  1.00 21.65 ? 986  PHE A O   1 
ATOM   55   C CB  . PHE A 1 8   ? 3.311   -16.246 -4.460  1.00 21.48 ? 986  PHE A CB  1 
ATOM   56   C CG  . PHE A 1 8   ? 2.979   -16.841 -3.122  1.00 26.69 ? 986  PHE A CG  1 
ATOM   57   C CD1 . PHE A 1 8   ? 1.985   -16.287 -2.323  1.00 26.01 ? 986  PHE A CD1 1 
ATOM   58   C CD2 . PHE A 1 8   ? 3.655   -17.952 -2.662  1.00 34.45 ? 986  PHE A CD2 1 
ATOM   59   C CE1 . PHE A 1 8   ? 1.676   -16.833 -1.085  1.00 30.53 ? 986  PHE A CE1 1 
ATOM   60   C CE2 . PHE A 1 8   ? 3.353   -18.507 -1.427  1.00 32.79 ? 986  PHE A CE2 1 
ATOM   61   C CZ  . PHE A 1 8   ? 2.365   -17.950 -0.642  1.00 31.66 ? 986  PHE A CZ  1 
ATOM   62   N N   . ARG A 1 9   ? 2.796   -15.591 -7.643  1.00 19.53 ? 987  ARG A N   1 
ATOM   63   C CA  . ARG A 1 9   ? 3.091   -14.732 -8.780  1.00 20.73 ? 987  ARG A CA  1 
ATOM   64   C C   . ARG A 1 9   ? 1.839   -13.989 -9.248  1.00 21.63 ? 987  ARG A C   1 
ATOM   65   O O   . ARG A 1 9   ? 1.909   -12.801 -9.586  1.00 22.13 ? 987  ARG A O   1 
ATOM   66   C CB  . ARG A 1 9   ? 3.687   -15.547 -9.920  1.00 22.74 ? 987  ARG A CB  1 
ATOM   67   C CG  . ARG A 1 9   ? 4.075   -14.687 -11.095 1.00 24.82 ? 987  ARG A CG  1 
ATOM   68   C CD  . ARG A 1 9   ? 4.969   -15.423 -12.087 1.00 28.95 ? 987  ARG A CD  1 
ATOM   69   N NE  . ARG A 1 9   ? 5.342   -14.505 -13.160 1.00 37.90 ? 987  ARG A NE  1 
ATOM   70   C CZ  . ARG A 1 9   ? 4.733   -14.432 -14.343 1.00 40.59 ? 987  ARG A CZ  1 
ATOM   71   N NH1 . ARG A 1 9   ? 3.709   -15.232 -14.638 1.00 30.99 ? 987  ARG A NH1 1 
ATOM   72   N NH2 . ARG A 1 9   ? 5.150   -13.542 -15.236 1.00 37.29 ? 987  ARG A NH2 1 
ATOM   73   N N   . GLU A 1 10  ? 0.682   -14.661 -9.258  1.00 20.29 ? 988  GLU A N   1 
ATOM   74   C CA  . GLU A 1 10  ? -0.549  -13.960 -9.634  1.00 18.79 ? 988  GLU A CA  1 
ATOM   75   C C   . GLU A 1 10  ? -0.860  -12.856 -8.631  1.00 20.19 ? 988  GLU A C   1 
ATOM   76   O O   . GLU A 1 10  ? -1.298  -11.764 -9.015  1.00 19.83 ? 988  GLU A O   1 
ATOM   77   C CB  . GLU A 1 10  ? -1.729  -14.938 -9.745  1.00 21.36 ? 988  GLU A CB  1 
ATOM   78   C CG  . GLU A 1 10  ? -3.064  -14.212 -10.005 1.00 21.87 ? 988  GLU A CG  1 
ATOM   79   C CD  . GLU A 1 10  ? -4.206  -15.134 -10.406 1.00 33.57 ? 988  GLU A CD  1 
ATOM   80   O OE1 . GLU A 1 10  ? -5.353  -14.637 -10.502 1.00 32.32 ? 988  GLU A OE1 1 
ATOM   81   O OE2 . GLU A 1 10  ? -3.966  -16.338 -10.625 1.00 30.72 ? 988  GLU A OE2 1 
ATOM   82   N N   . LEU A 1 11  ? -0.604  -13.108 -7.338  1.00 18.71 ? 989  LEU A N   1 
ATOM   83   C CA  . LEU A 1 11  ? -0.811  -12.053 -6.345  1.00 18.85 ? 989  LEU A CA  1 
ATOM   84   C C   . LEU A 1 11  ? 0.083   -10.849 -6.631  1.00 20.01 ? 989  LEU A C   1 
ATOM   85   O O   . LEU A 1 11  ? -0.386  -9.707  -6.611  1.00 19.62 ? 989  LEU A O   1 
ATOM   86   C CB  . LEU A 1 11  ? -0.572  -12.583 -4.928  1.00 20.39 ? 989  LEU A CB  1 
ATOM   87   C CG  . LEU A 1 11  ? -0.613  -11.477 -3.848  1.00 21.17 ? 989  LEU A CG  1 
ATOM   88   C CD1 . LEU A 1 11  ? -2.016  -10.927 -3.628  1.00 23.11 ? 989  LEU A CD1 1 
ATOM   89   C CD2 . LEU A 1 11  ? -0.008  -11.975 -2.525  1.00 26.36 ? 989  LEU A CD2 1 
ATOM   90   N N   . ARG A 1 12  ? 1.362   -11.084 -6.951  1.00 20.49 ? 990  ARG A N   1 
ATOM   91   C CA  . ARG A 1 12  ? 2.254   -9.961  -7.259  1.00 20.68 ? 990  ARG A CA  1 
ATOM   92   C C   . ARG A 1 12  ? 1.781   -9.174  -8.475  1.00 19.15 ? 990  ARG A C   1 
ATOM   93   O O   . ARG A 1 12  ? 1.836   -7.936  -8.479  1.00 19.46 ? 990  ARG A O   1 
ATOM   94   C CB  . ARG A 1 12  ? 3.688   -10.464 -7.472  1.00 18.26 ? 990  ARG A CB  1 
ATOM   95   C CG  . ARG A 1 12  ? 4.293   -11.084 -6.221  1.00 20.61 ? 990  ARG A CG  1 
ATOM   96   C CD  . ARG A 1 12  ? 5.801   -11.257 -6.381  1.00 20.56 ? 990  ARG A CD  1 
ATOM   97   N NE  . ARG A 1 12  ? 6.158   -12.235 -7.421  1.00 21.45 ? 990  ARG A NE  1 
ATOM   98   C CZ  . ARG A 1 12  ? 6.264   -13.550 -7.216  1.00 22.04 ? 990  ARG A CZ  1 
ATOM   99   N NH1 . ARG A 1 12  ? 6.009   -14.073 -6.027  1.00 22.89 ? 990  ARG A NH1 1 
ATOM   100  N NH2 . ARG A 1 12  ? 6.609   -14.344 -8.219  1.00 26.73 ? 990  ARG A NH2 1 
ATOM   101  N N   . ILE A 1 13  ? 1.334   -9.872  -9.527  1.00 17.69 ? 991  ILE A N   1 
ATOM   102  C CA  . ILE A 1 13  ? 0.820   -9.201  -10.720 1.00 17.02 ? 991  ILE A CA  1 
ATOM   103  C C   . ILE A 1 13  ? -0.377  -8.329  -10.362 1.00 20.54 ? 991  ILE A C   1 
ATOM   104  O O   . ILE A 1 13  ? -0.462  -7.168  -10.790 1.00 20.25 ? 991  ILE A O   1 
ATOM   105  C CB  . ILE A 1 13  ? 0.477   -10.249 -11.798 1.00 18.15 ? 991  ILE A CB  1 
ATOM   106  C CG1 . ILE A 1 13  ? 1.782   -10.852 -12.326 1.00 23.82 ? 991  ILE A CG1 1 
ATOM   107  C CG2 . ILE A 1 13  ? -0.273  -9.607  -12.958 1.00 22.21 ? 991  ILE A CG2 1 
ATOM   108  C CD1 . ILE A 1 13  ? 1.601   -12.178 -13.067 1.00 24.51 ? 991  ILE A CD1 1 
ATOM   109  N N   . PHE A 1 14  ? -1.298  -8.858  -9.547  1.00 17.84 ? 992  PHE A N   1 
ATOM   110  C CA  . PHE A 1 14  ? -2.455  -8.076  -9.110  1.00 19.48 ? 992  PHE A CA  1 
ATOM   111  C C   . PHE A 1 14  ? -2.020  -6.857  -8.298  1.00 21.47 ? 992  PHE A C   1 
ATOM   112  O O   . PHE A 1 14  ? -2.480  -5.737  -8.548  1.00 20.55 ? 992  PHE A O   1 
ATOM   113  C CB  . PHE A 1 14  ? -3.403  -8.955  -8.292  1.00 20.19 ? 992  PHE A CB  1 
ATOM   114  C CG  . PHE A 1 14  ? -4.549  -8.198  -7.682  1.00 23.50 ? 992  PHE A CG  1 
ATOM   115  C CD1 . PHE A 1 14  ? -5.632  -7.813  -8.458  1.00 26.30 ? 992  PHE A CD1 1 
ATOM   116  C CD2 . PHE A 1 14  ? -4.532  -7.867  -6.345  1.00 28.37 ? 992  PHE A CD2 1 
ATOM   117  C CE1 . PHE A 1 14  ? -6.693  -7.099  -7.892  1.00 28.89 ? 992  PHE A CE1 1 
ATOM   118  C CE2 . PHE A 1 14  ? -5.586  -7.165  -5.774  1.00 27.40 ? 992  PHE A CE2 1 
ATOM   119  C CZ  . PHE A 1 14  ? -6.656  -6.781  -6.555  1.00 27.56 ? 992  PHE A CZ  1 
ATOM   120  N N   . LEU A 1 15  ? -1.087  -7.050  -7.353  1.00 19.30 ? 993  LEU A N   1 
ATOM   121  C CA  . LEU A 1 15  ? -0.657  -5.937  -6.499  1.00 17.99 ? 993  LEU A CA  1 
ATOM   122  C C   . LEU A 1 15  ? 0.074   -4.860  -7.294  1.00 19.43 ? 993  LEU A C   1 
ATOM   123  O O   . LEU A 1 15  ? -0.088  -3.664  -7.013  1.00 20.31 ? 993  LEU A O   1 
ATOM   124  C CB  . LEU A 1 15  ? 0.226   -6.448  -5.362  1.00 19.67 ? 993  LEU A CB  1 
ATOM   125  C CG  . LEU A 1 15  ? -0.487  -7.350  -4.349  1.00 21.17 ? 993  LEU A CG  1 
ATOM   126  C CD1 . LEU A 1 15  ? 0.497   -7.797  -3.268  1.00 23.98 ? 993  LEU A CD1 1 
ATOM   127  C CD2 . LEU A 1 15  ? -1.727  -6.681  -3.733  1.00 21.34 ? 993  LEU A CD2 1 
ATOM   128  N N   . ARG A 1 16  ? 0.893   -5.253  -8.273  1.00 18.59 ? 994  ARG A N   1 
ATOM   129  C CA  . ARG A 1 16  ? 1.547   -4.259  -9.118  1.00 19.43 ? 994  ARG A CA  1 
ATOM   130  C C   . ARG A 1 16  ? 0.525   -3.431  -9.875  1.00 21.01 ? 994  ARG A C   1 
ATOM   131  O O   . ARG A 1 16  ? 0.690   -2.212  -10.032 1.00 21.87 ? 994  ARG A O   1 
ATOM   132  C CB  . ARG A 1 16  ? 2.490   -4.923  -10.123 1.00 21.06 ? 994  ARG A CB  1 
ATOM   133  C CG  . ARG A 1 16  ? 3.815   -5.289  -9.582  1.00 26.42 ? 994  ARG A CG  1 
ATOM   134  C CD  . ARG A 1 16  ? 4.747   -5.752  -10.695 1.00 27.06 ? 994  ARG A CD  1 
ATOM   135  N NE  . ARG A 1 16  ? 5.727   -6.610  -10.061 1.00 26.71 ? 994  ARG A NE  1 
ATOM   136  C CZ  . ARG A 1 16  ? 5.695   -7.934  -10.079 1.00 24.34 ? 994  ARG A CZ  1 
ATOM   137  N NH1 . ARG A 1 16  ? 4.751   -8.593  -10.756 1.00 23.59 ? 994  ARG A NH1 1 
ATOM   138  N NH2 . ARG A 1 16  ? 6.620   -8.601  -9.408  1.00 27.68 ? 994  ARG A NH2 1 
ATOM   139  N N   . ASN A 1 17  ? -0.533  -4.079  -10.364 1.00 18.58 ? 995  ASN A N   1 
ATOM   140  C CA  . ASN A 1 17  ? -1.541  -3.346  -11.120 1.00 19.16 ? 995  ASN A CA  1 
ATOM   141  C C   . ASN A 1 17  ? -2.291  -2.357  -10.232 1.00 21.15 ? 995  ASN A C   1 
ATOM   142  O O   . ASN A 1 17  ? -2.498  -1.202  -10.632 1.00 19.93 ? 995  ASN A O   1 
ATOM   143  C CB  . ASN A 1 17  ? -2.515  -4.312  -11.789 1.00 20.47 ? 995  ASN A CB  1 
ATOM   144  C CG  . ASN A 1 17  ? -3.648  -3.583  -12.474 1.00 25.97 ? 995  ASN A CG  1 
ATOM   145  O OD1 . ASN A 1 17  ? -4.728  -3.472  -11.927 1.00 25.44 ? 995  ASN A OD1 1 
ATOM   146  N ND2 . ASN A 1 17  ? -3.383  -3.043  -13.660 1.00 31.82 ? 995  ASN A ND2 1 
ATOM   147  N N   . VAL A 1 18  ? -2.694  -2.783  -9.029  1.00 19.39 ? 996  VAL A N   1 
ATOM   148  C CA  . VAL A 1 18  ? -3.360  -1.870  -8.092  1.00 18.28 ? 996  VAL A CA  1 
ATOM   149  C C   . VAL A 1 18  ? -2.446  -0.703  -7.752  1.00 20.58 ? 996  VAL A C   1 
ATOM   150  O O   . VAL A 1 18  ? -2.860  0.465   -7.777  1.00 20.97 ? 996  VAL A O   1 
ATOM   151  C CB  . VAL A 1 18  ? -3.794  -2.608  -6.814  1.00 19.06 ? 996  VAL A CB  1 
ATOM   152  C CG1 . VAL A 1 18  ? -4.376  -1.612  -5.784  1.00 24.40 ? 996  VAL A CG1 1 
ATOM   153  C CG2 . VAL A 1 18  ? -4.803  -3.723  -7.150  1.00 20.57 ? 996  VAL A CG2 1 
ATOM   154  N N   . THR A 1 19  ? -1.183  -0.998  -7.432  1.00 19.29 ? 997  THR A N   1 
ATOM   155  C CA  . THR A 1 19  ? -0.267  0.067   -7.022  1.00 17.48 ? 997  THR A CA  1 
ATOM   156  C C   . THR A 1 19  ? -0.013  1.045   -8.163  1.00 20.50 ? 997  THR A C   1 
ATOM   157  O O   . THR A 1 19  ? 0.093   2.257   -7.939  1.00 21.75 ? 997  THR A O   1 
ATOM   158  C CB  . THR A 1 19  ? 1.046   -0.539  -6.521  1.00 19.81 ? 997  THR A CB  1 
ATOM   159  O OG1 . THR A 1 19  ? 0.762   -1.553  -5.550  1.00 20.77 ? 997  THR A OG1 1 
ATOM   160  C CG2 . THR A 1 19  ? 1.934   0.544   -5.855  1.00 23.86 ? 997  THR A CG2 1 
ATOM   161  N N   . HIS A 1 20  ? 0.100   0.534   -9.393  1.00 20.86 ? 998  HIS A N   1 
ATOM   162  C CA  . HIS A 1 20  ? 0.242   1.402   -10.560 1.00 20.08 ? 998  HIS A CA  1 
ATOM   163  C C   . HIS A 1 20  ? -0.953  2.338   -10.691 1.00 21.70 ? 998  HIS A C   1 
ATOM   164  O O   . HIS A 1 20  ? -0.793  3.535   -10.967 1.00 22.26 ? 998  HIS A O   1 
ATOM   165  C CB  . HIS A 1 20  ? 0.402   0.539   -11.820 1.00 21.16 ? 998  HIS A CB  1 
ATOM   166  C CG  . HIS A 1 20  ? 0.509   1.314   -13.100 1.00 29.07 ? 998  HIS A CG  1 
ATOM   167  N ND1 . HIS A 1 20  ? 1.439   2.312   -13.298 1.00 39.86 ? 998  HIS A ND1 1 
ATOM   168  C CD2 . HIS A 1 20  ? -0.173  1.207   -14.265 1.00 42.25 ? 998  HIS A CD2 1 
ATOM   169  C CE1 . HIS A 1 20  ? 1.316   2.795   -14.522 1.00 35.76 ? 998  HIS A CE1 1 
ATOM   170  N NE2 . HIS A 1 20  ? 0.343   2.141   -15.130 1.00 42.74 ? 998  HIS A NE2 1 
ATOM   171  N N   . ARG A 1 21  ? -2.164  1.815   -10.480 1.00 20.02 ? 999  ARG A N   1 
ATOM   172  C CA  . ARG A 1 21  ? -3.353  2.649   -10.628 1.00 20.51 ? 999  ARG A CA  1 
ATOM   173  C C   . ARG A 1 21  ? -3.419  3.722   -9.546  1.00 21.18 ? 999  ARG A C   1 
ATOM   174  O O   . ARG A 1 21  ? -3.895  4.840   -9.811  1.00 24.84 ? 999  ARG A O   1 
ATOM   175  C CB  . ARG A 1 21  ? -4.610  1.778   -10.637 1.00 20.81 ? 999  ARG A CB  1 
ATOM   176  C CG  . ARG A 1 21  ? -4.754  1.018   -11.976 1.00 21.90 ? 999  ARG A CG  1 
ATOM   177  C CD  . ARG A 1 21  ? -5.483  -0.318  -11.794 1.00 24.97 ? 999  ARG A CD  1 
ATOM   178  N NE  . ARG A 1 21  ? -6.876  -0.109  -11.437 1.00 28.14 ? 999  ARG A NE  1 
ATOM   179  C CZ  . ARG A 1 21  ? -7.700  -1.090  -11.075 1.00 24.54 ? 999  ARG A CZ  1 
ATOM   180  N NH1 . ARG A 1 21  ? -7.264  -2.349  -11.031 1.00 24.97 ? 999  ARG A NH1 1 
ATOM   181  N NH2 . ARG A 1 21  ? -8.956  -0.815  -10.785 1.00 24.20 ? 999  ARG A NH2 1 
ATOM   182  N N   . LEU A 1 22  ? -2.925  3.423   -8.341  1.00 19.37 ? 1000 LEU A N   1 
ATOM   183  C CA  . LEU A 1 22  ? -2.817  4.458   -7.314  1.00 19.49 ? 1000 LEU A CA  1 
ATOM   184  C C   . LEU A 1 22  ? -1.744  5.482   -7.667  1.00 23.25 ? 1000 LEU A C   1 
ATOM   185  O O   . LEU A 1 22  ? -1.947  6.690   -7.494  1.00 22.77 ? 1000 LEU A O   1 
ATOM   186  C CB  . LEU A 1 22  ? -2.509  3.823   -5.950  1.00 20.33 ? 1000 LEU A CB  1 
ATOM   187  C CG  . LEU A 1 22  ? -3.526  2.807   -5.434  1.00 23.07 ? 1000 LEU A CG  1 
ATOM   188  C CD1 . LEU A 1 22  ? -2.989  2.125   -4.178  1.00 21.70 ? 1000 LEU A CD1 1 
ATOM   189  C CD2 . LEU A 1 22  ? -4.869  3.465   -5.152  1.00 23.87 ? 1000 LEU A CD2 1 
ATOM   190  N N   . ALA A 1 23  ? -0.594  5.022   -8.163  1.00 21.01 ? 1001 ALA A N   1 
ATOM   191  C CA  . ALA A 1 23  ? 0.546   5.912   -8.353  1.00 22.84 ? 1001 ALA A CA  1 
ATOM   192  C C   . ALA A 1 23  ? 0.346   6.887   -9.508  1.00 25.02 ? 1001 ALA A C   1 
ATOM   193  O O   . ALA A 1 23  ? 0.960   7.962   -9.511  1.00 28.48 ? 1001 ALA A O   1 
ATOM   194  C CB  . ALA A 1 23  ? 1.811   5.089   -8.580  1.00 26.33 ? 1001 ALA A CB  1 
ATOM   195  N N   . ILE A 1 24  ? -0.478  6.540   -10.500 1.00 25.17 ? 1002 ILE A N   1 
ATOM   196  C CA  . ILE A 1 24  ? -0.695  7.466   -11.610 1.00 28.61 ? 1002 ILE A CA  1 
ATOM   197  C C   . ILE A 1 24  ? -1.780  8.484   -11.299 1.00 31.64 ? 1002 ILE A C   1 
ATOM   198  O O   . ILE A 1 24  ? -1.981  9.416   -12.091 1.00 31.88 ? 1002 ILE A O   1 
ATOM   199  C CB  . ILE A 1 24  ? -1.038  6.742   -12.930 1.00 28.46 ? 1002 ILE A CB  1 
ATOM   200  C CG1 . ILE A 1 24  ? -2.362  5.986   -12.812 1.00 27.05 ? 1002 ILE A CG1 1 
ATOM   201  C CG2 . ILE A 1 24  ? 0.112   5.829   -13.353 1.00 32.66 ? 1002 ILE A CG2 1 
ATOM   202  C CD1 . ILE A 1 24  ? -2.657  5.080   -14.003 1.00 38.27 ? 1002 ILE A CD1 1 
ATOM   203  N N   . ASP A 1 25  ? -2.470  8.346   -10.168 1.00 26.81 ? 1003 ASP A N   1 
ATOM   204  C CA  . ASP A 1 25  ? -3.512  9.277   -9.760  1.00 28.01 ? 1003 ASP A CA  1 
ATOM   205  C C   . ASP A 1 25  ? -2.867  10.553  -9.220  1.00 28.43 ? 1003 ASP A C   1 
ATOM   206  O O   . ASP A 1 25  ? -2.055  10.502  -8.287  1.00 26.88 ? 1003 ASP A O   1 
ATOM   207  C CB  . ASP A 1 25  ? -4.400  8.610   -8.710  1.00 25.68 ? 1003 ASP A CB  1 
ATOM   208  C CG  . ASP A 1 25  ? -5.700  9.356   -8.470  1.00 33.21 ? 1003 ASP A CG  1 
ATOM   209  O OD1 . ASP A 1 25  ? -5.666  10.595  -8.339  1.00 31.60 ? 1003 ASP A OD1 1 
ATOM   210  O OD2 . ASP A 1 25  ? -6.757  8.692   -8.389  1.00 35.28 ? 1003 ASP A OD2 1 
ATOM   211  N N   . LYS A 1 26  ? -3.226  11.702  -9.810  1.00 31.07 ? 1004 LYS A N   1 
ATOM   212  C CA  . LYS A 1 26  ? -2.591  12.964  -9.434  1.00 34.12 ? 1004 LYS A CA  1 
ATOM   213  C C   . LYS A 1 26  ? -2.777  13.290  -7.959  1.00 25.56 ? 1004 LYS A C   1 
ATOM   214  O O   . LYS A 1 26  ? -1.905  13.926  -7.353  1.00 28.48 ? 1004 LYS A O   1 
ATOM   215  C CB  . LYS A 1 26  ? -3.144  14.110  -10.291 1.00 33.86 ? 1004 LYS A CB  1 
ATOM   216  C CG  . LYS A 1 26  ? -2.437  14.272  -11.625 1.00 47.74 ? 1004 LYS A CG  1 
ATOM   217  N N   . ARG A 1 27  ? -3.897  12.875  -7.367  1.00 28.29 ? 1005 ARG A N   1 
ATOM   218  C CA  . ARG A 1 27  ? -4.143  13.159  -5.953  1.00 27.64 ? 1005 ARG A CA  1 
ATOM   219  C C   . ARG A 1 27  ? -3.098  12.517  -5.054  1.00 30.71 ? 1005 ARG A C   1 
ATOM   220  O O   . ARG A 1 27  ? -2.879  12.974  -3.927  1.00 28.68 ? 1005 ARG A O   1 
ATOM   221  C CB  . ARG A 1 27  ? -5.516  12.642  -5.537  1.00 31.02 ? 1005 ARG A CB  1 
ATOM   222  C CG  . ARG A 1 27  ? -6.682  13.280  -6.240  1.00 37.09 ? 1005 ARG A CG  1 
ATOM   223  C CD  . ARG A 1 27  ? -7.957  12.576  -5.830  1.00 31.61 ? 1005 ARG A CD  1 
ATOM   224  N NE  . ARG A 1 27  ? -8.006  11.210  -6.340  1.00 31.73 ? 1005 ARG A NE  1 
ATOM   225  C CZ  . ARG A 1 27  ? -8.876  10.292  -5.939  1.00 32.94 ? 1005 ARG A CZ  1 
ATOM   226  N NH1 . ARG A 1 27  ? -9.784  10.592  -5.013  1.00 34.07 ? 1005 ARG A NH1 1 
ATOM   227  N NH2 . ARG A 1 27  ? -8.849  9.074   -6.471  1.00 37.71 ? 1005 ARG A NH2 1 
ATOM   228  N N   . PHE A 1 28  ? -2.466  11.444  -5.514  1.00 23.82 ? 1006 PHE A N   1 
ATOM   229  C CA  . PHE A 1 28  ? -1.609  10.644  -4.652  1.00 24.63 ? 1006 PHE A CA  1 
ATOM   230  C C   . PHE A 1 28  ? -0.131  10.867  -4.937  1.00 27.48 ? 1006 PHE A C   1 
ATOM   231  O O   . PHE A 1 28  ? 0.711   10.122  -4.424  1.00 25.22 ? 1006 PHE A O   1 
ATOM   232  C CB  . PHE A 1 28  ? -1.982  9.162   -4.786  1.00 23.33 ? 1006 PHE A CB  1 
ATOM   233  C CG  . PHE A 1 28  ? -3.442  8.881   -4.527  1.00 22.77 ? 1006 PHE A CG  1 
ATOM   234  C CD1 . PHE A 1 28  ? -4.144  9.609   -3.566  1.00 24.51 ? 1006 PHE A CD1 1 
ATOM   235  C CD2 . PHE A 1 28  ? -4.118  7.894   -5.239  1.00 22.71 ? 1006 PHE A CD2 1 
ATOM   236  C CE1 . PHE A 1 28  ? -5.491  9.361   -3.328  1.00 24.08 ? 1006 PHE A CE1 1 
ATOM   237  C CE2 . PHE A 1 28  ? -5.467  7.642   -5.013  1.00 23.99 ? 1006 PHE A CE2 1 
ATOM   238  C CZ  . PHE A 1 28  ? -6.156  8.372   -4.049  1.00 25.93 ? 1006 PHE A CZ  1 
ATOM   239  N N   . ARG A 1 29  ? 0.206   11.898  -5.716  1.00 27.63 ? 1007 ARG A N   1 
ATOM   240  C CA  . ARG A 1 29  ? 1.603   12.170  -6.042  1.00 31.22 ? 1007 ARG A CA  1 
ATOM   241  C C   . ARG A 1 29  ? 2.469   12.300  -4.796  1.00 29.15 ? 1007 ARG A C   1 
ATOM   242  O O   . ARG A 1 29  ? 3.626   11.865  -4.790  1.00 28.05 ? 1007 ARG A O   1 
ATOM   243  C CB  . ARG A 1 29  ? 1.702   13.438  -6.895  1.00 29.98 ? 1007 ARG A CB  1 
ATOM   244  C CG  . ARG A 1 29  ? 3.106   13.748  -7.358  1.00 41.33 ? 1007 ARG A CG  1 
ATOM   245  C CD  . ARG A 1 29  ? 3.139   14.926  -8.325  1.00 49.75 ? 1007 ARG A CD  1 
ATOM   246  N NE  . ARG A 1 29  ? 4.397   14.965  -9.068  1.00 62.88 ? 1007 ARG A NE  1 
ATOM   247  C CZ  . ARG A 1 29  ? 4.518   14.674  -10.361 1.00 69.66 ? 1007 ARG A CZ  1 
ATOM   248  N NH1 . ARG A 1 29  ? 3.452   14.332  -11.075 1.00 64.25 ? 1007 ARG A NH1 1 
ATOM   249  N NH2 . ARG A 1 29  ? 5.709   14.732  -10.943 1.00 73.55 ? 1007 ARG A NH2 1 
ATOM   250  N N   . VAL A 1 30  ? 1.924   12.880  -3.720  1.00 27.39 ? 1008 VAL A N   1 
ATOM   251  C CA  A VAL A 1 30  ? 2.696   13.087  -2.501  0.52 29.29 ? 1008 VAL A CA  1 
ATOM   252  C CA  B VAL A 1 30  ? 2.722   13.084  -2.515  0.48 29.29 ? 1008 VAL A CA  1 
ATOM   253  C C   . VAL A 1 30  ? 3.142   11.767  -1.884  1.00 31.53 ? 1008 VAL A C   1 
ATOM   254  O O   . VAL A 1 30  ? 4.116   11.730  -1.120  1.00 31.66 ? 1008 VAL A O   1 
ATOM   255  C CB  A VAL A 1 30  ? 1.866   13.929  -1.504  0.52 31.37 ? 1008 VAL A CB  1 
ATOM   256  C CB  B VAL A 1 30  ? 1.968   13.947  -1.481  0.48 31.37 ? 1008 VAL A CB  1 
ATOM   257  C CG1 A VAL A 1 30  ? 0.657   13.148  -0.997  0.52 32.17 ? 1008 VAL A CG1 1 
ATOM   258  C CG1 B VAL A 1 30  ? 2.039   15.421  -1.862  0.48 29.55 ? 1008 VAL A CG1 1 
ATOM   259  C CG2 A VAL A 1 30  ? 2.724   14.403  -0.353  0.52 34.40 ? 1008 VAL A CG2 1 
ATOM   260  C CG2 B VAL A 1 30  ? 0.529   13.465  -1.309  0.48 31.86 ? 1008 VAL A CG2 1 
ATOM   261  N N   . PHE A 1 31  ? 2.455   10.673  -2.203  1.00 25.59 ? 1009 PHE A N   1 
ATOM   262  C CA  . PHE A 1 31  ? 2.755   9.375   -1.618  1.00 24.58 ? 1009 PHE A CA  1 
ATOM   263  C C   . PHE A 1 31  ? 3.576   8.477   -2.537  1.00 24.54 ? 1009 PHE A C   1 
ATOM   264  O O   . PHE A 1 31  ? 3.791   7.311   -2.202  1.00 26.05 ? 1009 PHE A O   1 
ATOM   265  C CB  . PHE A 1 31  ? 1.453   8.663   -1.241  1.00 22.60 ? 1009 PHE A CB  1 
ATOM   266  C CG  . PHE A 1 31  ? 0.520   9.498   -0.403  1.00 25.29 ? 1009 PHE A CG  1 
ATOM   267  C CD1 . PHE A 1 31  ? 0.932   10.017  0.813   1.00 24.43 ? 1009 PHE A CD1 1 
ATOM   268  C CD2 . PHE A 1 31  ? -0.776  9.743   -0.830  1.00 27.96 ? 1009 PHE A CD2 1 
ATOM   269  C CE1 . PHE A 1 31  ? 0.064   10.792  1.588   1.00 26.53 ? 1009 PHE A CE1 1 
ATOM   270  C CE2 . PHE A 1 31  ? -1.656  10.506  -0.055  1.00 29.92 ? 1009 PHE A CE2 1 
ATOM   271  C CZ  . PHE A 1 31  ? -1.231  11.031  1.150   1.00 30.74 ? 1009 PHE A CZ  1 
ATOM   272  N N   . THR A 1 32  ? 4.043   8.978   -3.675  1.00 24.55 ? 1010 THR A N   1 
ATOM   273  C CA  . THR A 1 32  ? 4.728   8.102   -4.627  1.00 25.86 ? 1010 THR A CA  1 
ATOM   274  C C   . THR A 1 32  ? 6.221   7.957   -4.376  1.00 32.17 ? 1010 THR A C   1 
ATOM   275  O O   . THR A 1 32  ? 6.821   6.995   -4.869  1.00 37.85 ? 1010 THR A O   1 
ATOM   276  C CB  . THR A 1 32  ? 4.538   8.581   -6.069  1.00 30.38 ? 1010 THR A CB  1 
ATOM   277  O OG1 . THR A 1 32  ? 5.034   9.923   -6.224  1.00 29.53 ? 1010 THR A OG1 1 
ATOM   278  C CG2 . THR A 1 32  ? 3.069   8.493   -6.488  1.00 27.82 ? 1010 THR A CG2 1 
ATOM   279  N N   . LYS A 1 33  ? 6.838   8.873   -3.640  1.00 30.12 ? 1011 LYS A N   1 
ATOM   280  C CA  . LYS A 1 33  ? 8.283   8.849   -3.459  1.00 34.78 ? 1011 LYS A CA  1 
ATOM   281  C C   . LYS A 1 33  ? 8.621   8.985   -1.984  1.00 32.58 ? 1011 LYS A C   1 
ATOM   282  O O   . LYS A 1 33  ? 7.849   9.569   -1.223  1.00 38.60 ? 1011 LYS A O   1 
ATOM   283  C CB  . LYS A 1 33  ? 8.964   9.984   -4.244  1.00 36.77 ? 1011 LYS A CB  1 
ATOM   284  C CG  . LYS A 1 33  ? 9.013   9.756   -5.748  1.00 46.98 ? 1011 LYS A CG  1 
ATOM   285  C CD  . LYS A 1 33  ? 9.426   11.022  -6.494  1.00 51.49 ? 1011 LYS A CD  1 
ATOM   286  N N   . PRO A 1 34  ? 9.757   8.437   -1.552  1.00 35.66 ? 1012 PRO A N   1 
ATOM   287  C CA  . PRO A 1 34  ? 10.217  8.700   -0.184  1.00 46.50 ? 1012 PRO A CA  1 
ATOM   288  C C   . PRO A 1 34  ? 10.463  10.187  0.023   1.00 48.36 ? 1012 PRO A C   1 
ATOM   289  O O   . PRO A 1 34  ? 10.879  10.905  -0.891  1.00 50.28 ? 1012 PRO A O   1 
ATOM   290  C CB  . PRO A 1 34  ? 11.524  7.899   -0.081  1.00 45.65 ? 1012 PRO A CB  1 
ATOM   291  C CG  . PRO A 1 34  ? 11.486  6.923   -1.203  1.00 43.53 ? 1012 PRO A CG  1 
ATOM   292  C CD  . PRO A 1 34  ? 10.689  7.575   -2.294  1.00 36.40 ? 1012 PRO A CD  1 
ATOM   293  N N   . VAL A 1 35  ? 10.189  10.646  1.237   1.00 50.43 ? 1013 VAL A N   1 
ATOM   294  C CA  . VAL A 1 35  ? 10.462  12.029  1.615   1.00 54.23 ? 1013 VAL A CA  1 
ATOM   295  C C   . VAL A 1 35  ? 11.948  12.342  1.459   1.00 59.51 ? 1013 VAL A C   1 
ATOM   296  O O   . VAL A 1 35  ? 12.803  11.529  1.814   1.00 65.76 ? 1013 VAL A O   1 
ATOM   297  C CB  . VAL A 1 35  ? 10.010  12.304  3.052   1.00 57.81 ? 1013 VAL A CB  1 
ATOM   298  C CG1 . VAL A 1 35  ? 8.500   12.480  3.112   1.00 56.31 ? 1013 VAL A CG1 1 
ATOM   299  C CG2 . VAL A 1 35  ? 10.453  11.166  3.943   1.00 55.68 ? 1013 VAL A CG2 1 
ATOM   300  N N   . GLU A 1 39  ? 15.284  17.774  2.372   1.00 72.90 ? 1017 GLU A N   1 
ATOM   301  C CA  . GLU A 1 39  ? 14.052  18.490  2.061   1.00 72.28 ? 1017 GLU A CA  1 
ATOM   302  C C   . GLU A 1 39  ? 13.330  18.914  3.337   1.00 78.32 ? 1017 GLU A C   1 
ATOM   303  O O   . GLU A 1 39  ? 13.100  20.103  3.564   1.00 80.21 ? 1017 GLU A O   1 
ATOM   304  C CB  . GLU A 1 39  ? 13.134  17.626  1.194   1.00 75.40 ? 1017 GLU A CB  1 
ATOM   305  N N   . VAL A 1 40  ? 12.968  17.939  4.165   1.00 75.32 ? 1018 VAL A N   1 
ATOM   306  C CA  . VAL A 1 40  ? 12.367  18.230  5.464   1.00 78.79 ? 1018 VAL A CA  1 
ATOM   307  C C   . VAL A 1 40  ? 13.047  17.354  6.515   1.00 80.13 ? 1018 VAL A C   1 
ATOM   308  O O   . VAL A 1 40  ? 12.930  16.119  6.478   1.00 73.22 ? 1018 VAL A O   1 
ATOM   309  C CB  . VAL A 1 40  ? 10.835  18.059  5.424   1.00 74.06 ? 1018 VAL A CB  1 
ATOM   310  C CG1 . VAL A 1 40  ? 10.421  16.651  5.007   1.00 74.87 ? 1018 VAL A CG1 1 
ATOM   311  C CG2 . VAL A 1 40  ? 10.218  18.447  6.754   1.00 76.59 ? 1018 VAL A CG2 1 
ATOM   312  N N   . PRO A 1 41  ? 13.792  17.948  7.452   1.00 78.80 ? 1019 PRO A N   1 
ATOM   313  C CA  . PRO A 1 41  ? 14.646  17.148  8.344   1.00 77.73 ? 1019 PRO A CA  1 
ATOM   314  C C   . PRO A 1 41  ? 13.928  16.529  9.530   1.00 71.32 ? 1019 PRO A C   1 
ATOM   315  O O   . PRO A 1 41  ? 14.496  15.632  10.168  1.00 70.76 ? 1019 PRO A O   1 
ATOM   316  C CB  . PRO A 1 41  ? 15.701  18.165  8.824   1.00 81.90 ? 1019 PRO A CB  1 
ATOM   317  C CG  . PRO A 1 41  ? 15.454  19.432  8.025   1.00 81.85 ? 1019 PRO A CG  1 
ATOM   318  C CD  . PRO A 1 41  ? 14.019  19.389  7.630   1.00 77.95 ? 1019 PRO A CD  1 
ATOM   319  N N   . ASP A 1 42  ? 12.716  16.965  9.856   1.00 72.92 ? 1020 ASP A N   1 
ATOM   320  C CA  . ASP A 1 42  ? 12.019  16.443  11.024  1.00 73.92 ? 1020 ASP A CA  1 
ATOM   321  C C   . ASP A 1 42  ? 11.131  15.248  10.712  1.00 72.10 ? 1020 ASP A C   1 
ATOM   322  O O   . ASP A 1 42  ? 10.428  14.771  11.606  1.00 66.69 ? 1020 ASP A O   1 
ATOM   323  C CB  . ASP A 1 42  ? 11.173  17.538  11.669  1.00 73.73 ? 1020 ASP A CB  1 
ATOM   324  C CG  . ASP A 1 42  ? 9.969   17.899  10.837  1.00 69.57 ? 1020 ASP A CG  1 
ATOM   325  O OD1 . ASP A 1 42  ? 10.132  18.632  9.842   1.00 78.59 ? 1020 ASP A OD1 1 
ATOM   326  O OD2 . ASP A 1 42  ? 8.856   17.452  11.178  1.00 73.78 ? 1020 ASP A OD2 1 
ATOM   327  N N   . TYR A 1 43  ? 11.131  14.759  9.474   1.00 71.60 ? 1021 TYR A N   1 
ATOM   328  C CA  . TYR A 1 43  ? 10.308  13.597  9.164   1.00 67.60 ? 1021 TYR A CA  1 
ATOM   329  C C   . TYR A 1 43  ? 10.847  12.345  9.844   1.00 65.84 ? 1021 TYR A C   1 
ATOM   330  O O   . TYR A 1 43  ? 10.075  11.543  10.382  1.00 58.31 ? 1021 TYR A O   1 
ATOM   331  C CB  . TYR A 1 43  ? 10.219  13.398  7.652   1.00 62.22 ? 1021 TYR A CB  1 
ATOM   332  C CG  . TYR A 1 43  ? 9.069   12.511  7.236   1.00 54.78 ? 1021 TYR A CG  1 
ATOM   333  C CD1 . TYR A 1 43  ? 7.786   13.024  7.094   1.00 56.48 ? 1021 TYR A CD1 1 
ATOM   334  C CD2 . TYR A 1 43  ? 9.263   11.155  7.009   1.00 58.39 ? 1021 TYR A CD2 1 
ATOM   335  C CE1 . TYR A 1 43  ? 6.730   12.209  6.720   1.00 53.59 ? 1021 TYR A CE1 1 
ATOM   336  C CE2 . TYR A 1 43  ? 8.219   10.337  6.624   1.00 47.53 ? 1021 TYR A CE2 1 
ATOM   337  C CZ  . TYR A 1 43  ? 6.956   10.868  6.487   1.00 50.47 ? 1021 TYR A CZ  1 
ATOM   338  O OH  . TYR A 1 43  ? 5.914   10.052  6.119   1.00 45.57 ? 1021 TYR A OH  1 
ATOM   339  N N   . VAL A 1 44  ? 12.174  12.176  9.853   1.00 68.10 ? 1022 VAL A N   1 
ATOM   340  C CA  . VAL A 1 44  ? 12.784  10.957  10.370  1.00 68.30 ? 1022 VAL A CA  1 
ATOM   341  C C   . VAL A 1 44  ? 12.580  10.793  11.871  1.00 72.97 ? 1022 VAL A C   1 
ATOM   342  O O   . VAL A 1 44  ? 12.618  9.664   12.375  1.00 77.14 ? 1022 VAL A O   1 
ATOM   343  C CB  . VAL A 1 44  ? 14.285  10.926  10.031  1.00 73.26 ? 1022 VAL A CB  1 
ATOM   344  N N   . THR A 1 45  ? 12.372  11.883  12.607  1.00 71.53 ? 1023 THR A N   1 
ATOM   345  C CA  . THR A 1 45  ? 12.154  11.782  14.044  1.00 70.78 ? 1023 THR A CA  1 
ATOM   346  C C   . THR A 1 45  ? 10.686  11.643  14.413  1.00 71.72 ? 1023 THR A C   1 
ATOM   347  O O   . THR A 1 45  ? 10.380  11.190  15.522  1.00 72.75 ? 1023 THR A O   1 
ATOM   348  C CB  . THR A 1 45  ? 12.730  13.003  14.766  1.00 76.20 ? 1023 THR A CB  1 
ATOM   349  O OG1 . THR A 1 45  ? 12.321  12.978  16.139  1.00 77.57 ? 1023 THR A OG1 1 
ATOM   350  C CG2 . THR A 1 45  ? 12.220  14.273  14.126  1.00 70.18 ? 1023 THR A CG2 1 
ATOM   351  N N   . VAL A 1 46  ? 9.781   12.034  13.523  1.00 65.96 ? 1024 VAL A N   1 
ATOM   352  C CA  . VAL A 1 46  ? 8.353   11.850  13.756  1.00 61.32 ? 1024 VAL A CA  1 
ATOM   353  C C   . VAL A 1 46  ? 7.880   10.504  13.225  1.00 63.21 ? 1024 VAL A C   1 
ATOM   354  O O   . VAL A 1 46  ? 7.034   9.846   13.839  1.00 61.48 ? 1024 VAL A O   1 
ATOM   355  C CB  . VAL A 1 46  ? 7.572   13.017  13.119  1.00 66.13 ? 1024 VAL A CB  1 
ATOM   356  C CG1 . VAL A 1 46  ? 6.079   12.857  13.349  1.00 61.08 ? 1024 VAL A CG1 1 
ATOM   357  C CG2 . VAL A 1 46  ? 8.058   14.344  13.681  1.00 66.77 ? 1024 VAL A CG2 1 
ATOM   358  N N   . ILE A 1 47  ? 8.429   10.071  12.096  1.00 55.21 ? 1025 ILE A N   1 
ATOM   359  C CA  . ILE A 1 47  ? 7.963   8.883   11.396  1.00 47.64 ? 1025 ILE A CA  1 
ATOM   360  C C   . ILE A 1 47  ? 9.057   7.830   11.493  1.00 42.68 ? 1025 ILE A C   1 
ATOM   361  O O   . ILE A 1 47  ? 10.100  7.937   10.831  1.00 41.52 ? 1025 ILE A O   1 
ATOM   362  C CB  . ILE A 1 47  ? 7.604   9.191   9.935   1.00 46.18 ? 1025 ILE A CB  1 
ATOM   363  C CG1 . ILE A 1 47  ? 6.593   10.339  9.864   1.00 48.49 ? 1025 ILE A CG1 1 
ATOM   364  C CG2 . ILE A 1 47  ? 7.045   7.953   9.259   1.00 38.36 ? 1025 ILE A CG2 1 
ATOM   365  C CD1 . ILE A 1 47  ? 5.298   10.074  10.616  1.00 45.53 ? 1025 ILE A CD1 1 
ATOM   366  N N   . LYS A 1 48  ? 8.805   6.800   12.304  1.00 43.94 ? 1026 LYS A N   1 
ATOM   367  C CA  . LYS A 1 48  ? 9.784   5.742   12.528  1.00 42.39 ? 1026 LYS A CA  1 
ATOM   368  C C   . LYS A 1 48  ? 9.848   4.743   11.379  1.00 46.93 ? 1026 LYS A C   1 
ATOM   369  O O   . LYS A 1 48  ? 10.913  4.165   11.130  1.00 38.23 ? 1026 LYS A O   1 
ATOM   370  C CB  . LYS A 1 48  ? 9.471   5.011   13.833  1.00 47.70 ? 1026 LYS A CB  1 
ATOM   371  C CG  . LYS A 1 48  ? 9.622   5.874   15.078  1.00 54.37 ? 1026 LYS A CG  1 
ATOM   372  C CD  . LYS A 1 48  ? 11.004  6.507   15.159  1.00 52.55 ? 1026 LYS A CD  1 
ATOM   373  C CE  . LYS A 1 48  ? 10.904  8.024   15.226  1.00 60.98 ? 1026 LYS A CE  1 
ATOM   374  N NZ  . LYS A 1 48  ? 12.238  8.679   15.257  1.00 65.05 ? 1026 LYS A NZ  1 
ATOM   375  N N   . GLN A 1 49  ? 8.738   4.499   10.680  1.00 41.24 ? 1027 GLN A N   1 
ATOM   376  C CA  A GLN A 1 49  ? 8.727   3.608   9.523   0.58 39.57 ? 1027 GLN A CA  1 
ATOM   377  C CA  B GLN A 1 49  ? 8.748   3.615   9.514   0.42 39.56 ? 1027 GLN A CA  1 
ATOM   378  C C   . GLN A 1 49  ? 8.086   4.340   8.344   1.00 31.03 ? 1027 GLN A C   1 
ATOM   379  O O   . GLN A 1 49  ? 6.879   4.219   8.122   1.00 34.62 ? 1027 GLN A O   1 
ATOM   380  C CB  A GLN A 1 49  ? 7.984   2.307   9.818   0.58 39.96 ? 1027 GLN A CB  1 
ATOM   381  C CB  B GLN A 1 49  ? 8.068   2.276   9.793   0.42 39.96 ? 1027 GLN A CB  1 
ATOM   382  C CG  A GLN A 1 49  ? 8.110   1.303   8.682   0.58 33.69 ? 1027 GLN A CG  1 
ATOM   383  C CG  B GLN A 1 49  ? 6.953   2.300   10.803  0.42 34.85 ? 1027 GLN A CG  1 
ATOM   384  C CD  A GLN A 1 49  ? 7.545   -0.058  9.007   0.58 38.02 ? 1027 GLN A CD  1 
ATOM   385  C CD  B GLN A 1 49  ? 6.280   0.946   10.933  0.42 36.62 ? 1027 GLN A CD  1 
ATOM   386  O OE1 A GLN A 1 49  ? 6.853   -0.236  10.007  0.58 43.47 ? 1027 GLN A OE1 1 
ATOM   387  O OE1 B GLN A 1 49  ? 6.562   0.026   10.166  0.42 42.83 ? 1027 GLN A OE1 1 
ATOM   388  N NE2 A GLN A 1 49  ? 7.833   -1.031  8.153   0.58 30.95 ? 1027 GLN A NE2 1 
ATOM   389  N NE2 B GLN A 1 49  ? 5.383   0.818   11.900  0.42 34.32 ? 1027 GLN A NE2 1 
ATOM   390  N N   . PRO A 1 50  ? 8.874   5.091   7.583   1.00 35.42 ? 1028 PRO A N   1 
ATOM   391  C CA  . PRO A 1 50  ? 8.337   5.710   6.365   1.00 32.63 ? 1028 PRO A CA  1 
ATOM   392  C C   . PRO A 1 50  ? 7.843   4.648   5.391   1.00 37.17 ? 1028 PRO A C   1 
ATOM   393  O O   . PRO A 1 50  ? 8.359   3.528   5.334   1.00 30.84 ? 1028 PRO A O   1 
ATOM   394  C CB  . PRO A 1 50  ? 9.541   6.472   5.793   1.00 36.73 ? 1028 PRO A CB  1 
ATOM   395  C CG  . PRO A 1 50  ? 10.534  6.557   6.913   1.00 44.16 ? 1028 PRO A CG  1 
ATOM   396  C CD  . PRO A 1 50  ? 10.308  5.357   7.763   1.00 35.79 ? 1028 PRO A CD  1 
ATOM   397  N N   . MET A 1 51  ? 6.817   5.004   4.627   1.00 29.74 ? 1029 MET A N   1 
ATOM   398  C CA  . MET A 1 51  ? 6.297   4.108   3.602   1.00 25.66 ? 1029 MET A CA  1 
ATOM   399  C C   . MET A 1 51  ? 5.737   4.966   2.479   1.00 26.65 ? 1029 MET A C   1 
ATOM   400  O O   . MET A 1 51  ? 5.212   6.053   2.721   1.00 28.60 ? 1029 MET A O   1 
ATOM   401  C CB  . MET A 1 51  ? 5.234   3.161   4.181   1.00 24.28 ? 1029 MET A CB  1 
ATOM   402  C CG  . MET A 1 51  ? 4.789   1.993   3.247   1.00 25.82 ? 1029 MET A CG  1 
ATOM   403  S SD  . MET A 1 51  ? 6.125   0.999   2.525   1.00 30.52 ? 1029 MET A SD  1 
ATOM   404  C CE  . MET A 1 51  ? 6.878   0.318   4.004   1.00 27.94 ? 1029 MET A CE  1 
ATOM   405  N N   . ASP A 1 52  ? 5.885   4.484   1.250   1.00 23.61 ? 1030 ASP A N   1 
ATOM   406  C CA  . ASP A 1 52  ? 5.455   5.207   0.061   1.00 23.55 ? 1030 ASP A CA  1 
ATOM   407  C C   . ASP A 1 52  ? 5.238   4.182   -1.042  1.00 26.14 ? 1030 ASP A C   1 
ATOM   408  O O   . ASP A 1 52  ? 5.652   3.029   -0.922  1.00 25.05 ? 1030 ASP A O   1 
ATOM   409  C CB  . ASP A 1 52  ? 6.493   6.248   -0.364  1.00 27.75 ? 1030 ASP A CB  1 
ATOM   410  C CG  . ASP A 1 52  ? 7.777   5.605   -0.845  1.00 38.50 ? 1030 ASP A CG  1 
ATOM   411  O OD1 . ASP A 1 52  ? 8.652   5.294   -0.008  1.00 44.57 ? 1030 ASP A OD1 1 
ATOM   412  O OD2 . ASP A 1 52  ? 7.905   5.388   -2.060  1.00 38.19 ? 1030 ASP A OD2 1 
ATOM   413  N N   . LEU A 1 53  ? 4.609   4.621   -2.139  1.00 23.50 ? 1031 LEU A N   1 
ATOM   414  C CA  . LEU A 1 53  ? 4.193   3.660   -3.163  1.00 23.64 ? 1031 LEU A CA  1 
ATOM   415  C C   . LEU A 1 53  ? 5.379   3.087   -3.928  1.00 24.65 ? 1031 LEU A C   1 
ATOM   416  O O   . LEU A 1 53  ? 5.314   1.939   -4.380  1.00 22.95 ? 1031 LEU A O   1 
ATOM   417  C CB  . LEU A 1 53  ? 3.195   4.308   -4.125  1.00 23.42 ? 1031 LEU A CB  1 
ATOM   418  C CG  . LEU A 1 53  ? 1.845   4.669   -3.492  1.00 22.55 ? 1031 LEU A CG  1 
ATOM   419  C CD1 . LEU A 1 53  ? 0.974   5.454   -4.482  1.00 24.81 ? 1031 LEU A CD1 1 
ATOM   420  C CD2 . LEU A 1 53  ? 1.089   3.439   -2.982  1.00 24.04 ? 1031 LEU A CD2 1 
ATOM   421  N N   . SER A 1 54  ? 6.468   3.848   -4.084  1.00 27.14 ? 1032 SER A N   1 
ATOM   422  C CA  . SER A 1 54  ? 7.667   3.280   -4.702  1.00 26.28 ? 1032 SER A CA  1 
ATOM   423  C C   . SER A 1 54  ? 8.260   2.172   -3.840  1.00 24.69 ? 1032 SER A C   1 
ATOM   424  O O   . SER A 1 54  ? 8.716   1.151   -4.368  1.00 26.92 ? 1032 SER A O   1 
ATOM   425  C CB  A SER A 1 54  ? 8.703   4.377   -4.954  0.41 29.11 ? 1032 SER A CB  1 
ATOM   426  C CB  B SER A 1 54  ? 8.712   4.371   -4.953  0.59 29.10 ? 1032 SER A CB  1 
ATOM   427  O OG  A SER A 1 54  ? 9.190   4.892   -3.728  0.41 31.91 ? 1032 SER A OG  1 
ATOM   428  O OG  B SER A 1 54  ? 8.354   5.179   -6.059  0.59 32.77 ? 1032 SER A OG  1 
ATOM   429  N N   . SER A 1 55  ? 8.260   2.356   -2.513  1.00 24.55 ? 1033 SER A N   1 
ATOM   430  C CA  . SER A 1 55  ? 8.754   1.317   -1.610  1.00 27.35 ? 1033 SER A CA  1 
ATOM   431  C C   . SER A 1 55  ? 7.844   0.097   -1.629  1.00 26.89 ? 1033 SER A C   1 
ATOM   432  O O   . SER A 1 55  ? 8.319   -1.037  -1.504  1.00 26.60 ? 1033 SER A O   1 
ATOM   433  C CB  . SER A 1 55  ? 8.886   1.858   -0.187  1.00 32.75 ? 1033 SER A CB  1 
ATOM   434  O OG  . SER A 1 55  ? 9.789   2.948   -0.157  1.00 37.61 ? 1033 SER A OG  1 
ATOM   435  N N   . VAL A 1 56  ? 6.536   0.315   -1.770  1.00 21.89 ? 1034 VAL A N   1 
ATOM   436  C CA  . VAL A 1 56  ? 5.600   -0.799  -1.912  1.00 20.68 ? 1034 VAL A CA  1 
ATOM   437  C C   . VAL A 1 56  ? 5.924   -1.618  -3.159  1.00 21.16 ? 1034 VAL A C   1 
ATOM   438  O O   . VAL A 1 56  ? 5.936   -2.859  -3.120  1.00 23.11 ? 1034 VAL A O   1 
ATOM   439  C CB  . VAL A 1 56  ? 4.154   -0.265  -1.939  1.00 19.91 ? 1034 VAL A CB  1 
ATOM   440  C CG1 . VAL A 1 56  ? 3.172   -1.354  -2.399  1.00 21.61 ? 1034 VAL A CG1 1 
ATOM   441  C CG2 . VAL A 1 56  ? 3.762   0.261   -0.561  1.00 22.96 ? 1034 VAL A CG2 1 
ATOM   442  N N   . ILE A 1 57  ? 6.172   -0.942  -4.289  1.00 20.41 ? 1035 ILE A N   1 
ATOM   443  C CA  . ILE A 1 57  ? 6.512   -1.652  -5.524  1.00 20.79 ? 1035 ILE A CA  1 
ATOM   444  C C   . ILE A 1 57  ? 7.787   -2.464  -5.339  1.00 23.84 ? 1035 ILE A C   1 
ATOM   445  O O   . ILE A 1 57  ? 7.896   -3.598  -5.826  1.00 24.34 ? 1035 ILE A O   1 
ATOM   446  C CB  . ILE A 1 57  ? 6.645   -0.666  -6.700  1.00 27.06 ? 1035 ILE A CB  1 
ATOM   447  C CG1 . ILE A 1 57  ? 5.266   -0.147  -7.120  1.00 29.22 ? 1035 ILE A CG1 1 
ATOM   448  C CG2 . ILE A 1 57  ? 7.321   -1.337  -7.913  1.00 29.69 ? 1035 ILE A CG2 1 
ATOM   449  C CD1 . ILE A 1 57  ? 5.319   1.158   -7.859  1.00 35.72 ? 1035 ILE A CD1 1 
ATOM   450  N N   . SER A 1 58  ? 8.778   -1.892  -4.652  1.00 24.92 ? 1036 SER A N   1 
ATOM   451  C CA  . SER A 1 58  ? 10.010  -2.639  -4.389  1.00 22.86 ? 1036 SER A CA  1 
ATOM   452  C C   . SER A 1 58  ? 9.736   -3.878  -3.552  1.00 23.67 ? 1036 SER A C   1 
ATOM   453  O O   . SER A 1 58  ? 10.288  -4.956  -3.819  1.00 26.45 ? 1036 SER A O   1 
ATOM   454  C CB  . SER A 1 58  ? 11.028  -1.739  -3.687  1.00 27.77 ? 1036 SER A CB  1 
ATOM   455  O OG  . SER A 1 58  ? 11.465  -0.721  -4.561  1.00 37.23 ? 1036 SER A OG  1 
ATOM   456  N N   . LYS A 1 59  ? 8.874   -3.752  -2.544  1.00 22.41 ? 1037 LYS A N   1 
ATOM   457  C CA  . LYS A 1 59  ? 8.564   -4.897  -1.698  1.00 21.08 ? 1037 LYS A CA  1 
ATOM   458  C C   . LYS A 1 59  ? 7.810   -5.975  -2.469  1.00 23.16 ? 1037 LYS A C   1 
ATOM   459  O O   . LYS A 1 59  ? 8.012   -7.168  -2.219  1.00 22.95 ? 1037 LYS A O   1 
ATOM   460  C CB  . LYS A 1 59  ? 7.789   -4.446  -0.463  1.00 22.02 ? 1037 LYS A CB  1 
ATOM   461  C CG  . LYS A 1 59  ? 8.682   -3.646  0.497   1.00 26.04 ? 1037 LYS A CG  1 
ATOM   462  C CD  . LYS A 1 59  ? 7.942   -3.227  1.749   1.00 25.75 ? 1037 LYS A CD  1 
ATOM   463  C CE  . LYS A 1 59  ? 7.507   -4.430  2.574   1.00 27.36 ? 1037 LYS A CE  1 
ATOM   464  N NZ  . LYS A 1 59  ? 7.001   -4.029  3.922   1.00 34.88 ? 1037 LYS A NZ  1 
ATOM   465  N N   . ILE A 1 60  ? 6.941   -5.583  -3.410  1.00 22.41 ? 1038 ILE A N   1 
ATOM   466  C CA  . ILE A 1 60  ? 6.290   -6.598  -4.239  1.00 20.13 ? 1038 ILE A CA  1 
ATOM   467  C C   . ILE A 1 60  ? 7.345   -7.430  -4.958  1.00 21.72 ? 1038 ILE A C   1 
ATOM   468  O O   . ILE A 1 60  ? 7.290   -8.669  -4.961  1.00 22.84 ? 1038 ILE A O   1 
ATOM   469  C CB  . ILE A 1 60  ? 5.324   -5.961  -5.257  1.00 19.47 ? 1038 ILE A CB  1 
ATOM   470  C CG1 . ILE A 1 60  ? 4.162   -5.265  -4.563  1.00 21.22 ? 1038 ILE A CG1 1 
ATOM   471  C CG2 . ILE A 1 60  ? 4.777   -7.068  -6.216  1.00 19.93 ? 1038 ILE A CG2 1 
ATOM   472  C CD1 . ILE A 1 60  ? 3.360   -4.386  -5.542  1.00 21.06 ? 1038 ILE A CD1 1 
ATOM   473  N N   . ASP A 1 61  ? 8.310   -6.753  -5.596  1.00 21.73 ? 1039 ASP A N   1 
ATOM   474  C CA  . ASP A 1 61  ? 9.318   -7.434  -6.407  1.00 21.99 ? 1039 ASP A CA  1 
ATOM   475  C C   . ASP A 1 61  ? 10.307  -8.216  -5.555  1.00 25.88 ? 1039 ASP A C   1 
ATOM   476  O O   . ASP A 1 61  ? 10.902  -9.177  -6.052  1.00 28.45 ? 1039 ASP A O   1 
ATOM   477  C CB  . ASP A 1 61  ? 10.070  -6.425  -7.291  1.00 26.92 ? 1039 ASP A CB  1 
ATOM   478  C CG  . ASP A 1 61  ? 9.179   -5.797  -8.366  1.00 29.31 ? 1039 ASP A CG  1 
ATOM   479  O OD1 . ASP A 1 61  ? 8.096   -6.350  -8.644  1.00 33.49 ? 1039 ASP A OD1 1 
ATOM   480  O OD2 . ASP A 1 61  ? 9.554   -4.738  -8.923  1.00 34.71 ? 1039 ASP A OD2 1 
ATOM   481  N N   . LEU A 1 62  ? 10.474  -7.852  -4.284  1.00 24.84 ? 1040 LEU A N   1 
ATOM   482  C CA  . LEU A 1 62  ? 11.272  -8.636  -3.344  1.00 26.37 ? 1040 LEU A CA  1 
ATOM   483  C C   . LEU A 1 62  ? 10.479  -9.771  -2.700  1.00 27.49 ? 1040 LEU A C   1 
ATOM   484  O O   . LEU A 1 62  ? 10.988  -10.431 -1.785  1.00 30.71 ? 1040 LEU A O   1 
ATOM   485  C CB  . LEU A 1 62  ? 11.857  -7.729  -2.255  1.00 26.55 ? 1040 LEU A CB  1 
ATOM   486  C CG  . LEU A 1 62  ? 12.884  -6.699  -2.726  1.00 32.32 ? 1040 LEU A CG  1 
ATOM   487  C CD1 . LEU A 1 62  ? 13.183  -5.721  -1.600  1.00 32.47 ? 1040 LEU A CD1 1 
ATOM   488  C CD2 . LEU A 1 62  ? 14.163  -7.380  -3.215  1.00 34.84 ? 1040 LEU A CD2 1 
ATOM   489  N N   . HIS A 1 63  ? 9.247   -10.014 -3.160  1.00 25.96 ? 1041 HIS A N   1 
ATOM   490  C CA  . HIS A 1 63  ? 8.396   -11.099 -2.660  1.00 23.97 ? 1041 HIS A CA  1 
ATOM   491  C C   . HIS A 1 63  ? 8.102   -10.953 -1.173  1.00 26.79 ? 1041 HIS A C   1 
ATOM   492  O O   . HIS A 1 63  ? 8.008   -11.940 -0.438  1.00 30.45 ? 1041 HIS A O   1 
ATOM   493  C CB  . HIS A 1 63  ? 9.000   -12.479 -2.958  1.00 28.09 ? 1041 HIS A CB  1 
ATOM   494  C CG  . HIS A 1 63  ? 9.227   -12.742 -4.410  1.00 25.05 ? 1041 HIS A CG  1 
ATOM   495  N ND1 . HIS A 1 63  ? 9.552   -13.993 -4.890  1.00 34.88 ? 1041 HIS A ND1 1 
ATOM   496  C CD2 . HIS A 1 63  ? 9.175   -11.928 -5.491  1.00 24.40 ? 1041 HIS A CD2 1 
ATOM   497  C CE1 . HIS A 1 63  ? 9.694   -13.936 -6.200  1.00 30.18 ? 1041 HIS A CE1 1 
ATOM   498  N NE2 . HIS A 1 63  ? 9.476   -12.692 -6.591  1.00 31.62 ? 1041 HIS A NE2 1 
ATOM   499  N N   . LYS A 1 64  ? 7.920   -9.711  -0.722  1.00 24.27 ? 1042 LYS A N   1 
ATOM   500  C CA  . LYS A 1 64  ? 7.633   -9.474  0.683   1.00 26.61 ? 1042 LYS A CA  1 
ATOM   501  C C   . LYS A 1 64  ? 6.158   -9.601  1.030   1.00 26.30 ? 1042 LYS A C   1 
ATOM   502  O O   . LYS A 1 64  ? 5.833   -9.710  2.218   1.00 29.47 ? 1042 LYS A O   1 
ATOM   503  C CB  . LYS A 1 64  ? 8.119   -8.082  1.101   1.00 25.93 ? 1042 LYS A CB  1 
ATOM   504  C CG  . LYS A 1 64  ? 9.602   -7.835  0.911   1.00 31.13 ? 1042 LYS A CG  1 
ATOM   505  C CD  . LYS A 1 64  ? 10.439  -8.755  1.768   1.00 42.49 ? 1042 LYS A CD  1 
ATOM   506  C CE  . LYS A 1 64  ? 11.918  -8.382  1.682   1.00 45.12 ? 1042 LYS A CE  1 
ATOM   507  N NZ  . LYS A 1 64  ? 12.763  -9.319  2.477   1.00 53.67 ? 1042 LYS A NZ  1 
ATOM   508  N N   . TYR A 1 65  ? 5.253   -9.575  0.040   1.00 24.72 ? 1043 TYR A N   1 
ATOM   509  C CA  . TYR A 1 65  ? 3.819   -9.689  0.285   1.00 22.16 ? 1043 TYR A CA  1 
ATOM   510  C C   . TYR A 1 65  ? 3.359   -11.072 -0.163  1.00 26.43 ? 1043 TYR A C   1 
ATOM   511  O O   . TYR A 1 65  ? 3.378   -11.382 -1.359  1.00 30.11 ? 1043 TYR A O   1 
ATOM   512  C CB  . TYR A 1 65  ? 3.020   -8.609  -0.450  1.00 21.35 ? 1043 TYR A CB  1 
ATOM   513  C CG  . TYR A 1 65  ? 3.430   -7.178  -0.140  1.00 22.55 ? 1043 TYR A CG  1 
ATOM   514  C CD1 . TYR A 1 65  ? 3.386   -6.683  1.162   1.00 24.17 ? 1043 TYR A CD1 1 
ATOM   515  C CD2 . TYR A 1 65  ? 3.848   -6.325  -1.161  1.00 22.55 ? 1043 TYR A CD2 1 
ATOM   516  C CE1 . TYR A 1 65  ? 3.762   -5.365  1.433   1.00 24.32 ? 1043 TYR A CE1 1 
ATOM   517  C CE2 . TYR A 1 65  ? 4.229   -5.014  -0.900  1.00 21.50 ? 1043 TYR A CE2 1 
ATOM   518  C CZ  . TYR A 1 65  ? 4.174   -4.542  0.390   1.00 23.56 ? 1043 TYR A CZ  1 
ATOM   519  O OH  . TYR A 1 65  ? 4.561   -3.242  0.635   1.00 25.33 ? 1043 TYR A OH  1 
ATOM   520  N N   . LEU A 1 66  ? 2.942   -11.896 0.791   1.00 24.53 ? 1044 LEU A N   1 
ATOM   521  C CA  . LEU A 1 66  ? 2.373   -13.199 0.467   1.00 25.34 ? 1044 LEU A CA  1 
ATOM   522  C C   . LEU A 1 66  ? 0.858   -13.213 0.571   1.00 26.77 ? 1044 LEU A C   1 
ATOM   523  O O   . LEU A 1 66  ? 0.231   -14.208 0.188   1.00 27.65 ? 1044 LEU A O   1 
ATOM   524  C CB  . LEU A 1 66  ? 2.949   -14.283 1.397   1.00 26.03 ? 1044 LEU A CB  1 
ATOM   525  C CG  . LEU A 1 66  ? 4.466   -14.459 1.368   1.00 37.33 ? 1044 LEU A CG  1 
ATOM   526  C CD1 . LEU A 1 66  ? 4.843   -15.710 2.151   1.00 37.79 ? 1044 LEU A CD1 1 
ATOM   527  C CD2 . LEU A 1 66  ? 5.003   -14.528 -0.049  1.00 33.35 ? 1044 LEU A CD2 1 
ATOM   528  N N   . THR A 1 67  ? 0.257   -12.143 1.088   1.00 24.29 ? 1045 THR A N   1 
ATOM   529  C CA  . THR A 1 67  ? -1.185  -12.045 1.228   1.00 23.54 ? 1045 THR A CA  1 
ATOM   530  C C   . THR A 1 67  ? -1.593  -10.609 0.947   1.00 24.01 ? 1045 THR A C   1 
ATOM   531  O O   . THR A 1 67  ? -0.780  -9.686  1.042   1.00 23.69 ? 1045 THR A O   1 
ATOM   532  C CB  . THR A 1 67  ? -1.686  -12.418 2.632   1.00 30.05 ? 1045 THR A CB  1 
ATOM   533  O OG1 . THR A 1 67  ? -1.208  -11.453 3.576   1.00 30.09 ? 1045 THR A OG1 1 
ATOM   534  C CG2 . THR A 1 67  ? -1.221  -13.821 3.061   1.00 30.70 ? 1045 THR A CG2 1 
ATOM   535  N N   . VAL A 1 68  ? -2.866  -10.426 0.605   1.00 24.41 ? 1046 VAL A N   1 
ATOM   536  C CA  A VAL A 1 68  ? -3.348  -9.064  0.400   0.50 26.15 ? 1046 VAL A CA  1 
ATOM   537  C CA  B VAL A 1 68  ? -3.369  -9.073  0.406   0.50 26.16 ? 1046 VAL A CA  1 
ATOM   538  C C   . VAL A 1 68  ? -3.351  -8.304  1.719   1.00 27.37 ? 1046 VAL A C   1 
ATOM   539  O O   . VAL A 1 68  ? -3.132  -7.087  1.732   1.00 26.13 ? 1046 VAL A O   1 
ATOM   540  C CB  A VAL A 1 68  ? -4.735  -9.043  -0.276  0.50 29.80 ? 1046 VAL A CB  1 
ATOM   541  C CB  B VAL A 1 68  ? -4.766  -9.137  -0.230  0.50 29.78 ? 1046 VAL A CB  1 
ATOM   542  C CG1 A VAL A 1 68  ? -5.852  -9.106  0.744   0.50 32.97 ? 1046 VAL A CG1 1 
ATOM   543  C CG1 B VAL A 1 68  ? -5.604  -7.905  0.120   0.50 25.91 ? 1046 VAL A CG1 1 
ATOM   544  C CG2 A VAL A 1 68  ? -4.884  -7.775  -1.118  0.50 24.99 ? 1046 VAL A CG2 1 
ATOM   545  C CG2 B VAL A 1 68  ? -4.606  -9.270  -1.724  0.50 31.65 ? 1046 VAL A CG2 1 
ATOM   546  N N   . LYS A 1 69  ? -3.547  -8.999  2.848   1.00 30.25 ? 1047 LYS A N   1 
ATOM   547  C CA  . LYS A 1 69  ? -3.449  -8.344  4.149   1.00 31.13 ? 1047 LYS A CA  1 
ATOM   548  C C   . LYS A 1 69  ? -2.065  -7.744  4.378   1.00 29.86 ? 1047 LYS A C   1 
ATOM   549  O O   . LYS A 1 69  ? -1.949  -6.647  4.937   1.00 29.05 ? 1047 LYS A O   1 
ATOM   550  C CB  . LYS A 1 69  ? -3.787  -9.330  5.268   1.00 34.66 ? 1047 LYS A CB  1 
ATOM   551  C CG  . LYS A 1 69  ? -5.138  -9.109  5.902   1.00 44.77 ? 1047 LYS A CG  1 
ATOM   552  C CD  . LYS A 1 69  ? -5.326  -10.029 7.101   1.00 50.07 ? 1047 LYS A CD  1 
ATOM   553  N N   . ASP A 1 70  ? -1.001  -8.462  3.990   1.00 26.21 ? 1048 ASP A N   1 
ATOM   554  C CA  . ASP A 1 70  ? 0.348   -7.899  4.094   1.00 26.76 ? 1048 ASP A CA  1 
ATOM   555  C C   . ASP A 1 70  ? 0.453   -6.589  3.318   1.00 25.82 ? 1048 ASP A C   1 
ATOM   556  O O   . ASP A 1 70  ? 1.053   -5.617  3.788   1.00 25.30 ? 1048 ASP A O   1 
ATOM   557  C CB  . ASP A 1 70  ? 1.394   -8.879  3.548   1.00 31.69 ? 1048 ASP A CB  1 
ATOM   558  C CG  . ASP A 1 70  ? 1.535   -10.147 4.374   1.00 44.05 ? 1048 ASP A CG  1 
ATOM   559  O OD1 . ASP A 1 70  ? 1.106   -10.164 5.545   1.00 41.01 ? 1048 ASP A OD1 1 
ATOM   560  O OD2 . ASP A 1 70  ? 2.115   -11.126 3.834   1.00 37.22 ? 1048 ASP A OD2 1 
ATOM   561  N N   . TYR A 1 71  ? -0.092  -6.568  2.102   1.00 23.46 ? 1049 TYR A N   1 
ATOM   562  C CA  . TYR A 1 71  ? -0.031  -5.379  1.261   1.00 21.77 ? 1049 TYR A CA  1 
ATOM   563  C C   . TYR A 1 71  ? -0.824  -4.228  1.872   1.00 24.61 ? 1049 TYR A C   1 
ATOM   564  O O   . TYR A 1 71  ? -0.341  -3.089  1.935   1.00 24.31 ? 1049 TYR A O   1 
ATOM   565  C CB  . TYR A 1 71  ? -0.569  -5.737  -0.121  1.00 20.61 ? 1049 TYR A CB  1 
ATOM   566  C CG  . TYR A 1 71  ? -0.758  -4.590  -1.079  1.00 19.62 ? 1049 TYR A CG  1 
ATOM   567  C CD1 . TYR A 1 71  ? 0.295   -4.132  -1.859  1.00 18.73 ? 1049 TYR A CD1 1 
ATOM   568  C CD2 . TYR A 1 71  ? -2.006  -3.980  -1.219  1.00 21.86 ? 1049 TYR A CD2 1 
ATOM   569  C CE1 . TYR A 1 71  ? 0.107   -3.088  -2.761  1.00 21.23 ? 1049 TYR A CE1 1 
ATOM   570  C CE2 . TYR A 1 71  ? -2.195  -2.938  -2.107  1.00 20.33 ? 1049 TYR A CE2 1 
ATOM   571  C CZ  . TYR A 1 71  ? -1.150  -2.498  -2.870  1.00 19.81 ? 1049 TYR A CZ  1 
ATOM   572  O OH  . TYR A 1 71  ? -1.357  -1.472  -3.767  1.00 20.52 ? 1049 TYR A OH  1 
ATOM   573  N N   . LEU A 1 72  ? -2.051  -4.510  2.319   1.00 22.08 ? 1050 LEU A N   1 
ATOM   574  C CA  . LEU A 1 72  ? -2.897  -3.450  2.857   1.00 25.25 ? 1050 LEU A CA  1 
ATOM   575  C C   . LEU A 1 72  ? -2.327  -2.887  4.145   1.00 29.10 ? 1050 LEU A C   1 
ATOM   576  O O   . LEU A 1 72  ? -2.589  -1.725  4.475   1.00 27.92 ? 1050 LEU A O   1 
ATOM   577  C CB  . LEU A 1 72  ? -4.321  -3.955  3.075   1.00 24.99 ? 1050 LEU A CB  1 
ATOM   578  C CG  . LEU A 1 72  ? -5.122  -4.147  1.786   1.00 27.85 ? 1050 LEU A CG  1 
ATOM   579  C CD1 . LEU A 1 72  ? -6.470  -4.777  2.059   1.00 27.73 ? 1050 LEU A CD1 1 
ATOM   580  C CD2 . LEU A 1 72  ? -5.284  -2.829  1.047   1.00 30.41 ? 1050 LEU A CD2 1 
ATOM   581  N N   . ARG A 1 73  ? -1.529  -3.674  4.874   1.00 25.62 ? 1051 ARG A N   1 
ATOM   582  C CA  . ARG A 1 73  ? -0.863  -3.132  6.055   1.00 28.85 ? 1051 ARG A CA  1 
ATOM   583  C C   . ARG A 1 73  ? 0.067   -1.983  5.681   1.00 27.84 ? 1051 ARG A C   1 
ATOM   584  O O   . ARG A 1 73  ? 0.145   -0.978  6.402   1.00 27.07 ? 1051 ARG A O   1 
ATOM   585  C CB  . ARG A 1 73  ? -0.097  -4.244  6.786   1.00 34.56 ? 1051 ARG A CB  1 
ATOM   586  C CG  . ARG A 1 73  ? 0.525   -3.834  8.106   1.00 43.48 ? 1051 ARG A CG  1 
ATOM   587  C CD  . ARG A 1 73  ? 1.120   -5.047  8.830   1.00 48.64 ? 1051 ARG A CD  1 
ATOM   588  N NE  . ARG A 1 73  ? 0.176   -6.161  8.855   1.00 51.92 ? 1051 ARG A NE  1 
ATOM   589  C CZ  . ARG A 1 73  ? 0.393   -7.341  8.281   1.00 52.38 ? 1051 ARG A CZ  1 
ATOM   590  N NH1 . ARG A 1 73  ? 1.532   -7.574  7.640   1.00 54.63 ? 1051 ARG A NH1 1 
ATOM   591  N NH2 . ARG A 1 73  ? -0.531  -8.291  8.349   1.00 54.34 ? 1051 ARG A NH2 1 
ATOM   592  N N   . ASP A 1 74  ? 0.753   -2.088  4.538   1.00 24.83 ? 1052 ASP A N   1 
ATOM   593  C CA  . ASP A 1 74  ? 1.633   -1.003  4.121   1.00 22.96 ? 1052 ASP A CA  1 
ATOM   594  C C   . ASP A 1 74  ? 0.850   0.168   3.524   1.00 21.68 ? 1052 ASP A C   1 
ATOM   595  O O   . ASP A 1 74  ? 1.267   1.318   3.697   1.00 23.32 ? 1052 ASP A O   1 
ATOM   596  C CB  . ASP A 1 74  ? 2.691   -1.508  3.139   1.00 24.28 ? 1052 ASP A CB  1 
ATOM   597  C CG  . ASP A 1 74  ? 3.923   -2.072  3.856   1.00 28.68 ? 1052 ASP A CG  1 
ATOM   598  O OD1 . ASP A 1 74  ? 4.027   -1.867  5.088   1.00 32.62 ? 1052 ASP A OD1 1 
ATOM   599  O OD2 . ASP A 1 74  ? 4.787   -2.701  3.202   1.00 27.92 ? 1052 ASP A OD2 1 
ATOM   600  N N   . ILE A 1 75  ? -0.264  -0.094  2.827   1.00 24.56 ? 1053 ILE A N   1 
ATOM   601  C CA  . ILE A 1 75  ? -1.150  1.002   2.425   1.00 24.92 ? 1053 ILE A CA  1 
ATOM   602  C C   . ILE A 1 75  ? -1.654  1.739   3.660   1.00 24.99 ? 1053 ILE A C   1 
ATOM   603  O O   . ILE A 1 75  ? -1.652  2.977   3.717   1.00 26.13 ? 1053 ILE A O   1 
ATOM   604  C CB  . ILE A 1 75  ? -2.323  0.477   1.572   1.00 24.06 ? 1053 ILE A CB  1 
ATOM   605  C CG1 . ILE A 1 75  ? -1.818  -0.227  0.304   1.00 24.74 ? 1053 ILE A CG1 1 
ATOM   606  C CG2 . ILE A 1 75  ? -3.252  1.632   1.190   1.00 26.36 ? 1053 ILE A CG2 1 
ATOM   607  C CD1 . ILE A 1 75  ? -1.003  0.656   -0.642  1.00 26.52 ? 1053 ILE A CD1 1 
ATOM   608  N N   . ASP A 1 76  ? -2.091  0.985   4.673   1.00 22.96 ? 1054 ASP A N   1 
ATOM   609  C CA  . ASP A 1 76  ? -2.563  1.600   5.913   1.00 25.73 ? 1054 ASP A CA  1 
ATOM   610  C C   . ASP A 1 76  ? -1.465  2.408   6.598   1.00 28.66 ? 1054 ASP A C   1 
ATOM   611  O O   . ASP A 1 76  ? -1.758  3.430   7.237   1.00 26.48 ? 1054 ASP A O   1 
ATOM   612  C CB  . ASP A 1 76  ? -3.101  0.523   6.862   1.00 29.74 ? 1054 ASP A CB  1 
ATOM   613  C CG  . ASP A 1 76  ? -4.500  0.063   6.492   1.00 33.58 ? 1054 ASP A CG  1 
ATOM   614  O OD1 . ASP A 1 76  ? -5.282  0.886   5.972   1.00 38.50 ? 1054 ASP A OD1 1 
ATOM   615  O OD2 . ASP A 1 76  ? -4.821  -1.119  6.724   1.00 41.36 ? 1054 ASP A OD2 1 
ATOM   616  N N   . LEU A 1 77  ? -0.203  1.971   6.478   1.00 24.09 ? 1055 LEU A N   1 
ATOM   617  C CA  . LEU A 1 77  ? 0.918   2.703   7.064   1.00 24.31 ? 1055 LEU A CA  1 
ATOM   618  C C   . LEU A 1 77  ? 1.161   4.026   6.342   1.00 26.96 ? 1055 LEU A C   1 
ATOM   619  O O   . LEU A 1 77  ? 1.425   5.050   6.988   1.00 27.69 ? 1055 LEU A O   1 
ATOM   620  C CB  . LEU A 1 77  ? 2.177   1.829   7.043   1.00 27.84 ? 1055 LEU A CB  1 
ATOM   621  C CG  . LEU A 1 77  ? 3.514   2.387   7.534   1.00 32.50 ? 1055 LEU A CG  1 
ATOM   622  C CD1 . LEU A 1 77  ? 3.445   2.812   9.004   1.00 26.68 ? 1055 LEU A CD1 1 
ATOM   623  C CD2 . LEU A 1 77  ? 4.632   1.355   7.319   1.00 30.49 ? 1055 LEU A CD2 1 
ATOM   624  N N   . ILE A 1 78  ? 1.087   4.029   5.006   1.00 24.88 ? 1056 ILE A N   1 
ATOM   625  C CA  . ILE A 1 78  ? 1.161   5.290   4.266   1.00 25.15 ? 1056 ILE A CA  1 
ATOM   626  C C   . ILE A 1 78  ? 0.125   6.265   4.802   1.00 24.95 ? 1056 ILE A C   1 
ATOM   627  O O   . ILE A 1 78  ? 0.423   7.437   5.072   1.00 25.67 ? 1056 ILE A O   1 
ATOM   628  C CB  . ILE A 1 78  ? 0.967   5.051   2.757   1.00 23.32 ? 1056 ILE A CB  1 
ATOM   629  C CG1 . ILE A 1 78  ? 2.119   4.220   2.189   1.00 25.97 ? 1056 ILE A CG1 1 
ATOM   630  C CG2 . ILE A 1 78  ? 0.873   6.393   2.017   1.00 24.05 ? 1056 ILE A CG2 1 
ATOM   631  C CD1 . ILE A 1 78  ? 1.963   3.858   0.724   1.00 24.52 ? 1056 ILE A CD1 1 
ATOM   632  N N   . CYS A 1 79  ? -1.101  5.781   4.990   1.00 22.74 ? 1057 CYS A N   1 
ATOM   633  C CA  . CYS A 1 79  ? -2.192  6.654   5.414   1.00 27.02 ? 1057 CYS A CA  1 
ATOM   634  C C   . CYS A 1 79  ? -1.998  7.112   6.854   1.00 32.17 ? 1057 CYS A C   1 
ATOM   635  O O   . CYS A 1 79  ? -2.127  8.304   7.157   1.00 28.55 ? 1057 CYS A O   1 
ATOM   636  C CB  . CYS A 1 79  ? -3.532  5.941   5.254   1.00 24.12 ? 1057 CYS A CB  1 
ATOM   637  S SG  . CYS A 1 79  ? -4.965  6.942   5.743   1.00 32.41 ? 1057 CYS A SG  1 
ATOM   638  N N   . SER A 1 80  ? -1.676  6.181   7.757   1.00 29.06 ? 1058 SER A N   1 
ATOM   639  C CA  . SER A 1 80  ? -1.567  6.564   9.163   1.00 29.10 ? 1058 SER A CA  1 
ATOM   640  C C   . SER A 1 80  ? -0.355  7.456   9.412   1.00 29.21 ? 1058 SER A C   1 
ATOM   641  O O   . SER A 1 80  ? -0.430  8.369   10.248  1.00 32.48 ? 1058 SER A O   1 
ATOM   642  C CB  . SER A 1 80  ? -1.540  5.313   10.052  1.00 33.64 ? 1058 SER A CB  1 
ATOM   643  O OG  . SER A 1 80  ? -0.383  4.537   9.822   1.00 34.81 ? 1058 SER A OG  1 
ATOM   644  N N   . ASN A 1 81  ? 0.747   7.241   8.685   1.00 27.19 ? 1059 ASN A N   1 
ATOM   645  C CA  . ASN A 1 81  ? 1.877   8.167   8.750   1.00 26.56 ? 1059 ASN A CA  1 
ATOM   646  C C   . ASN A 1 81  ? 1.447   9.572   8.357   1.00 32.05 ? 1059 ASN A C   1 
ATOM   647  O O   . ASN A 1 81  ? 1.813   10.556  9.017   1.00 28.76 ? 1059 ASN A O   1 
ATOM   648  C CB  . ASN A 1 81  ? 3.015   7.708   7.836   1.00 26.66 ? 1059 ASN A CB  1 
ATOM   649  C CG  . ASN A 1 81  ? 3.835   6.574   8.438   1.00 29.26 ? 1059 ASN A CG  1 
ATOM   650  O OD1 . ASN A 1 81  ? 3.636   6.192   9.588   1.00 32.97 ? 1059 ASN A OD1 1 
ATOM   651  N ND2 . ASN A 1 81  ? 4.755   6.035   7.649   1.00 31.38 ? 1059 ASN A ND2 1 
ATOM   652  N N   . ALA A 1 82  ? 0.672   9.687   7.276   1.00 26.30 ? 1060 ALA A N   1 
ATOM   653  C CA  . ALA A 1 82  ? 0.259   11.001  6.802   1.00 27.14 ? 1060 ALA A CA  1 
ATOM   654  C C   . ALA A 1 82  ? -0.656  11.690  7.811   1.00 27.11 ? 1060 ALA A C   1 
ATOM   655  O O   . ALA A 1 82  ? -0.542  12.902  8.024   1.00 28.72 ? 1060 ALA A O   1 
ATOM   656  C CB  . ALA A 1 82  ? -0.432  10.865  5.440   1.00 25.15 ? 1060 ALA A CB  1 
ATOM   657  N N   . LEU A 1 83  ? -1.575  10.941  8.431   1.00 25.36 ? 1061 LEU A N   1 
ATOM   658  C CA  . LEU A 1 83  ? -2.458  11.538  9.430   1.00 27.92 ? 1061 LEU A CA  1 
ATOM   659  C C   . LEU A 1 83  ? -1.674  11.997  10.653  1.00 37.07 ? 1061 LEU A C   1 
ATOM   660  O O   . LEU A 1 83  ? -1.990  13.037  11.245  1.00 32.41 ? 1061 LEU A O   1 
ATOM   661  C CB  . LEU A 1 83  ? -3.555  10.553  9.840   1.00 27.42 ? 1061 LEU A CB  1 
ATOM   662  C CG  . LEU A 1 83  ? -4.457  9.965   8.748   1.00 35.49 ? 1061 LEU A CG  1 
ATOM   663  C CD1 . LEU A 1 83  ? -5.662  9.252   9.349   1.00 40.87 ? 1061 LEU A CD1 1 
ATOM   664  C CD2 . LEU A 1 83  ? -4.901  11.036  7.775   1.00 33.23 ? 1061 LEU A CD2 1 
ATOM   665  N N   . GLU A 1 84  ? -0.635  11.244  11.037  1.00 32.67 ? 1062 GLU A N   1 
ATOM   666  C CA  . GLU A 1 84  ? 0.142   11.596  12.227  1.00 32.31 ? 1062 GLU A CA  1 
ATOM   667  C C   . GLU A 1 84  ? 1.090   12.764  11.979  1.00 32.11 ? 1062 GLU A C   1 
ATOM   668  O O   . GLU A 1 84  ? 1.226   13.641  12.842  1.00 33.87 ? 1062 GLU A O   1 
ATOM   669  C CB  . GLU A 1 84  ? 0.920   10.376  12.726  1.00 36.57 ? 1062 GLU A CB  1 
ATOM   670  C CG  . GLU A 1 84  ? 0.021   9.353   13.400  1.00 45.65 ? 1062 GLU A CG  1 
ATOM   671  C CD  . GLU A 1 84  ? 0.640   7.963   13.471  1.00 57.89 ? 1062 GLU A CD  1 
ATOM   672  O OE1 . GLU A 1 84  ? 1.885   7.848   13.423  1.00 57.99 ? 1062 GLU A OE1 1 
ATOM   673  O OE2 . GLU A 1 84  ? -0.133  6.983   13.569  1.00 55.78 ? 1062 GLU A OE2 1 
ATOM   674  N N   . TYR A 1 85  ? 1.756   12.797  10.822  1.00 30.90 ? 1063 TYR A N   1 
ATOM   675  C CA  . TYR A 1 85  ? 2.662   13.900  10.522  1.00 33.09 ? 1063 TYR A CA  1 
ATOM   676  C C   . TYR A 1 85  ? 1.919   15.184  10.175  1.00 33.04 ? 1063 TYR A C   1 
ATOM   677  O O   . TYR A 1 85  ? 2.531   16.255  10.203  1.00 36.87 ? 1063 TYR A O   1 
ATOM   678  C CB  . TYR A 1 85  ? 3.595   13.541  9.363   1.00 41.37 ? 1063 TYR A CB  1 
ATOM   679  C CG  . TYR A 1 85  ? 4.711   14.549  9.152   1.00 44.80 ? 1063 TYR A CG  1 
ATOM   680  C CD1 . TYR A 1 85  ? 5.782   14.617  10.038  1.00 49.72 ? 1063 TYR A CD1 1 
ATOM   681  C CD2 . TYR A 1 85  ? 4.693   15.432  8.074   1.00 46.17 ? 1063 TYR A CD2 1 
ATOM   682  C CE1 . TYR A 1 85  ? 6.802   15.528  9.860   1.00 52.22 ? 1063 TYR A CE1 1 
ATOM   683  C CE2 . TYR A 1 85  ? 5.714   16.351  7.888   1.00 48.30 ? 1063 TYR A CE2 1 
ATOM   684  C CZ  . TYR A 1 85  ? 6.765   16.392  8.789   1.00 58.33 ? 1063 TYR A CZ  1 
ATOM   685  O OH  . TYR A 1 85  ? 7.787   17.297  8.619   1.00 68.91 ? 1063 TYR A OH  1 
ATOM   686  N N   . ASN A 1 86  ? 0.627   15.106  9.845   1.00 29.97 ? 1064 ASN A N   1 
ATOM   687  C CA  . ASN A 1 86  ? -0.160  16.262  9.395   1.00 30.89 ? 1064 ASN A CA  1 
ATOM   688  C C   . ASN A 1 86  ? -1.439  16.398  10.208  1.00 27.55 ? 1064 ASN A C   1 
ATOM   689  O O   . ASN A 1 86  ? -2.542  16.305  9.658   1.00 27.74 ? 1064 ASN A O   1 
ATOM   690  C CB  . ASN A 1 86  ? -0.504  16.149  7.905   1.00 31.29 ? 1064 ASN A CB  1 
ATOM   691  C CG  . ASN A 1 86  ? 0.718   16.148  7.018   1.00 44.46 ? 1064 ASN A CG  1 
ATOM   692  O OD1 . ASN A 1 86  ? 1.212   17.206  6.637   1.00 45.80 ? 1064 ASN A OD1 1 
ATOM   693  N ND2 . ASN A 1 86  ? 1.201   14.963  6.659   1.00 36.45 ? 1064 ASN A ND2 1 
ATOM   694  N N   . PRO A 1 87  ? -1.338  16.656  11.517  1.00 27.05 ? 1065 PRO A N   1 
ATOM   695  C CA  . PRO A 1 87  ? -2.530  16.652  12.371  1.00 25.32 ? 1065 PRO A CA  1 
ATOM   696  C C   . PRO A 1 87  ? -3.241  17.990  12.519  1.00 29.56 ? 1065 PRO A C   1 
ATOM   697  O O   . PRO A 1 87  ? -4.329  18.008  13.105  1.00 34.29 ? 1065 PRO A O   1 
ATOM   698  C CB  . PRO A 1 87  ? -1.942  16.216  13.717  1.00 28.95 ? 1065 PRO A CB  1 
ATOM   699  C CG  . PRO A 1 87  ? -0.610  16.872  13.734  1.00 31.41 ? 1065 PRO A CG  1 
ATOM   700  C CD  . PRO A 1 87  ? -0.113  16.898  12.305  1.00 33.31 ? 1065 PRO A CD  1 
ATOM   701  N N   . ASP A 1 88  ? -2.676  19.077  11.998  1.00 28.10 ? 1066 ASP A N   1 
ATOM   702  C CA  . ASP A 1 88  ? -3.137  20.437  12.261  1.00 30.24 ? 1066 ASP A CA  1 
ATOM   703  C C   . ASP A 1 88  ? -4.354  20.796  11.416  1.00 35.45 ? 1066 ASP A C   1 
ATOM   704  O O   . ASP A 1 88  ? -4.676  20.140  10.423  1.00 29.19 ? 1066 ASP A O   1 
ATOM   705  C CB  . ASP A 1 88  ? -2.012  21.434  11.997  1.00 31.59 ? 1066 ASP A CB  1 
ATOM   706  C CG  . ASP A 1 88  ? -0.850  21.247  12.939  1.00 46.20 ? 1066 ASP A CG  1 
ATOM   707  O OD1 . ASP A 1 88  ? -1.073  20.669  14.021  1.00 45.68 ? 1066 ASP A OD1 1 
ATOM   708  O OD2 . ASP A 1 88  ? 0.276   21.669  12.588  1.00 54.68 ? 1066 ASP A OD2 1 
ATOM   709  N N   . ARG A 1 89  ? -5.014  21.894  11.801  1.00 31.23 ? 1067 ARG A N   1 
ATOM   710  C CA  . ARG A 1 89  ? -6.171  22.360  11.046  1.00 27.14 ? 1067 ARG A CA  1 
ATOM   711  C C   . ARG A 1 89  ? -5.786  23.138  9.797   1.00 25.09 ? 1067 ARG A C   1 
ATOM   712  O O   . ARG A 1 89  ? -6.675  23.470  9.004   1.00 28.98 ? 1067 ARG A O   1 
ATOM   713  C CB  . ARG A 1 89  ? -7.102  23.244  11.909  1.00 31.27 ? 1067 ARG A CB  1 
ATOM   714  C CG  . ARG A 1 89  ? -6.509  24.562  12.420  1.00 29.11 ? 1067 ARG A CG  1 
ATOM   715  C CD  . ARG A 1 89  ? -6.796  25.736  11.461  1.00 26.00 ? 1067 ARG A CD  1 
ATOM   716  N NE  . ARG A 1 89  ? -8.186  25.768  11.004  1.00 28.56 ? 1067 ARG A NE  1 
ATOM   717  C CZ  . ARG A 1 89  ? -8.579  26.277  9.835   1.00 36.66 ? 1067 ARG A CZ  1 
ATOM   718  N NH1 . ARG A 1 89  ? -7.698  26.826  9.004   1.00 33.91 ? 1067 ARG A NH1 1 
ATOM   719  N NH2 . ARG A 1 89  ? -9.862  26.239  9.492   1.00 34.83 ? 1067 ARG A NH2 1 
ATOM   720  N N   . ASP A 1 90  ? -4.501  23.447  9.617   1.00 25.46 ? 1068 ASP A N   1 
ATOM   721  C CA  . ASP A 1 90  ? -4.050  24.244  8.485   1.00 29.94 ? 1068 ASP A CA  1 
ATOM   722  C C   . ASP A 1 90  ? -4.411  23.561  7.165   1.00 31.16 ? 1068 ASP A C   1 
ATOM   723  O O   . ASP A 1 90  ? -4.477  22.325  7.099   1.00 28.46 ? 1068 ASP A O   1 
ATOM   724  C CB  . ASP A 1 90  ? -2.541  24.473  8.562   1.00 30.56 ? 1068 ASP A CB  1 
ATOM   725  C CG  . ASP A 1 90  ? -2.132  25.216  9.825   1.00 49.86 ? 1068 ASP A CG  1 
ATOM   726  O OD1 . ASP A 1 90  ? -1.571  26.328  9.712   1.00 58.38 ? 1068 ASP A OD1 1 
ATOM   727  O OD2 . ASP A 1 90  ? -2.389  24.696  10.928  1.00 49.87 ? 1068 ASP A OD2 1 
ATOM   728  N N   . PRO A 1 91  ? -4.660  24.332  6.104   1.00 29.03 ? 1069 PRO A N   1 
ATOM   729  C CA  . PRO A 1 91  ? -5.142  23.724  4.852   1.00 25.33 ? 1069 PRO A CA  1 
ATOM   730  C C   . PRO A 1 91  ? -4.155  22.735  4.250   1.00 25.86 ? 1069 PRO A C   1 
ATOM   731  O O   . PRO A 1 91  ? -4.575  21.760  3.621   1.00 28.12 ? 1069 PRO A O   1 
ATOM   732  C CB  . PRO A 1 91  ? -5.328  24.931  3.922   1.00 32.70 ? 1069 PRO A CB  1 
ATOM   733  C CG  . PRO A 1 91  ? -5.472  26.105  4.827   1.00 35.57 ? 1069 PRO A CG  1 
ATOM   734  C CD  . PRO A 1 91  ? -4.663  25.809  6.053   1.00 31.15 ? 1069 PRO A CD  1 
ATOM   735  N N   . GLY A 1 92  ? -2.850  22.969  4.400   1.00 27.55 ? 1070 GLY A N   1 
ATOM   736  C CA  . GLY A 1 92  ? -1.880  22.014  3.879   1.00 33.27 ? 1070 GLY A CA  1 
ATOM   737  C C   . GLY A 1 92  ? -2.002  20.658  4.548   1.00 31.48 ? 1070 GLY A C   1 
ATOM   738  O O   . GLY A 1 92  ? -1.947  19.621  3.881   1.00 29.15 ? 1070 GLY A O   1 
ATOM   739  N N   . ASP A 1 93  ? -2.165  20.657  5.877   1.00 26.52 ? 1071 ASP A N   1 
ATOM   740  C CA  . ASP A 1 93  ? -2.372  19.419  6.626   1.00 27.06 ? 1071 ASP A CA  1 
ATOM   741  C C   . ASP A 1 93  ? -3.676  18.740  6.223   1.00 29.20 ? 1071 ASP A C   1 
ATOM   742  O O   . ASP A 1 93  ? -3.716  17.518  6.015   1.00 24.96 ? 1071 ASP A O   1 
ATOM   743  C CB  . ASP A 1 93  ? -2.383  19.711  8.129   1.00 25.93 ? 1071 ASP A CB  1 
ATOM   744  C CG  . ASP A 1 93  ? -0.997  19.976  8.684   1.00 35.84 ? 1071 ASP A CG  1 
ATOM   745  O OD1 . ASP A 1 93  ? -0.205  20.664  8.003   1.00 45.93 ? 1071 ASP A OD1 1 
ATOM   746  O OD2 . ASP A 1 93  ? -0.688  19.485  9.790   1.00 33.94 ? 1071 ASP A OD2 1 
ATOM   747  N N   . ARG A 1 94  ? -4.762  19.511  6.114   1.00 22.23 ? 1072 ARG A N   1 
ATOM   748  C CA  . ARG A 1 94  ? -6.057  18.902  5.825   1.00 22.66 ? 1072 ARG A CA  1 
ATOM   749  C C   . ARG A 1 94  ? -6.085  18.308  4.422   1.00 24.60 ? 1072 ARG A C   1 
ATOM   750  O O   . ARG A 1 94  ? -6.734  17.282  4.190   1.00 24.63 ? 1072 ARG A O   1 
ATOM   751  C CB  . ARG A 1 94  ? -7.180  19.930  6.005   1.00 26.97 ? 1072 ARG A CB  1 
ATOM   752  C CG  . ARG A 1 94  ? -7.419  20.298  7.466   1.00 28.57 ? 1072 ARG A CG  1 
ATOM   753  C CD  . ARG A 1 94  ? -8.713  21.094  7.666   1.00 29.84 ? 1072 ARG A CD  1 
ATOM   754  N NE  . ARG A 1 94  ? -9.914  20.259  7.823   1.00 41.74 ? 1072 ARG A NE  1 
ATOM   755  C CZ  . ARG A 1 94  ? -10.889 20.140  6.921   1.00 37.93 ? 1072 ARG A CZ  1 
ATOM   756  N NH1 . ARG A 1 94  ? -10.828 20.808  5.775   1.00 36.51 ? 1072 ARG A NH1 1 
ATOM   757  N NH2 . ARG A 1 94  ? -11.943 19.367  7.175   1.00 34.70 ? 1072 ARG A NH2 1 
ATOM   758  N N   . LEU A 1 95  ? -5.380  18.936  3.478   1.00 24.37 ? 1073 LEU A N   1 
ATOM   759  C CA  . LEU A 1 95  ? -5.326  18.399  2.120   1.00 23.98 ? 1073 LEU A CA  1 
ATOM   760  C C   . LEU A 1 95  ? -4.618  17.047  2.094   1.00 25.13 ? 1073 LEU A C   1 
ATOM   761  O O   . LEU A 1 95  ? -5.093  16.100  1.452   1.00 23.36 ? 1073 LEU A O   1 
ATOM   762  C CB  . LEU A 1 95  ? -4.627  19.386  1.187   1.00 24.09 ? 1073 LEU A CB  1 
ATOM   763  C CG  . LEU A 1 95  ? -4.398  18.955  -0.282  1.00 24.20 ? 1073 LEU A CG  1 
ATOM   764  C CD1 . LEU A 1 95  ? -5.710  18.640  -0.990  1.00 24.48 ? 1073 LEU A CD1 1 
ATOM   765  C CD2 . LEU A 1 95  ? -3.632  20.032  -1.026  1.00 28.26 ? 1073 LEU A CD2 1 
ATOM   766  N N   . ILE A 1 96  ? -3.484  16.936  2.790   1.00 25.86 ? 1074 ILE A N   1 
ATOM   767  C CA  . ILE A 1 96  ? -2.768  15.656  2.813   1.00 25.76 ? 1074 ILE A CA  1 
ATOM   768  C C   . ILE A 1 96  ? -3.585  14.589  3.531   1.00 24.99 ? 1074 ILE A C   1 
ATOM   769  O O   . ILE A 1 96  ? -3.600  13.419  3.116   1.00 25.43 ? 1074 ILE A O   1 
ATOM   770  C CB  . ILE A 1 96  ? -1.373  15.813  3.444   1.00 27.90 ? 1074 ILE A CB  1 
ATOM   771  C CG1 . ILE A 1 96  ? -0.558  16.853  2.684   1.00 34.34 ? 1074 ILE A CG1 1 
ATOM   772  C CG2 . ILE A 1 96  ? -0.623  14.471  3.413   1.00 31.90 ? 1074 ILE A CG2 1 
ATOM   773  C CD1 . ILE A 1 96  ? -0.527  16.632  1.191   1.00 41.25 ? 1074 ILE A CD1 1 
ATOM   774  N N   . ARG A 1 97  ? -4.263  14.952  4.628   1.00 22.19 ? 1075 ARG A N   1 
ATOM   775  C CA  . ARG A 1 97  ? -5.105  13.969  5.305   1.00 24.95 ? 1075 ARG A CA  1 
ATOM   776  C C   . ARG A 1 97  ? -6.217  13.483  4.387   1.00 27.61 ? 1075 ARG A C   1 
ATOM   777  O O   . ARG A 1 97  ? -6.545  12.290  4.370   1.00 25.08 ? 1075 ARG A O   1 
ATOM   778  C CB  . ARG A 1 97  ? -5.690  14.547  6.598   1.00 27.18 ? 1075 ARG A CB  1 
ATOM   779  C CG  . ARG A 1 97  ? -4.657  14.787  7.689   1.00 25.19 ? 1075 ARG A CG  1 
ATOM   780  C CD  . ARG A 1 97  ? -5.282  14.730  9.099   1.00 27.87 ? 1075 ARG A CD  1 
ATOM   781  N NE  . ARG A 1 97  ? -6.387  15.670  9.315   1.00 32.86 ? 1075 ARG A NE  1 
ATOM   782  C CZ  . ARG A 1 97  ? -6.218  16.956  9.612   1.00 31.53 ? 1075 ARG A CZ  1 
ATOM   783  N NH1 . ARG A 1 97  ? -4.993  17.454  9.713   1.00 29.16 ? 1075 ARG A NH1 1 
ATOM   784  N NH2 . ARG A 1 97  ? -7.272  17.742  9.810   1.00 33.09 ? 1075 ARG A NH2 1 
ATOM   785  N N   . HIS A 1 98  ? -6.820  14.394  3.618   1.00 24.10 ? 1076 HIS A N   1 
ATOM   786  C CA  . HIS A 1 98  ? -7.886  13.980  2.714   1.00 22.63 ? 1076 HIS A CA  1 
ATOM   787  C C   . HIS A 1 98  ? -7.356  13.030  1.650   1.00 22.77 ? 1076 HIS A C   1 
ATOM   788  O O   . HIS A 1 98  ? -7.987  12.009  1.346   1.00 23.64 ? 1076 HIS A O   1 
ATOM   789  C CB  . HIS A 1 98  ? -8.532  15.198  2.049   1.00 24.92 ? 1076 HIS A CB  1 
ATOM   790  C CG  . HIS A 1 98  ? -9.798  14.877  1.318   1.00 26.43 ? 1076 HIS A CG  1 
ATOM   791  N ND1 . HIS A 1 98  ? -9.827  14.607  -0.035  1.00 27.44 ? 1076 HIS A ND1 1 
ATOM   792  C CD2 . HIS A 1 98  ? -11.074 14.760  1.752   1.00 27.81 ? 1076 HIS A CD2 1 
ATOM   793  C CE1 . HIS A 1 98  ? -11.070 14.345  -0.401  1.00 29.89 ? 1076 HIS A CE1 1 
ATOM   794  N NE2 . HIS A 1 98  ? -11.846 14.431  0.665   1.00 32.01 ? 1076 HIS A NE2 1 
ATOM   795  N N   . ARG A 1 99  ? -6.199  13.357  1.078   1.00 22.95 ? 1077 ARG A N   1 
ATOM   796  C CA  . ARG A 1 99  ? -5.606  12.497  0.054   1.00 21.68 ? 1077 ARG A CA  1 
ATOM   797  C C   . ARG A 1 99  ? -5.212  11.145  0.631   1.00 22.90 ? 1077 ARG A C   1 
ATOM   798  O O   . ARG A 1 99  ? -5.345  10.118  -0.042  1.00 23.44 ? 1077 ARG A O   1 
ATOM   799  C CB  . ARG A 1 99  ? -4.389  13.173  -0.557  1.00 22.11 ? 1077 ARG A CB  1 
ATOM   800  C CG  . ARG A 1 99  ? -4.740  14.425  -1.348  1.00 24.74 ? 1077 ARG A CG  1 
ATOM   801  C CD  . ARG A 1 99  ? -3.506  15.196  -1.688  1.00 25.50 ? 1077 ARG A CD  1 
ATOM   802  N NE  . ARG A 1 99  ? -3.775  16.127  -2.777  1.00 27.24 ? 1077 ARG A NE  1 
ATOM   803  C CZ  . ARG A 1 99  ? -2.916  17.054  -3.182  1.00 26.41 ? 1077 ARG A CZ  1 
ATOM   804  N NH1 . ARG A 1 99  ? -1.742  17.172  -2.582  1.00 29.69 ? 1077 ARG A NH1 1 
ATOM   805  N NH2 . ARG A 1 99  ? -3.237  17.866  -4.183  1.00 29.43 ? 1077 ARG A NH2 1 
ATOM   806  N N   . ALA A 1 100 ? -4.710  11.136  1.866   1.00 21.70 ? 1078 ALA A N   1 
ATOM   807  C CA  . ALA A 1 100 ? -4.267  9.885   2.481   1.00 25.10 ? 1078 ALA A CA  1 
ATOM   808  C C   . ALA A 1 100 ? -5.429  8.935   2.714   1.00 25.39 ? 1078 ALA A C   1 
ATOM   809  O O   . ALA A 1 100 ? -5.321  7.731   2.441   1.00 25.28 ? 1078 ALA A O   1 
ATOM   810  C CB  . ALA A 1 100 ? -3.545  10.174  3.798   1.00 26.44 ? 1078 ALA A CB  1 
ATOM   811  N N   . CYS A 1 101 ? -6.548  9.446   3.231   1.00 23.77 ? 1079 CYS A N   1 
ATOM   812  C CA  . CYS A 1 101 ? -7.717  8.598   3.400   1.00 27.13 ? 1079 CYS A CA  1 
ATOM   813  C C   . CYS A 1 101 ? -8.296  8.178   2.057   1.00 25.05 ? 1079 CYS A C   1 
ATOM   814  O O   . CYS A 1 101 ? -8.818  7.067   1.937   1.00 27.31 ? 1079 CYS A O   1 
ATOM   815  C CB  . CYS A 1 101 ? -8.777  9.314   4.230   1.00 30.58 ? 1079 CYS A CB  1 
ATOM   816  S SG  . CYS A 1 101 ? -8.265  9.587   5.960   1.00 35.24 ? 1079 CYS A SG  1 
ATOM   817  N N   . ALA A 1 102 ? -8.231  9.048   1.042   1.00 23.42 ? 1080 ALA A N   1 
ATOM   818  C CA  . ALA A 1 102 ? -8.696  8.642   -0.284  1.00 25.21 ? 1080 ALA A CA  1 
ATOM   819  C C   . ALA A 1 102 ? -7.820  7.535   -0.860  1.00 22.61 ? 1080 ALA A C   1 
ATOM   820  O O   . ALA A 1 102 ? -8.329  6.620   -1.520  1.00 24.82 ? 1080 ALA A O   1 
ATOM   821  C CB  . ALA A 1 102 ? -8.730  9.835   -1.240  1.00 24.20 ? 1080 ALA A CB  1 
ATOM   822  N N   . LEU A 1 103 ? -6.507  7.603   -0.632  1.00 24.07 ? 1081 LEU A N   1 
ATOM   823  C CA  . LEU A 1 103 ? -5.618  6.536   -1.094  1.00 23.02 ? 1081 LEU A CA  1 
ATOM   824  C C   . LEU A 1 103 ? -5.993  5.206   -0.448  1.00 26.73 ? 1081 LEU A C   1 
ATOM   825  O O   . LEU A 1 103 ? -6.168  4.190   -1.136  1.00 25.29 ? 1081 LEU A O   1 
ATOM   826  C CB  . LEU A 1 103 ? -4.162  6.900   -0.781  1.00 22.94 ? 1081 LEU A CB  1 
ATOM   827  C CG  . LEU A 1 103 ? -3.183  5.746   -0.983  1.00 26.72 ? 1081 LEU A CG  1 
ATOM   828  C CD1 . LEU A 1 103 ? -2.999  5.533   -2.449  1.00 28.39 ? 1081 LEU A CD1 1 
ATOM   829  C CD2 . LEU A 1 103 ? -1.851  6.011   -0.289  1.00 32.27 ? 1081 LEU A CD2 1 
ATOM   830  N N   . ARG A 1 104 ? -6.142  5.210   0.877   1.00 24.01 ? 1082 ARG A N   1 
ATOM   831  C CA  . ARG A 1 104 ? -6.544  4.014   1.614   1.00 27.41 ? 1082 ARG A CA  1 
ATOM   832  C C   . ARG A 1 104 ? -7.895  3.483   1.139   1.00 29.19 ? 1082 ARG A C   1 
ATOM   833  O O   . ARG A 1 104 ? -8.032  2.290   0.837   1.00 25.16 ? 1082 ARG A O   1 
ATOM   834  C CB  . ARG A 1 104 ? -6.573  4.336   3.113   1.00 25.94 ? 1082 ARG A CB  1 
ATOM   835  C CG  . ARG A 1 104 ? -7.085  3.214   4.007   1.00 31.68 ? 1082 ARG A CG  1 
ATOM   836  C CD  . ARG A 1 104 ? -7.529  3.772   5.363   1.00 40.96 ? 1082 ARG A CD  1 
ATOM   837  N NE  . ARG A 1 104 ? -8.666  4.683   5.221   1.00 46.51 ? 1082 ARG A NE  1 
ATOM   838  C CZ  . ARG A 1 104 ? -8.963  5.660   6.074   1.00 50.96 ? 1082 ARG A CZ  1 
ATOM   839  N NH1 . ARG A 1 104 ? -8.205  5.868   7.146   1.00 48.01 ? 1082 ARG A NH1 1 
ATOM   840  N NH2 . ARG A 1 104 ? -10.017 6.432   5.855   1.00 47.21 ? 1082 ARG A NH2 1 
ATOM   841  N N   . ASP A 1 105 ? -8.910  4.353   1.075   1.00 25.27 ? 1083 ASP A N   1 
ATOM   842  C CA  . ASP A 1 105 ? -10.239 3.920   0.652   1.00 26.85 ? 1083 ASP A CA  1 
ATOM   843  C C   . ASP A 1 105 ? -10.229 3.391   -0.781  1.00 25.38 ? 1083 ASP A C   1 
ATOM   844  O O   . ASP A 1 105 ? -10.936 2.423   -1.091  1.00 26.20 ? 1083 ASP A O   1 
ATOM   845  C CB  . ASP A 1 105 ? -11.246 5.065   0.766   1.00 32.13 ? 1083 ASP A CB  1 
ATOM   846  C CG  . ASP A 1 105 ? -11.555 5.449   2.211   1.00 37.92 ? 1083 ASP A CG  1 
ATOM   847  O OD1 . ASP A 1 105 ? -11.103 4.753   3.148   1.00 35.60 ? 1083 ASP A OD1 1 
ATOM   848  O OD2 . ASP A 1 105 ? -12.264 6.460   2.396   1.00 40.82 ? 1083 ASP A OD2 1 
ATOM   849  N N   . THR A 1 106 ? -9.444  4.013   -1.667  1.00 22.09 ? 1084 THR A N   1 
ATOM   850  C CA  . THR A 1 106 ? -9.371  3.548   -3.050  1.00 21.95 ? 1084 THR A CA  1 
ATOM   851  C C   . THR A 1 106 ? -8.741  2.160   -3.138  1.00 22.91 ? 1084 THR A C   1 
ATOM   852  O O   . THR A 1 106 ? -9.250  1.286   -3.854  1.00 23.78 ? 1084 THR A O   1 
ATOM   853  C CB  . THR A 1 106 ? -8.585  4.548   -3.904  1.00 24.67 ? 1084 THR A CB  1 
ATOM   854  O OG1 . THR A 1 106 ? -9.256  5.816   -3.902  1.00 27.14 ? 1084 THR A OG1 1 
ATOM   855  C CG2 . THR A 1 106 ? -8.472  4.062   -5.345  1.00 25.31 ? 1084 THR A CG2 1 
ATOM   856  N N   . ALA A 1 107 ? -7.623  1.941   -2.434  1.00 22.25 ? 1085 ALA A N   1 
ATOM   857  C CA  . ALA A 1 107 ? -7.007  0.613   -2.434  1.00 21.17 ? 1085 ALA A CA  1 
ATOM   858  C C   . ALA A 1 107 ? -7.972  -0.452  -1.912  1.00 25.02 ? 1085 ALA A C   1 
ATOM   859  O O   . ALA A 1 107 ? -8.131  -1.522  -2.521  1.00 23.72 ? 1085 ALA A O   1 
ATOM   860  C CB  . ALA A 1 107 ? -5.722  0.622   -1.600  1.00 22.10 ? 1085 ALA A CB  1 
ATOM   861  N N   . TYR A 1 108 ? -8.625  -0.182  -0.779  1.00 23.83 ? 1086 TYR A N   1 
ATOM   862  C CA  . TYR A 1 108 ? -9.560  -1.163  -0.239  1.00 24.44 ? 1086 TYR A CA  1 
ATOM   863  C C   . TYR A 1 108 ? -10.708 -1.428  -1.201  1.00 25.93 ? 1086 TYR A C   1 
ATOM   864  O O   . TYR A 1 108 ? -11.154 -2.573  -1.336  1.00 26.40 ? 1086 TYR A O   1 
ATOM   865  C CB  . TYR A 1 108 ? -10.098 -0.696  1.120   1.00 23.52 ? 1086 TYR A CB  1 
ATOM   866  C CG  . TYR A 1 108 ? -9.227  -1.111  2.281   1.00 24.99 ? 1086 TYR A CG  1 
ATOM   867  C CD1 . TYR A 1 108 ? -8.129  -0.348  2.664   1.00 26.09 ? 1086 TYR A CD1 1 
ATOM   868  C CD2 . TYR A 1 108 ? -9.501  -2.272  2.993   1.00 31.95 ? 1086 TYR A CD2 1 
ATOM   869  C CE1 . TYR A 1 108 ? -7.326  -0.734  3.728   1.00 26.90 ? 1086 TYR A CE1 1 
ATOM   870  C CE2 . TYR A 1 108 ? -8.715  -2.657  4.061   1.00 31.63 ? 1086 TYR A CE2 1 
ATOM   871  C CZ  . TYR A 1 108 ? -7.632  -1.889  4.425   1.00 32.55 ? 1086 TYR A CZ  1 
ATOM   872  O OH  . TYR A 1 108 ? -6.848  -2.282  5.488   1.00 33.16 ? 1086 TYR A OH  1 
ATOM   873  N N   . ALA A 1 109 ? -11.192 -0.389  -1.891  1.00 22.93 ? 1087 ALA A N   1 
ATOM   874  C CA  . ALA A 1 109 ? -12.335 -0.555  -2.787  1.00 24.76 ? 1087 ALA A CA  1 
ATOM   875  C C   . ALA A 1 109 ? -11.964 -1.362  -4.026  1.00 25.74 ? 1087 ALA A C   1 
ATOM   876  O O   . ALA A 1 109 ? -12.764 -2.176  -4.504  1.00 25.83 ? 1087 ALA A O   1 
ATOM   877  C CB  . ALA A 1 109 ? -12.891 0.810   -3.195  1.00 28.25 ? 1087 ALA A CB  1 
ATOM   878  N N   . ILE A 1 110 ? -10.772 -1.124  -4.582  1.00 22.65 ? 1088 ILE A N   1 
ATOM   879  C CA  . ILE A 1 110 ? -10.326 -1.915  -5.729  1.00 21.20 ? 1088 ILE A CA  1 
ATOM   880  C C   . ILE A 1 110 ? -10.223 -3.376  -5.339  1.00 23.91 ? 1088 ILE A C   1 
ATOM   881  O O   . ILE A 1 110 ? -10.656 -4.265  -6.082  1.00 23.91 ? 1088 ILE A O   1 
ATOM   882  C CB  . ILE A 1 110 ? -8.983  -1.381  -6.268  1.00 21.86 ? 1088 ILE A CB  1 
ATOM   883  C CG1 . ILE A 1 110 ? -9.181  -0.031  -6.955  1.00 26.21 ? 1088 ILE A CG1 1 
ATOM   884  C CG2 . ILE A 1 110 ? -8.370  -2.378  -7.271  1.00 22.53 ? 1088 ILE A CG2 1 
ATOM   885  C CD1 . ILE A 1 110 ? -7.881  0.654   -7.330  1.00 23.73 ? 1088 ILE A CD1 1 
ATOM   886  N N   . ILE A 1 111 ? -9.658  -3.644  -4.160  1.00 24.05 ? 1089 ILE A N   1 
ATOM   887  C CA  A ILE A 1 111 ? -9.496  -5.026  -3.732  0.70 23.44 ? 1089 ILE A CA  1 
ATOM   888  C CA  B ILE A 1 111 ? -9.494  -5.017  -3.678  0.30 23.45 ? 1089 ILE A CA  1 
ATOM   889  C C   . ILE A 1 111 ? -10.854 -5.675  -3.478  1.00 27.03 ? 1089 ILE A C   1 
ATOM   890  O O   . ILE A 1 111 ? -11.082 -6.823  -3.876  1.00 27.15 ? 1089 ILE A O   1 
ATOM   891  C CB  A ILE A 1 111 ? -8.567  -5.090  -2.504  0.70 27.83 ? 1089 ILE A CB  1 
ATOM   892  C CB  B ILE A 1 111 ? -8.681  -5.035  -2.366  0.30 27.76 ? 1089 ILE A CB  1 
ATOM   893  C CG1 A ILE A 1 111 ? -7.105  -5.088  -2.970  0.70 26.91 ? 1089 ILE A CG1 1 
ATOM   894  C CG1 B ILE A 1 111 ? -7.249  -4.506  -2.538  0.30 28.73 ? 1089 ILE A CG1 1 
ATOM   895  C CG2 A ILE A 1 111 ? -8.881  -6.315  -1.638  0.70 31.27 ? 1089 ILE A CG2 1 
ATOM   896  C CG2 B ILE A 1 111 ? -8.657  -6.441  -1.768  0.30 30.87 ? 1089 ILE A CG2 1 
ATOM   897  C CD1 A ILE A 1 111 ? -6.141  -4.415  -2.009  0.70 30.63 ? 1089 ILE A CD1 1 
ATOM   898  C CD1 B ILE A 1 111 ? -6.717  -4.457  -3.934  0.30 24.00 ? 1089 ILE A CD1 1 
ATOM   899  N N   . LYS A 1 112 ? -11.784 -4.954  -2.847  1.00 24.88 ? 1090 LYS A N   1 
ATOM   900  C CA  . LYS A 1 112 ? -13.109 -5.515  -2.596  1.00 27.39 ? 1090 LYS A CA  1 
ATOM   901  C C   . LYS A 1 112 ? -13.816 -5.899  -3.891  1.00 28.86 ? 1090 LYS A C   1 
ATOM   902  O O   . LYS A 1 112 ? -14.490 -6.938  -3.956  1.00 32.25 ? 1090 LYS A O   1 
ATOM   903  C CB  . LYS A 1 112 ? -13.963 -4.521  -1.808  1.00 33.03 ? 1090 LYS A CB  1 
ATOM   904  C CG  . LYS A 1 112 ? -15.308 -5.101  -1.369  1.00 41.17 ? 1090 LYS A CG  1 
ATOM   905  C CD  . LYS A 1 112 ? -16.164 -4.065  -0.655  1.00 47.64 ? 1090 LYS A CD  1 
ATOM   906  C CE  . LYS A 1 112 ? -17.456 -4.687  -0.129  1.00 51.57 ? 1090 LYS A CE  1 
ATOM   907  N NZ  . LYS A 1 112 ? -18.428 -3.643  0.290   1.00 61.87 ? 1090 LYS A NZ  1 
ATOM   908  N N   . GLU A 1 113 ? -13.677 -5.079  -4.929  1.00 26.25 ? 1091 GLU A N   1 
ATOM   909  C CA  . GLU A 1 113 ? -14.401 -5.302  -6.171  1.00 25.34 ? 1091 GLU A CA  1 
ATOM   910  C C   . GLU A 1 113 ? -13.708 -6.284  -7.102  1.00 29.88 ? 1091 GLU A C   1 
ATOM   911  O O   . GLU A 1 113 ? -14.388 -6.944  -7.901  1.00 33.36 ? 1091 GLU A O   1 
ATOM   912  C CB  . GLU A 1 113 ? -14.598 -3.977  -6.916  1.00 32.63 ? 1091 GLU A CB  1 
ATOM   913  N N   . GLU A 1 114 ? -12.376 -6.400  -7.034  1.00 22.81 ? 1092 GLU A N   1 
ATOM   914  C CA  . GLU A 1 114 ? -11.632 -7.108  -8.075  1.00 23.18 ? 1092 GLU A CA  1 
ATOM   915  C C   . GLU A 1 114 ? -10.856 -8.329  -7.599  1.00 28.16 ? 1092 GLU A C   1 
ATOM   916  O O   . GLU A 1 114 ? -10.441 -9.135  -8.442  1.00 32.03 ? 1092 GLU A O   1 
ATOM   917  C CB  . GLU A 1 114 ? -10.651 -6.156  -8.777  1.00 24.31 ? 1092 GLU A CB  1 
ATOM   918  C CG  . GLU A 1 114 ? -11.340 -4.944  -9.411  1.00 23.24 ? 1092 GLU A CG  1 
ATOM   919  C CD  . GLU A 1 114 ? -10.373 -3.963  -10.040 1.00 24.96 ? 1092 GLU A CD  1 
ATOM   920  O OE1 . GLU A 1 114 ? -9.246  -4.360  -10.410 1.00 25.75 ? 1092 GLU A OE1 1 
ATOM   921  O OE2 . GLU A 1 114 ? -10.748 -2.779  -10.167 1.00 25.88 ? 1092 GLU A OE2 1 
ATOM   922  N N   . LEU A 1 115 ? -10.632 -8.500  -6.308  1.00 27.39 ? 1093 LEU A N   1 
ATOM   923  C CA  . LEU A 1 115 ? -9.920  -9.680  -5.839  1.00 27.81 ? 1093 LEU A CA  1 
ATOM   924  C C   . LEU A 1 115 ? -10.923 -10.718 -5.355  1.00 27.49 ? 1093 LEU A C   1 
ATOM   925  O O   . LEU A 1 115 ? -11.773 -10.419 -4.514  1.00 30.97 ? 1093 LEU A O   1 
ATOM   926  C CB  . LEU A 1 115 ? -8.932  -9.339  -4.732  1.00 33.12 ? 1093 LEU A CB  1 
ATOM   927  C CG  . LEU A 1 115 ? -8.014  -10.564 -4.584  1.00 35.77 ? 1093 LEU A CG  1 
ATOM   928  C CD1 . LEU A 1 115 ? -7.031  -10.688 -5.755  1.00 39.24 ? 1093 LEU A CD1 1 
ATOM   929  C CD2 . LEU A 1 115 ? -7.305  -10.531 -3.277  1.00 42.41 ? 1093 LEU A CD2 1 
ATOM   930  N N   . ASP A 1 116 ? -10.824 -11.932 -5.894  1.00 27.14 ? 1094 ASP A N   1 
ATOM   931  C CA  . ASP A 1 116 ? -11.713 -13.008 -5.473  1.00 29.77 ? 1094 ASP A CA  1 
ATOM   932  C C   . ASP A 1 116 ? -11.390 -13.426 -4.045  1.00 26.81 ? 1094 ASP A C   1 
ATOM   933  O O   . ASP A 1 116 ? -10.225 -13.613 -3.684  1.00 27.14 ? 1094 ASP A O   1 
ATOM   934  C CB  . ASP A 1 116 ? -11.581 -14.197 -6.431  1.00 28.59 ? 1094 ASP A CB  1 
ATOM   935  C CG  . ASP A 1 116 ? -12.684 -15.226 -6.248  1.00 37.55 ? 1094 ASP A CG  1 
ATOM   936  O OD1 . ASP A 1 116 ? -12.812 -15.786 -5.145  1.00 41.01 ? 1094 ASP A OD1 1 
ATOM   937  O OD2 . ASP A 1 116 ? -13.427 -15.478 -7.216  1.00 43.21 ? 1094 ASP A OD2 1 
ATOM   938  N N   . GLU A 1 117 ? -12.437 -13.560 -3.226  1.00 27.79 ? 1095 GLU A N   1 
ATOM   939  C CA  . GLU A 1 117 ? -12.246 -13.951 -1.832  1.00 29.05 ? 1095 GLU A CA  1 
ATOM   940  C C   . GLU A 1 117 ? -11.557 -15.309 -1.720  1.00 24.58 ? 1095 GLU A C   1 
ATOM   941  O O   . GLU A 1 117 ? -10.768 -15.532 -0.795  1.00 26.36 ? 1095 GLU A O   1 
ATOM   942  C CB  . GLU A 1 117 ? -13.595 -13.976 -1.105  1.00 33.07 ? 1095 GLU A CB  1 
ATOM   943  N N   . ASP A 1 118 ? -11.831 -16.218 -2.660  1.00 26.48 ? 1096 ASP A N   1 
ATOM   944  C CA  . ASP A 1 118 ? -11.189 -17.528 -2.622  1.00 29.01 ? 1096 ASP A CA  1 
ATOM   945  C C   . ASP A 1 118 ? -9.724  -17.448 -3.018  1.00 28.60 ? 1096 ASP A C   1 
ATOM   946  O O   . ASP A 1 118 ? -8.921  -18.288 -2.588  1.00 25.23 ? 1096 ASP A O   1 
ATOM   947  C CB  . ASP A 1 118 ? -11.926 -18.514 -3.531  1.00 25.70 ? 1096 ASP A CB  1 
ATOM   948  C CG  . ASP A 1 118 ? -13.287 -18.892 -2.988  1.00 35.02 ? 1096 ASP A CG  1 
ATOM   949  O OD1 . ASP A 1 118 ? -13.479 -18.776 -1.765  1.00 36.88 ? 1096 ASP A OD1 1 
ATOM   950  O OD2 . ASP A 1 118 ? -14.154 -19.292 -3.788  1.00 43.53 ? 1096 ASP A OD2 1 
ATOM   951  N N   . PHE A 1 119 ? -9.355  -16.460 -3.842  1.00 25.94 ? 1097 PHE A N   1 
ATOM   952  C CA  . PHE A 1 119 ? -7.943  -16.269 -4.135  1.00 23.87 ? 1097 PHE A CA  1 
ATOM   953  C C   . PHE A 1 119 ? -7.208  -15.732 -2.912  1.00 24.94 ? 1097 PHE A C   1 
ATOM   954  O O   . PHE A 1 119 ? -6.116  -16.211 -2.582  1.00 24.66 ? 1097 PHE A O   1 
ATOM   955  C CB  . PHE A 1 119 ? -7.754  -15.338 -5.338  1.00 23.53 ? 1097 PHE A CB  1 
ATOM   956  C CG  . PHE A 1 119 ? -6.313  -15.137 -5.694  1.00 24.32 ? 1097 PHE A CG  1 
ATOM   957  C CD1 . PHE A 1 119 ? -5.669  -16.034 -6.525  1.00 26.42 ? 1097 PHE A CD1 1 
ATOM   958  C CD2 . PHE A 1 119 ? -5.583  -14.099 -5.138  1.00 24.19 ? 1097 PHE A CD2 1 
ATOM   959  C CE1 . PHE A 1 119 ? -4.333  -15.880 -6.833  1.00 24.09 ? 1097 PHE A CE1 1 
ATOM   960  C CE2 . PHE A 1 119 ? -4.238  -13.933 -5.445  1.00 27.17 ? 1097 PHE A CE2 1 
ATOM   961  C CZ  . PHE A 1 119 ? -3.609  -14.820 -6.289  1.00 23.07 ? 1097 PHE A CZ  1 
ATOM   962  N N   . GLU A 1 120 ? -7.780  -14.745 -2.214  1.00 25.38 ? 1098 GLU A N   1 
ATOM   963  C CA  . GLU A 1 120 ? -7.097  -14.249 -1.020  1.00 26.23 ? 1098 GLU A CA  1 
ATOM   964  C C   . GLU A 1 120 ? -7.017  -15.334 0.045   1.00 26.73 ? 1098 GLU A C   1 
ATOM   965  O O   . GLU A 1 120 ? -6.001  -15.450 0.736   1.00 26.09 ? 1098 GLU A O   1 
ATOM   966  C CB  . GLU A 1 120 ? -7.780  -12.995 -0.467  1.00 33.81 ? 1098 GLU A CB  1 
ATOM   967  C CG  . GLU A 1 120 ? -7.371  -12.610 0.978   1.00 32.52 ? 1098 GLU A CG  1 
ATOM   968  C CD  . GLU A 1 120 ? -5.855  -12.337 1.240   1.00 44.21 ? 1098 GLU A CD  1 
ATOM   969  O OE1 . GLU A 1 120 ? -4.991  -12.583 0.376   1.00 42.39 ? 1098 GLU A OE1 1 
ATOM   970  O OE2 . GLU A 1 120 ? -5.521  -11.860 2.352   1.00 50.55 ? 1098 GLU A OE2 1 
ATOM   971  N N   . GLN A 1 121 ? -8.055  -16.177 0.147   1.00 26.34 ? 1099 GLN A N   1 
ATOM   972  C CA  . GLN A 1 121 ? -8.030  -17.252 1.138   1.00 28.88 ? 1099 GLN A CA  1 
ATOM   973  C C   . GLN A 1 121 ? -6.930  -18.266 0.837   1.00 26.38 ? 1099 GLN A C   1 
ATOM   974  O O   . GLN A 1 121 ? -6.246  -18.736 1.752   1.00 27.59 ? 1099 GLN A O   1 
ATOM   975  C CB  . GLN A 1 121 ? -9.391  -17.953 1.198   1.00 29.72 ? 1099 GLN A CB  1 
ATOM   976  C CG  . GLN A 1 121 ? -9.481  -19.019 2.307   1.00 29.16 ? 1099 GLN A CG  1 
ATOM   977  C CD  . GLN A 1 121 ? -9.284  -18.424 3.692   1.00 39.33 ? 1099 GLN A CD  1 
ATOM   978  O OE1 . GLN A 1 121 ? -9.703  -17.297 3.956   1.00 43.31 ? 1099 GLN A OE1 1 
ATOM   979  N NE2 . GLN A 1 121 ? -8.657  -19.183 4.588   1.00 34.63 ? 1099 GLN A NE2 1 
ATOM   980  N N   . LEU A 1 122 ? -6.745  -18.619 -0.436  1.00 24.14 ? 1100 LEU A N   1 
ATOM   981  C CA  . LEU A 1 122 ? -5.673  -19.545 -0.797  1.00 24.15 ? 1100 LEU A CA  1 
ATOM   982  C C   . LEU A 1 122 ? -4.307  -18.984 -0.415  1.00 29.71 ? 1100 LEU A C   1 
ATOM   983  O O   . LEU A 1 122 ? -3.463  -19.695 0.147   1.00 27.26 ? 1100 LEU A O   1 
ATOM   984  C CB  . LEU A 1 122 ? -5.729  -19.852 -2.295  1.00 24.06 ? 1100 LEU A CB  1 
ATOM   985  C CG  . LEU A 1 122 ? -4.601  -20.722 -2.865  1.00 24.33 ? 1100 LEU A CG  1 
ATOM   986  C CD1 . LEU A 1 122 ? -4.459  -22.041 -2.107  1.00 26.57 ? 1100 LEU A CD1 1 
ATOM   987  C CD2 . LEU A 1 122 ? -4.831  -20.985 -4.347  1.00 27.48 ? 1100 LEU A CD2 1 
ATOM   988  N N   . CYS A 1 123 ? -4.065  -17.701 -0.721  1.00 24.63 ? 1101 CYS A N   1 
ATOM   989  C CA  . CYS A 1 123 ? -2.794  -17.094 -0.340  1.00 24.18 ? 1101 CYS A CA  1 
ATOM   990  C C   . CYS A 1 123 ? -2.559  -17.214 1.160   1.00 25.20 ? 1101 CYS A C   1 
ATOM   991  O O   . CYS A 1 123 ? -1.448  -17.531 1.605   1.00 27.18 ? 1101 CYS A O   1 
ATOM   992  C CB  . CYS A 1 123 ? -2.770  -15.622 -0.766  1.00 22.77 ? 1101 CYS A CB  1 
ATOM   993  S SG  . CYS A 1 123 ? -2.682  -15.362 -2.531  1.00 24.79 ? 1101 CYS A SG  1 
ATOM   994  N N   . GLU A 1 124 ? -3.597  -16.961 1.954   1.00 27.02 ? 1102 GLU A N   1 
ATOM   995  C CA  . GLU A 1 124 ? -3.472  -17.032 3.403   1.00 31.06 ? 1102 GLU A CA  1 
ATOM   996  C C   . GLU A 1 124 ? -3.142  -18.449 3.859   1.00 35.77 ? 1102 GLU A C   1 
ATOM   997  O O   . GLU A 1 124 ? -2.319  -18.643 4.761   1.00 32.91 ? 1102 GLU A O   1 
ATOM   998  C CB  . GLU A 1 124 ? -4.771  -16.558 4.048   1.00 33.12 ? 1102 GLU A CB  1 
ATOM   999  C CG  . GLU A 1 124 ? -5.052  -15.075 3.851   1.00 40.11 ? 1102 GLU A CG  1 
ATOM   1000 C CD  . GLU A 1 124 ? -5.247  -14.344 5.166   1.00 59.15 ? 1102 GLU A CD  1 
ATOM   1001 O OE1 . GLU A 1 124 ? -6.207  -14.686 5.894   1.00 64.07 ? 1102 GLU A OE1 1 
ATOM   1002 O OE2 . GLU A 1 124 ? -4.440  -13.435 5.468   1.00 53.45 ? 1102 GLU A OE2 1 
ATOM   1003 N N   . GLU A 1 125 ? -3.771  -19.455 3.246   1.00 33.45 ? 1103 GLU A N   1 
ATOM   1004 C CA  . GLU A 1 125 ? -3.538  -20.821 3.710   1.00 32.52 ? 1103 GLU A CA  1 
ATOM   1005 C C   . GLU A 1 125 ? -2.168  -21.342 3.299   1.00 36.02 ? 1103 GLU A C   1 
ATOM   1006 O O   . GLU A 1 125 ? -1.591  -22.174 4.010   1.00 41.22 ? 1103 GLU A O   1 
ATOM   1007 C CB  . GLU A 1 125 ? -4.669  -21.735 3.226   1.00 31.44 ? 1103 GLU A CB  1 
ATOM   1008 C CG  . GLU A 1 125 ? -5.938  -21.486 4.029   1.00 33.64 ? 1103 GLU A CG  1 
ATOM   1009 C CD  . GLU A 1 125 ? -7.142  -22.313 3.601   1.00 31.43 ? 1103 GLU A CD  1 
ATOM   1010 O OE1 . GLU A 1 125 ? -6.987  -23.284 2.829   1.00 33.21 ? 1103 GLU A OE1 1 
ATOM   1011 O OE2 . GLU A 1 125 ? -8.256  -21.982 4.056   1.00 35.21 ? 1103 GLU A OE2 1 
ATOM   1012 N N   . ILE A 1 126 ? -1.620  -20.880 2.175   1.00 28.88 ? 1104 ILE A N   1 
ATOM   1013 C CA  . ILE A 1 126 ? -0.249  -21.245 1.842   1.00 29.11 ? 1104 ILE A CA  1 
ATOM   1014 C C   . ILE A 1 126 ? 0.712   -20.595 2.826   1.00 42.63 ? 1104 ILE A C   1 
ATOM   1015 O O   . ILE A 1 126 ? 1.618   -21.245 3.361   1.00 44.05 ? 1104 ILE A O   1 
ATOM   1016 C CB  . ILE A 1 126 ? 0.092   -20.841 0.399   1.00 29.27 ? 1104 ILE A CB  1 
ATOM   1017 C CG1 . ILE A 1 126 ? -0.867  -21.488 -0.598  1.00 27.67 ? 1104 ILE A CG1 1 
ATOM   1018 C CG2 . ILE A 1 126 ? 1.540   -21.204 0.079   1.00 36.00 ? 1104 ILE A CG2 1 
ATOM   1019 C CD1 . ILE A 1 126 ? -0.773  -20.900 -2.006  1.00 31.10 ? 1104 ILE A CD1 1 
ATOM   1020 N N   . GLN A 1 127 ? 0.520   -19.297 3.085   1.00 37.40 ? 1105 GLN A N   1 
ATOM   1021 C CA  . GLN A 1 127 ? 1.448   -18.568 3.946   1.00 46.21 ? 1105 GLN A CA  1 
ATOM   1022 C C   . GLN A 1 127 ? 1.452   -19.128 5.367   1.00 48.56 ? 1105 GLN A C   1 
ATOM   1023 O O   . GLN A 1 127 ? 2.513   -19.242 5.994   1.00 48.77 ? 1105 GLN A O   1 
ATOM   1024 C CB  . GLN A 1 127 ? 1.091   -17.083 3.946   1.00 37.47 ? 1105 GLN A CB  1 
ATOM   1025 C CG  . GLN A 1 127 ? 2.089   -16.206 4.646   1.00 49.47 ? 1105 GLN A CG  1 
ATOM   1026 C CD  . GLN A 1 127 ? 1.416   -15.295 5.641   1.00 53.79 ? 1105 GLN A CD  1 
ATOM   1027 O OE1 . GLN A 1 127 ? 0.785   -15.758 6.588   1.00 62.24 ? 1105 GLN A OE1 1 
ATOM   1028 N NE2 . GLN A 1 127 ? 1.521   -13.987 5.417   1.00 51.16 ? 1105 GLN A NE2 1 
ATOM   1029 N N   . GLU A 1 128 ? 0.277   -19.495 5.884   1.00 45.26 ? 1106 GLU A N   1 
ATOM   1030 C CA  . GLU A 1 128 ? 0.189   -20.045 7.232   1.00 50.46 ? 1106 GLU A CA  1 
ATOM   1031 C C   . GLU A 1 128 ? 0.873   -21.405 7.339   1.00 58.20 ? 1106 GLU A C   1 
ATOM   1032 O O   . GLU A 1 128 ? 1.320   -21.791 8.428   1.00 60.02 ? 1106 GLU A O   1 
ATOM   1033 C CB  . GLU A 1 128 ? -1.274  -20.165 7.643   1.00 46.93 ? 1106 GLU A CB  1 
ATOM   1034 C CG  . GLU A 1 128 ? -1.829  -18.927 8.317   1.00 60.10 ? 1106 GLU A CG  1 
ATOM   1035 C CD  . GLU A 1 128 ? -3.288  -18.699 7.982   1.00 59.34 ? 1106 GLU A CD  1 
ATOM   1036 O OE1 . GLU A 1 128 ? -4.019  -19.698 7.819   1.00 60.69 ? 1106 GLU A OE1 1 
ATOM   1037 O OE2 . GLU A 1 128 ? -3.704  -17.525 7.887   1.00 66.24 ? 1106 GLU A OE2 1 
ATOM   1038 N N   . SER A 1 129 ? 0.957   -22.149 6.232   1.00 57.05 ? 1107 SER A N   1 
ATOM   1039 C CA  . SER A 1 129 ? 1.620   -23.448 6.271   1.00 61.47 ? 1107 SER A CA  1 
ATOM   1040 C C   . SER A 1 129 ? 3.133   -23.299 6.386   1.00 64.32 ? 1107 SER A C   1 
ATOM   1041 O O   . SER A 1 129 ? 3.807   -24.192 6.913   1.00 73.60 ? 1107 SER A O   1 
ATOM   1042 C CB  . SER A 1 129 ? 1.267   -24.254 5.022   1.00 51.29 ? 1107 SER A CB  1 
ATOM   1043 O OG  . SER A 1 129 ? 2.067   -23.858 3.914   1.00 59.39 ? 1107 SER A OG  1 
ATOM   1044 N N   . ARG A 1 130 ? 3.682   -22.190 5.899   1.00 66.15 ? 1108 ARG A N   1 
ATOM   1045 C CA  . ARG A 1 130 ? 5.124   -21.957 5.953   1.00 68.81 ? 1108 ARG A CA  1 
ATOM   1046 C C   . ARG A 1 130 ? 5.512   -21.450 7.343   1.00 75.70 ? 1108 ARG A C   1 
ATOM   1047 O O   . ARG A 1 130 ? 4.740   -20.744 7.997   1.00 72.71 ? 1108 ARG A O   1 
ATOM   1048 C CB  . ARG A 1 130 ? 5.552   -20.962 4.877   1.00 64.10 ? 1108 ARG A CB  1 
ATOM   1049 C CG  . ARG A 1 130 ? 4.898   -21.215 3.525   1.00 63.49 ? 1108 ARG A CG  1 
ATOM   1050 C CD  . ARG A 1 130 ? 5.552   -20.414 2.412   1.00 64.94 ? 1108 ARG A CD  1 
ATOM   1051 N NE  . ARG A 1 130 ? 5.617   -21.175 1.169   1.00 59.19 ? 1108 ARG A NE  1 
ATOM   1052 C CZ  . ARG A 1 130 ? 5.937   -20.650 -0.009  1.00 57.38 ? 1108 ARG A CZ  1 
ATOM   1053 N NH1 . ARG A 1 130 ? 5.947   -21.414 -1.092  1.00 59.31 ? 1108 ARG A NH1 1 
ATOM   1054 N NH2 . ARG A 1 130 ? 6.262   -19.365 -0.107  1.00 61.22 ? 1108 ARG A NH2 1 
ATOM   1055 O OXT . ARG A 1 130 ? 6.602   -21.732 7.839   1.00 83.70 ? 1108 ARG A OXT 1 
HETATM 1056 S S   . SO4 B 2 .   ? -11.435 25.181  12.549  1.00 32.19 ? 1201 SO4 A S   1 
HETATM 1057 O O1  . SO4 B 2 .   ? -11.811 25.226  11.135  1.00 39.71 ? 1201 SO4 A O1  1 
HETATM 1058 O O2  . SO4 B 2 .   ? -12.353 24.328  13.295  1.00 29.83 ? 1201 SO4 A O2  1 
HETATM 1059 O O3  . SO4 B 2 .   ? -11.497 26.543  13.077  1.00 35.10 ? 1201 SO4 A O3  1 
HETATM 1060 O O4  . SO4 B 2 .   ? -10.082 24.657  12.629  1.00 33.92 ? 1201 SO4 A O4  1 
HETATM 1061 S S   . SO4 C 2 .   ? -0.154  19.907  -4.585  1.00 63.44 ? 1202 SO4 A S   1 
HETATM 1062 O O1  . SO4 C 2 .   ? -1.530  19.871  -5.076  1.00 50.92 ? 1202 SO4 A O1  1 
HETATM 1063 O O2  . SO4 C 2 .   ? 0.733   19.356  -5.610  1.00 66.33 ? 1202 SO4 A O2  1 
HETATM 1064 O O3  . SO4 C 2 .   ? -0.030  19.119  -3.362  1.00 58.51 ? 1202 SO4 A O3  1 
HETATM 1065 O O4  . SO4 C 2 .   ? 0.228   21.291  -4.296  1.00 72.10 ? 1202 SO4 A O4  1 
HETATM 1066 N N   . G6E D 3 .   ? 3.158   11.188  -10.026 1.00 50.59 ? 1203 G6E A N   1 
HETATM 1067 C CA  . G6E D 3 .   ? 2.823   10.944  -11.436 1.00 50.72 ? 1203 G6E A CA  1 
HETATM 1068 C C   . G6E D 3 .   ? 2.973   9.450   -11.726 1.00 42.48 ? 1203 G6E A C   1 
HETATM 1069 O O   . G6E D 3 .   ? 2.395   8.947   -12.690 1.00 45.15 ? 1203 G6E A O   1 
HETATM 1070 C CB  . G6E D 3 .   ? 1.388   11.383  -11.738 1.00 42.98 ? 1203 G6E A CB  1 
HETATM 1071 C CAA . G6E D 3 .   ? 6.778   3.942   -9.757  1.00 47.93 ? 1203 G6E A CAA 1 
HETATM 1072 C CAG . G6E D 3 .   ? 4.073   1.113   -12.517 1.00 44.29 ? 1203 G6E A CAG 1 
HETATM 1073 C CAH . G6E D 3 .   ? 3.832   2.760   -10.763 1.00 38.84 ? 1203 G6E A CAH 1 
HETATM 1074 C CAI . G6E D 3 .   ? 4.493   3.457   -12.958 1.00 43.33 ? 1203 G6E A CAI 1 
HETATM 1075 C CAN . G6E D 3 .   ? 5.727   4.936   -9.245  1.00 46.12 ? 1203 G6E A CAN 1 
HETATM 1076 C CAP . G6E D 3 .   ? 4.432   2.133   -13.395 1.00 45.05 ? 1203 G6E A CAP 1 
HETATM 1077 C CAQ . G6E D 3 .   ? 4.203   3.784   -11.636 1.00 37.73 ? 1203 G6E A CAQ 1 
HETATM 1078 C CAR . G6E D 3 .   ? 4.004   7.493   -10.888 1.00 41.48 ? 1203 G6E A CAR 1 
HETATM 1079 C CAS . G6E D 3 .   ? 4.946   5.567   -10.142 1.00 40.66 ? 1203 G6E A CAS 1 
HETATM 1080 C CAT . G6E D 3 .   ? 4.270   5.058   -11.204 1.00 39.83 ? 1203 G6E A CAT 1 
HETATM 1081 N NAC . G6E D 3 .   ? 4.710   1.834   -14.663 1.00 48.74 ? 1203 G6E A NAC 1 
HETATM 1082 N NAJ . G6E D 3 .   ? 3.771   1.424   -11.189 1.00 36.16 ? 1203 G6E A NAJ 1 
HETATM 1083 N NAK . G6E D 3 .   ? 4.784   6.897   -9.980  1.00 39.37 ? 1203 G6E A NAK 1 
HETATM 1084 N NAL . G6E D 3 .   ? 3.757   8.811   -10.838 1.00 46.53 ? 1203 G6E A NAL 1 
HETATM 1085 O OAE . G6E D 3 .   ? 5.694   5.245   -8.051  1.00 47.89 ? 1203 G6E A OAE 1 
HETATM 1086 S SAM . G6E D 3 .   ? 3.461   6.357   -11.961 1.00 45.05 ? 1203 G6E A SAM 1 
HETATM 1087 N N   . G6E E 3 .   ? 1.185   19.665  5.827   1.00 49.64 ? 1204 G6E A N   1 
HETATM 1088 C CA  . G6E E 3 .   ? 2.306   20.355  5.183   1.00 55.60 ? 1204 G6E A CA  1 
HETATM 1089 C C   . G6E E 3 .   ? 3.063   19.373  4.290   1.00 61.67 ? 1204 G6E A C   1 
HETATM 1090 O O   . G6E E 3 .   ? 3.748   19.816  3.369   1.00 65.02 ? 1204 G6E A O   1 
HETATM 1091 C CB  . G6E E 3 .   ? 1.798   21.525  4.334   1.00 50.22 ? 1204 G6E A CB  1 
HETATM 1092 C CAA . G6E E 3 .   ? 4.902   12.600  3.111   1.00 56.81 ? 1204 G6E A CAA 1 
HETATM 1093 C CAN . G6E E 3 .   ? 3.852   13.588  3.650   1.00 53.92 ? 1204 G6E A CAN 1 
HETATM 1094 C CAQ . G6E E 3 .   ? 5.428   15.108  1.457   1.00 54.13 ? 1204 G6E A CAQ 1 
HETATM 1095 C CAR . G6E E 3 .   ? 3.457   17.052  3.943   1.00 57.18 ? 1204 G6E A CAR 1 
HETATM 1096 C CAS . G6E E 3 .   ? 3.967   14.908  3.413   1.00 54.42 ? 1204 G6E A CAS 1 
HETATM 1097 C CAT . G6E E 3 .   ? 4.656   15.564  2.449   1.00 47.80 ? 1204 G6E A CAT 1 
HETATM 1098 N NAK . G6E E 3 .   ? 3.296   15.752  4.234   1.00 54.96 ? 1204 G6E A NAK 1 
HETATM 1099 N NAL . G6E E 3 .   ? 2.886   18.064  4.621   1.00 54.80 ? 1204 G6E A NAL 1 
HETATM 1100 O OAE . G6E E 3 .   ? 2.933   13.173  4.357   1.00 55.69 ? 1204 G6E A OAE 1 
HETATM 1101 S SAM . G6E E 3 .   ? 4.419   17.140  2.657   1.00 60.00 ? 1204 G6E A SAM 1 
HETATM 1102 N N   . G6E F 3 .   ? -3.661  -27.081 -9.864  1.00 57.52 ? 1205 G6E A N   1 
HETATM 1103 C CA  . G6E F 3 .   ? -2.954  -28.118 -10.644 1.00 60.08 ? 1205 G6E A CA  1 
HETATM 1104 C C   . G6E F 3 .   ? -3.630  -29.507 -10.479 1.00 59.83 ? 1205 G6E A C   1 
HETATM 1105 O O   . G6E F 3 .   ? -4.068  -30.062 -11.484 1.00 69.50 ? 1205 G6E A O   1 
HETATM 1106 C CB  . G6E F 3 .   ? -2.918  -27.714 -12.117 1.00 49.20 ? 1205 G6E A CB  1 
HETATM 1107 C CAA . G6E F 3 .   ? -2.778  -25.787 -5.232  1.00 41.78 ? 1205 G6E A CAA 1 
HETATM 1108 C CAG . G6E F 3 .   ? 0.202   -28.066 -2.686  1.00 44.64 ? 1205 G6E A CAG 1 
HETATM 1109 C CAH . G6E F 3 .   ? -0.094  -28.083 -5.089  1.00 44.00 ? 1205 G6E A CAH 1 
HETATM 1110 C CAI . G6E F 3 .   ? -1.925  -28.671 -3.658  1.00 35.90 ? 1205 G6E A CAI 1 
HETATM 1111 C CAN . G6E F 3 .   ? -3.411  -26.558 -6.378  1.00 48.27 ? 1205 G6E A CAN 1 
HETATM 1112 C CAP . G6E F 3 .   ? -1.121  -28.470 -2.529  1.00 38.12 ? 1205 G6E A CAP 1 
HETATM 1113 C CAQ . G6E F 3 .   ? -1.417  -28.493 -4.946  1.00 39.78 ? 1205 G6E A CAQ 1 
HETATM 1114 C CAR . G6E F 3 .   ? -3.219  -29.485 -8.156  1.00 50.60 ? 1205 G6E A CAR 1 
HETATM 1115 C CAS . G6E F 3 .   ? -3.010  -27.801 -6.669  1.00 49.43 ? 1205 G6E A CAS 1 
HETATM 1116 C CAT . G6E F 3 .   ? -2.156  -28.665 -6.059  1.00 45.75 ? 1205 G6E A CAT 1 
HETATM 1117 N NAC . G6E F 3 .   ? -1.612  -28.649 -1.293  1.00 34.33 ? 1205 G6E A NAC 1 
HETATM 1118 N NAJ . G6E F 3 .   ? 0.715   -27.867 -3.970  1.00 42.12 ? 1205 G6E A NAJ 1 
HETATM 1119 N NAK . G6E F 3 .   ? -3.583  -28.267 -7.783  1.00 45.41 ? 1205 G6E A NAK 1 
HETATM 1120 N NAL . G6E F 3 .   ? -3.691  -30.097 -9.245  1.00 52.24 ? 1205 G6E A NAL 1 
HETATM 1121 O OAE . G6E F 3 .   ? -4.241  -26.005 -7.102  1.00 51.43 ? 1205 G6E A OAE 1 
HETATM 1122 S SAM . G6E F 3 .   ? -2.132  -30.090 -7.044  1.00 48.30 ? 1205 G6E A SAM 1 
HETATM 1123 O O   . HOH G 4 .   ? 0.426   -12.588 6.632   1.00 61.98 ? 1301 HOH A O   1 
HETATM 1124 O O   . HOH G 4 .   ? -4.615  -21.839 7.335   1.00 53.55 ? 1302 HOH A O   1 
HETATM 1125 O O   . HOH G 4 .   ? 2.017   5.582   11.217  1.00 35.85 ? 1303 HOH A O   1 
HETATM 1126 O O   . HOH G 4 .   ? -2.899  25.322  13.167  1.00 54.05 ? 1304 HOH A O   1 
HETATM 1127 O O   . HOH G 4 .   ? 6.512   -20.647 -3.288  1.00 57.79 ? 1305 HOH A O   1 
HETATM 1128 O O   . HOH G 4 .   ? -3.910  -3.086  7.794   1.00 40.17 ? 1306 HOH A O   1 
HETATM 1129 O O   . HOH G 4 .   ? -12.626 -1.331  -9.509  1.00 43.40 ? 1307 HOH A O   1 
HETATM 1130 O O   . HOH G 4 .   ? 9.195   5.957   2.310   1.00 40.71 ? 1308 HOH A O   1 
HETATM 1131 O O   . HOH G 4 .   ? 1.543   -24.975 1.772   1.00 44.97 ? 1309 HOH A O   1 
HETATM 1132 O O   . HOH G 4 .   ? 5.320   3.196   12.723  1.00 54.24 ? 1310 HOH A O   1 
HETATM 1133 O O   . HOH G 4 .   ? 4.493   -24.673 0.734   1.00 56.22 ? 1311 HOH A O   1 
HETATM 1134 O O   . HOH G 4 .   ? 5.502   7.736   5.161   1.00 37.81 ? 1312 HOH A O   1 
HETATM 1135 O O   . HOH G 4 .   ? 3.600   11.001  5.550   1.00 43.87 ? 1313 HOH A O   1 
HETATM 1136 O O   . HOH G 4 .   ? -4.236  13.511  12.416  1.00 41.53 ? 1314 HOH A O   1 
HETATM 1137 O O   . HOH G 4 .   ? 0.593   10.376  -8.587  1.00 37.15 ? 1315 HOH A O   1 
HETATM 1138 O O   . HOH G 4 .   ? -0.832  -22.244 -12.047 1.00 59.84 ? 1316 HOH A O   1 
HETATM 1139 O O   . HOH G 4 .   ? 1.280   -24.639 -11.675 1.00 57.02 ? 1317 HOH A O   1 
HETATM 1140 O O   . HOH G 4 .   ? -7.488  -16.029 -9.895  1.00 31.43 ? 1318 HOH A O   1 
HETATM 1141 O O   . HOH G 4 .   ? 3.040   -13.048 -3.361  1.00 36.43 ? 1319 HOH A O   1 
HETATM 1142 O O   . HOH G 4 .   ? -2.693  -24.851 -10.883 1.00 58.57 ? 1320 HOH A O   1 
HETATM 1143 O O   . HOH G 4 .   ? -0.564  16.123  -7.959  1.00 43.70 ? 1321 HOH A O   1 
HETATM 1144 O O   . HOH G 4 .   ? 8.889   20.571  11.141  1.00 61.56 ? 1322 HOH A O   1 
HETATM 1145 O O   . HOH G 4 .   ? 11.502  -3.262  -7.904  1.00 44.07 ? 1323 HOH A O   1 
HETATM 1146 O O   . HOH G 4 .   ? 6.097   -2.554  6.594   1.00 43.36 ? 1324 HOH A O   1 
HETATM 1147 O O   . HOH G 4 .   ? -2.435  -23.341 6.246   1.00 49.38 ? 1325 HOH A O   1 
HETATM 1148 O O   . HOH G 4 .   ? 0.449   16.722  -5.339  1.00 45.91 ? 1326 HOH A O   1 
HETATM 1149 O O   . HOH G 4 .   ? -5.120  -5.707  -10.515 1.00 37.15 ? 1327 HOH A O   1 
HETATM 1150 O O   . HOH G 4 .   ? -1.205  28.309  11.477  1.00 54.48 ? 1328 HOH A O   1 
HETATM 1151 O O   . HOH G 4 .   ? 5.079   -18.701 -11.529 1.00 48.74 ? 1329 HOH A O   1 
HETATM 1152 O O   . HOH G 4 .   ? -9.070  -22.319 6.596   1.00 43.69 ? 1330 HOH A O   1 
HETATM 1153 O O   . HOH G 4 .   ? 0.195   13.535  15.328  1.00 42.17 ? 1331 HOH A O   1 
HETATM 1154 O O   . HOH G 4 .   ? 3.088   -1.005  -9.716  1.00 34.36 ? 1332 HOH A O   1 
HETATM 1155 O O   . HOH G 4 .   ? -7.028  22.104  2.535   1.00 32.47 ? 1333 HOH A O   1 
HETATM 1156 O O   . HOH G 4 .   ? -0.176  -0.544  9.057   1.00 33.07 ? 1334 HOH A O   1 
HETATM 1157 O O   . HOH G 4 .   ? 4.120   8.332   1.691   1.00 26.85 ? 1335 HOH A O   1 
HETATM 1158 O O   . HOH G 4 .   ? -14.276 -9.544  -5.191  1.00 44.74 ? 1336 HOH A O   1 
HETATM 1159 O O   . HOH G 4 .   ? 5.129   -8.087  4.310   1.00 47.37 ? 1337 HOH A O   1 
HETATM 1160 O O   . HOH G 4 .   ? 10.160  1.794   6.461   1.00 46.11 ? 1338 HOH A O   1 
HETATM 1161 O O   . HOH G 4 .   ? 3.009   -17.618 -13.478 0.50 37.11 ? 1339 HOH A O   1 
HETATM 1162 O O   . HOH G 4 .   ? -5.966  -12.534 -8.842  1.00 37.76 ? 1340 HOH A O   1 
HETATM 1163 O O   . HOH G 4 .   ? -12.868 -18.299 0.872   1.00 46.34 ? 1341 HOH A O   1 
HETATM 1164 O O   . HOH G 4 .   ? -6.554  19.515  13.693  1.00 43.80 ? 1342 HOH A O   1 
HETATM 1165 O O   . HOH G 4 .   ? -5.761  5.484   -11.731 1.00 37.65 ? 1343 HOH A O   1 
HETATM 1166 O O   . HOH G 4 .   ? -17.082 -7.518  -7.982  1.00 48.66 ? 1344 HOH A O   1 
HETATM 1167 O O   . HOH G 4 .   ? -14.554 -18.031 -6.211  1.00 45.53 ? 1345 HOH A O   1 
HETATM 1168 O O   . HOH G 4 .   ? 11.641  -9.609  -8.680  1.00 37.34 ? 1346 HOH A O   1 
HETATM 1169 O O   . HOH G 4 .   ? -2.817  -7.001  9.247   1.00 56.15 ? 1347 HOH A O   1 
HETATM 1170 O O   . HOH G 4 .   ? 10.258  -13.836 -8.997  1.00 48.51 ? 1348 HOH A O   1 
HETATM 1171 O O   . HOH G 4 .   ? 6.171   -17.033 -6.933  1.00 34.32 ? 1349 HOH A O   1 
HETATM 1172 O O   . HOH G 4 .   ? -12.937 1.575   0.645   1.00 30.43 ? 1350 HOH A O   1 
HETATM 1173 O O   . HOH G 4 .   ? -4.580  -18.889 -9.680  1.00 46.68 ? 1351 HOH A O   1 
HETATM 1174 O O   . HOH G 4 .   ? 7.722   -3.685  -10.747 1.00 40.29 ? 1352 HOH A O   1 
HETATM 1175 O O   . HOH G 4 .   ? -7.387  12.270  -9.770  1.00 52.70 ? 1353 HOH A O   1 
HETATM 1176 O O   . HOH G 4 .   ? -11.131 -4.506  0.686   1.00 36.54 ? 1354 HOH A O   1 
HETATM 1177 O O   . HOH G 4 .   ? -10.379 12.883  -3.522  1.00 35.06 ? 1355 HOH A O   1 
HETATM 1178 O O   . HOH G 4 .   ? 0.782   -31.303 -10.106 1.00 57.47 ? 1356 HOH A O   1 
HETATM 1179 O O   . HOH G 4 .   ? -10.683 6.945   -6.055  1.00 45.23 ? 1357 HOH A O   1 
HETATM 1180 O O   . HOH G 4 .   ? -8.137  14.045  -2.223  1.00 30.58 ? 1358 HOH A O   1 
HETATM 1181 O O   . HOH G 4 .   ? -9.608  1.931   -10.806 1.00 43.01 ? 1359 HOH A O   1 
HETATM 1182 O O   . HOH G 4 .   ? 0.844   -6.106  -13.062 1.00 23.92 ? 1360 HOH A O   1 
HETATM 1183 O O   . HOH G 4 .   ? 9.125   -10.767 -8.633  1.00 37.88 ? 1361 HOH A O   1 
HETATM 1184 O O   . HOH G 4 .   ? -3.863  -5.492  6.671   1.00 35.34 ? 1362 HOH A O   1 
HETATM 1185 O O   . HOH G 4 .   ? -0.496  14.493  -4.088  1.00 30.22 ? 1363 HOH A O   1 
HETATM 1186 O O   . HOH G 4 .   ? -0.846  1.767   10.210  1.00 35.86 ? 1364 HOH A O   1 
HETATM 1187 O O   . HOH G 4 .   ? 6.960   -6.520  5.281   1.00 61.15 ? 1365 HOH A O   1 
HETATM 1188 O O   . HOH G 4 .   ? -1.940  -12.212 6.213   1.00 44.09 ? 1366 HOH A O   1 
HETATM 1189 O O   . HOH G 4 .   ? -5.009  27.653  9.402   1.00 33.75 ? 1367 HOH A O   1 
HETATM 1190 O O   . HOH G 4 .   ? -10.601 -9.067  -11.278 1.00 40.21 ? 1368 HOH A O   1 
HETATM 1191 O O   . HOH G 4 .   ? 5.934   10.076  0.823   1.00 41.58 ? 1369 HOH A O   1 
HETATM 1192 O O   . HOH G 4 .   ? 3.453   -5.919  5.321   1.00 42.67 ? 1370 HOH A O   1 
HETATM 1193 O O   . HOH G 4 .   ? 5.679   5.226   11.357  1.00 38.64 ? 1371 HOH A O   1 
HETATM 1194 O O   . HOH G 4 .   ? -4.898  11.899  -12.139 1.00 42.49 ? 1372 HOH A O   1 
HETATM 1195 O O   . HOH G 4 .   ? -6.586  5.813   -8.307  1.00 35.29 ? 1373 HOH A O   1 
HETATM 1196 O O   . HOH G 4 .   ? -8.547  -9.197  -10.622 1.00 36.16 ? 1374 HOH A O   1 
HETATM 1197 O O   . HOH G 4 .   ? 2.877   8.762   4.295   1.00 31.40 ? 1375 HOH A O   1 
HETATM 1198 O O   . HOH G 4 .   ? -6.542  -14.129 -13.097 1.00 25.37 ? 1376 HOH A O   1 
HETATM 1199 O O   . HOH G 4 .   ? -11.948 -9.078  -1.950  1.00 42.50 ? 1377 HOH A O   1 
HETATM 1200 O O   . HOH G 4 .   ? 0.041   20.024  1.794   1.00 49.80 ? 1378 HOH A O   1 
HETATM 1201 O O   . HOH G 4 .   ? -5.704  15.443  13.280  1.00 53.83 ? 1379 HOH A O   1 
HETATM 1202 O O   . HOH G 4 .   ? -8.995  -14.507 3.392   1.00 45.47 ? 1380 HOH A O   1 
HETATM 1203 O O   . HOH G 4 .   ? -8.049  24.286  6.542   1.00 30.82 ? 1381 HOH A O   1 
HETATM 1204 O O   . HOH G 4 .   ? -1.299  25.288  5.318   1.00 41.44 ? 1382 HOH A O   1 
HETATM 1205 O O   . HOH G 4 .   ? 0.929   22.654  9.852   1.00 54.71 ? 1383 HOH A O   1 
HETATM 1206 O O   . HOH G 4 .   ? -15.625 -1.692  -3.940  1.00 40.64 ? 1384 HOH A O   1 
HETATM 1207 O O   . HOH G 4 .   ? 5.311   -9.681  -2.916  1.00 23.16 ? 1385 HOH A O   1 
HETATM 1208 O O   . HOH G 4 .   ? 12.737  -11.424 -5.454  1.00 42.30 ? 1386 HOH A O   1 
HETATM 1209 O O   . HOH G 4 .   ? -11.049 -14.037 1.758   1.00 43.36 ? 1387 HOH A O   1 
HETATM 1210 O O   . HOH G 4 .   ? 5.459   -12.936 -3.329  1.00 25.96 ? 1388 HOH A O   1 
HETATM 1211 O O   . HOH G 4 .   ? -8.889  22.760  4.607   1.00 35.07 ? 1389 HOH A O   1 
HETATM 1212 O O   . HOH G 4 .   ? -15.196 -12.838 -4.228  1.00 44.59 ? 1390 HOH A O   1 
HETATM 1213 O O   . HOH G 4 .   ? -12.205 9.245   -3.802  1.00 42.64 ? 1391 HOH A O   1 
HETATM 1214 O O   . HOH G 4 .   ? -4.654  3.719   8.078   1.00 38.72 ? 1392 HOH A O   1 
HETATM 1215 O O   . HOH G 4 .   ? -4.378  22.934  14.595  1.00 37.42 ? 1393 HOH A O   1 
HETATM 1216 O O   . HOH G 4 .   ? -12.609 -14.788 -10.078 1.00 49.58 ? 1394 HOH A O   1 
HETATM 1217 O O   . HOH G 4 .   ? -8.005  0.765   7.356   1.00 50.58 ? 1395 HOH A O   1 
HETATM 1218 O O   . HOH G 4 .   ? -6.503  -5.281  5.977   1.00 39.75 ? 1396 HOH A O   1 
HETATM 1219 O O   . HOH G 4 .   ? 10.192  1.085   -7.062  1.00 43.81 ? 1397 HOH A O   1 
HETATM 1220 O O   . HOH G 4 .   ? -8.884  -12.539 -8.203  1.00 40.46 ? 1398 HOH A O   1 
HETATM 1221 O O   . HOH G 4 .   ? 12.850  -4.486  -5.475  1.00 38.53 ? 1399 HOH A O   1 
HETATM 1222 O O   . HOH G 4 .   ? 9.449   -2.532  5.093   1.00 39.65 ? 1400 HOH A O   1 
HETATM 1223 O O   . HOH G 4 .   ? -10.391 22.465  10.433  1.00 51.08 ? 1401 HOH A O   1 
HETATM 1224 O O   . HOH G 4 .   ? 5.784   -28.775 -8.136  1.00 58.85 ? 1402 HOH A O   1 
HETATM 1225 O O   . HOH G 4 .   ? -8.138  2.719   -11.854 1.00 43.71 ? 1403 HOH A O   1 
HETATM 1226 O O   . HOH G 4 .   ? -12.152 -11.503 -9.579  1.00 47.25 ? 1404 HOH A O   1 
HETATM 1227 O O   . HOH G 4 .   ? 0.320   -28.011 1.125   1.00 42.48 ? 1405 HOH A O   1 
HETATM 1228 O O   . HOH G 4 .   ? -2.894  8.075   12.462  1.00 48.21 ? 1406 HOH A O   1 
HETATM 1229 O O   . HOH G 4 .   ? -11.627 7.221   -2.324  1.00 40.39 ? 1407 HOH A O   1 
HETATM 1230 O O   . HOH G 4 .   ? -11.498 2.425   -6.074  1.00 46.95 ? 1408 HOH A O   1 
HETATM 1231 O O   . HOH G 4 .   ? 12.195  2.123   8.643   1.00 43.60 ? 1409 HOH A O   1 
HETATM 1232 O O   . HOH G 4 .   ? 1.217   -3.395  -13.330 1.00 32.53 ? 1410 HOH A O   1 
HETATM 1233 O O   . HOH G 4 .   ? 6.720   -15.438 -2.848  1.00 36.66 ? 1411 HOH A O   1 
HETATM 1234 O O   . HOH G 4 .   ? 11.002  -0.908  -8.098  1.00 50.37 ? 1412 HOH A O   1 
HETATM 1235 O O   . HOH G 4 .   ? -5.227  5.931   9.145   1.00 45.52 ? 1413 HOH A O   1 
HETATM 1236 O O   . HOH G 4 .   ? -12.997 4.860   -2.785  1.00 47.26 ? 1414 HOH A O   1 
HETATM 1237 O O   . HOH G 4 .   ? 2.746   3.227   12.596  1.00 47.43 ? 1415 HOH A O   1 
HETATM 1238 O O   . HOH G 4 .   ? 13.822  -7.010  -6.848  1.00 42.80 ? 1416 HOH A O   1 
HETATM 1239 O O   . HOH G 4 .   ? -6.703  -22.253 8.293   1.00 51.11 ? 1417 HOH A O   1 
HETATM 1240 O O   . HOH G 4 .   ? -14.120 -0.827  0.408   1.00 40.41 ? 1418 HOH A O   1 
HETATM 1241 O O   . HOH G 4 .   ? -12.210 11.476  -2.291  1.00 43.13 ? 1419 HOH A O   1 
HETATM 1242 O O   . HOH G 4 .   ? -12.159 5.180   -6.244  1.00 55.88 ? 1420 HOH A O   1 
HETATM 1243 O O   . HOH G 4 .   ? 2.429   1.117   -18.143 1.00 53.11 ? 1421 HOH A O   1 
HETATM 1244 O O   . HOH G 4 .   ? -13.116 0.691   -6.994  1.00 43.56 ? 1422 HOH A O   1 
HETATM 1245 O O   . HOH G 4 .   ? -13.139 -16.348 2.523   1.00 49.49 ? 1423 HOH A O   1 
HETATM 1246 O O   . HOH G 4 .   ? 5.228   -2.129  -10.795 1.00 39.96 ? 1424 HOH A O   1 
HETATM 1247 O O   . HOH G 4 .   ? -11.957 -7.372  0.168   1.00 44.23 ? 1425 HOH A O   1 
HETATM 1248 O O   . HOH G 4 .   ? -2.801  17.717  -8.073  1.00 52.45 ? 1426 HOH A O   1 
HETATM 1249 O O   . HOH G 4 .   ? -14.655 3.490   -0.509  1.00 54.51 ? 1427 HOH A O   1 
HETATM 1250 O O   . HOH G 4 .   ? -13.144 -3.085  2.013   1.00 44.14 ? 1428 HOH A O   1 
HETATM 1251 O O   . HOH G 4 .   ? -2.609  -2.063  9.868   1.00 42.62 ? 1429 HOH A O   1 
HETATM 1252 O O   . HOH G 4 .   ? -9.724  5.747   -8.452  1.00 48.47 ? 1430 HOH A O   1 
HETATM 1253 O O   . HOH G 4 .   ? -4.453  -8.054  -11.861 1.00 30.05 ? 1431 HOH A O   1 
HETATM 1254 O O   . HOH G 4 .   ? 12.395  21.903  10.460  1.00 66.40 ? 1432 HOH A O   1 
HETATM 1255 O O   . HOH G 4 .   ? 13.605  20.545  11.580  0.50 59.77 ? 1433 HOH A O   1 
HETATM 1256 O O   . HOH G 4 .   ? -13.821 -0.553  -11.722 1.00 53.97 ? 1434 HOH A O   1 
HETATM 1257 O O   . HOH G 4 .   ? -3.896  1.932   10.535  1.00 49.78 ? 1435 HOH A O   1 
HETATM 1258 O O   . HOH G 4 .   ? -9.449  -14.191 -9.456  1.00 54.47 ? 1436 HOH A O   1 
HETATM 1259 O O   . HOH G 4 .   ? 6.913   -18.024 -10.741 1.00 52.29 ? 1437 HOH A O   1 
HETATM 1260 O O   . HOH G 4 .   ? -16.085 -0.545  -1.575  1.00 47.95 ? 1438 HOH A O   1 
HETATM 1261 O O   . HOH G 4 .   ? 1.626   -1.729  10.479  1.00 53.17 ? 1439 HOH A O   1 
HETATM 1262 O O   . HOH G 4 .   ? -13.172 4.095   -5.021  1.00 48.16 ? 1440 HOH A O   1 
HETATM 1263 O O   . HOH G 4 .   ? -0.823  -6.344  -15.163 1.00 35.25 ? 1441 HOH A O   1 
HETATM 1264 O O   . HOH G 4 .   ? 4.220   -2.553  -13.145 1.00 49.29 ? 1442 HOH A O   1 
HETATM 1265 O O   . HOH G 4 .   ? 7.228   -18.183 -4.418  1.00 56.81 ? 1443 HOH A O   1 
HETATM 1266 O O   . HOH G 4 .   ? -8.391  4.282   -9.060  1.00 46.53 ? 1444 HOH A O   1 
HETATM 1267 O O   . HOH G 4 .   ? -4.120  3.905   12.642  1.00 57.81 ? 1445 HOH A O   1 
HETATM 1268 O O   . HOH G 4 .   ? -10.976 3.035   -8.288  1.00 48.75 ? 1446 HOH A O   1 
HETATM 1269 O O   . HOH G 4 .   ? -16.260 2.202   -1.875  1.00 48.76 ? 1447 HOH A O   1 
HETATM 1270 O O   . HOH G 4 .   ? -15.763 2.693   -4.687  1.00 56.76 ? 1448 HOH A O   1 
HETATM 1271 O O   . HOH G 4 .   ? -12.869 -1.832  4.476   1.00 59.17 ? 1449 HOH A O   1 
# 
